data_7GAG
# 
_entry.id   7GAG 
# 
_audit_conform.dict_name       mmcif_pdbx.dic 
_audit_conform.dict_version    5.396 
_audit_conform.dict_location   http://mmcif.pdb.org/dictionaries/ascii/mmcif_pdbx.dic 
# 
loop_
_database_2.database_id 
_database_2.database_code 
_database_2.pdbx_database_accession 
_database_2.pdbx_DOI 
PDB   7GAG         pdb_00007gag 10.2210/pdb7gag/pdb 
WWPDB D_1001405937 ?            ?                   
# 
_pdbx_audit_revision_history.ordinal             1 
_pdbx_audit_revision_history.data_content_type   'Structure model' 
_pdbx_audit_revision_history.major_revision      1 
_pdbx_audit_revision_history.minor_revision      0 
_pdbx_audit_revision_history.revision_date       2024-09-04 
# 
_pdbx_audit_revision_details.ordinal             1 
_pdbx_audit_revision_details.revision_ordinal    1 
_pdbx_audit_revision_details.data_content_type   'Structure model' 
_pdbx_audit_revision_details.provider            repository 
_pdbx_audit_revision_details.type                'Initial release' 
_pdbx_audit_revision_details.description         ? 
_pdbx_audit_revision_details.details             ? 
# 
_pdbx_database_status.entry_id                        7GAG 
_pdbx_database_status.status_code                     REL 
_pdbx_database_status.status_code_sf                  REL 
_pdbx_database_status.status_code_mr                  ? 
_pdbx_database_status.status_code_cs                  ? 
_pdbx_database_status.recvd_initial_deposition_date   2023-08-10 
_pdbx_database_status.status_code_nmr_data            ? 
_pdbx_database_status.deposit_site                    RCSB 
_pdbx_database_status.process_site                    RCSB 
_pdbx_database_status.SG_entry                        ? 
_pdbx_database_status.pdb_format_compatible           Y 
_pdbx_database_status.methods_development_category    ? 
# 
_pdbx_contact_author.id                 1 
_pdbx_contact_author.email              knapp@pharmchem.uni-frankfurt.de 
_pdbx_contact_author.name_first         Stefan 
_pdbx_contact_author.name_last          Knapp 
_pdbx_contact_author.role               'principal investigator/group leader' 
_pdbx_contact_author.identifier_ORCID   0000-0001-5995-6494 
_pdbx_contact_author.name_mi            ? 
# 
loop_
_audit_author.name 
_audit_author.pdbx_ordinal 
_audit_author.identifier_ORCID 
'Kumar, A.'                            1 ? 
'Marples, P.G.'                        2 ? 
'Tomlinson, C.W.E.'                    3 ? 
'Fearon, D.'                           4 ? 
'von-Delft, F.'                        5 ? 
'Knapp, S.'                            6 ? 
'Structural Genomics Consortium (SGC)' 7 ? 
# 
_citation.id                        primary 
_citation.title                     'PanDDA analysis group deposition' 
_citation.journal_abbrev            'To Be Published' 
_citation.journal_volume            ? 
_citation.page_first                ? 
_citation.page_last                 ? 
_citation.year                      ? 
_citation.journal_id_ASTM           ? 
_citation.country                   ? 
_citation.journal_id_ISSN           ? 
_citation.journal_id_CSD            0353 
_citation.book_publisher            ? 
_citation.pdbx_database_id_PubMed   ? 
_citation.pdbx_database_id_DOI      ? 
# 
loop_
_citation_author.citation_id 
_citation_author.name 
_citation_author.identifier_ORCID 
_citation_author.ordinal 
primary 'Kumar, A.'                            ? 1 
primary 'Knapp, S.'                            ? 2 
primary 'Structural Genomics Consortium (SGC)' ? 3 
# 
loop_
_entity.id 
_entity.type 
_entity.src_method 
_entity.pdbx_description 
_entity.formula_weight 
_entity.pdbx_number_of_molecules 
_entity.pdbx_ec 
_entity.pdbx_mutation 
_entity.pdbx_fragment 
_entity.details 
1 polymer     man 'Microtubule-associated proteins 1A/1B light chain 3B' 14237.361 1  ? TruncationafterGly120 ? ? 
2 non-polymer syn 'N-[3-(carbamoylamino)phenyl]acetamide'                193.203   1  ? ?                     ? ? 
3 non-polymer syn 1,2-ETHANEDIOL                                         62.068    9  ? ?                     ? ? 
4 non-polymer syn 'CHLORIDE ION'                                         35.453    1  ? ?                     ? ? 
5 water       nat water                                                  18.015    92 ? ?                     ? ? 
# 
_entity_name_com.entity_id   1 
_entity_name_com.name        
;Autophagy-related protein LC3 B,Autophagy-related ubiquitin-like modifier LC3 B,MAP1 light chain 3-like protein 2,MAP1A/MAP1B light chain 3 B,MAP1A/MAP1B LC3 B,Microtubule-associated protein 1 light chain 3 beta
;
# 
_entity_poly.entity_id                      1 
_entity_poly.type                           'polypeptide(L)' 
_entity_poly.nstd_linkage                   no 
_entity_poly.nstd_monomer                   no 
_entity_poly.pdbx_seq_one_letter_code       
;SMPSEKTFKQRRTFEQRVEDVRLIREQHPTKIPVIIERYKGEKQLPVLDKTKFLVPDHVNMSELIKIIRRRLQLNANQAF
FLLVNGHSMVSVSTPISEVYESEKDEDGFLYMVYASQETFG
;
_entity_poly.pdbx_seq_one_letter_code_can   
;SMPSEKTFKQRRTFEQRVEDVRLIREQHPTKIPVIIERYKGEKQLPVLDKTKFLVPDHVNMSELIKIIRRRLQLNANQAF
FLLVNGHSMVSVSTPISEVYESEKDEDGFLYMVYASQETFG
;
_entity_poly.pdbx_strand_id                 A 
_entity_poly.pdbx_target_identifier         ? 
# 
loop_
_pdbx_entity_nonpoly.entity_id 
_pdbx_entity_nonpoly.name 
_pdbx_entity_nonpoly.comp_id 
2 'N-[3-(carbamoylamino)phenyl]acetamide' LJA 
3 1,2-ETHANEDIOL                          EDO 
4 'CHLORIDE ION'                          CL  
5 water                                   HOH 
# 
loop_
_entity_poly_seq.entity_id 
_entity_poly_seq.num 
_entity_poly_seq.mon_id 
_entity_poly_seq.hetero 
1 1   SER n 
1 2   MET n 
1 3   PRO n 
1 4   SER n 
1 5   GLU n 
1 6   LYS n 
1 7   THR n 
1 8   PHE n 
1 9   LYS n 
1 10  GLN n 
1 11  ARG n 
1 12  ARG n 
1 13  THR n 
1 14  PHE n 
1 15  GLU n 
1 16  GLN n 
1 17  ARG n 
1 18  VAL n 
1 19  GLU n 
1 20  ASP n 
1 21  VAL n 
1 22  ARG n 
1 23  LEU n 
1 24  ILE n 
1 25  ARG n 
1 26  GLU n 
1 27  GLN n 
1 28  HIS n 
1 29  PRO n 
1 30  THR n 
1 31  LYS n 
1 32  ILE n 
1 33  PRO n 
1 34  VAL n 
1 35  ILE n 
1 36  ILE n 
1 37  GLU n 
1 38  ARG n 
1 39  TYR n 
1 40  LYS n 
1 41  GLY n 
1 42  GLU n 
1 43  LYS n 
1 44  GLN n 
1 45  LEU n 
1 46  PRO n 
1 47  VAL n 
1 48  LEU n 
1 49  ASP n 
1 50  LYS n 
1 51  THR n 
1 52  LYS n 
1 53  PHE n 
1 54  LEU n 
1 55  VAL n 
1 56  PRO n 
1 57  ASP n 
1 58  HIS n 
1 59  VAL n 
1 60  ASN n 
1 61  MET n 
1 62  SER n 
1 63  GLU n 
1 64  LEU n 
1 65  ILE n 
1 66  LYS n 
1 67  ILE n 
1 68  ILE n 
1 69  ARG n 
1 70  ARG n 
1 71  ARG n 
1 72  LEU n 
1 73  GLN n 
1 74  LEU n 
1 75  ASN n 
1 76  ALA n 
1 77  ASN n 
1 78  GLN n 
1 79  ALA n 
1 80  PHE n 
1 81  PHE n 
1 82  LEU n 
1 83  LEU n 
1 84  VAL n 
1 85  ASN n 
1 86  GLY n 
1 87  HIS n 
1 88  SER n 
1 89  MET n 
1 90  VAL n 
1 91  SER n 
1 92  VAL n 
1 93  SER n 
1 94  THR n 
1 95  PRO n 
1 96  ILE n 
1 97  SER n 
1 98  GLU n 
1 99  VAL n 
1 100 TYR n 
1 101 GLU n 
1 102 SER n 
1 103 GLU n 
1 104 LYS n 
1 105 ASP n 
1 106 GLU n 
1 107 ASP n 
1 108 GLY n 
1 109 PHE n 
1 110 LEU n 
1 111 TYR n 
1 112 MET n 
1 113 VAL n 
1 114 TYR n 
1 115 ALA n 
1 116 SER n 
1 117 GLN n 
1 118 GLU n 
1 119 THR n 
1 120 PHE n 
1 121 GLY n 
# 
_entity_src_gen.entity_id                          1 
_entity_src_gen.pdbx_src_id                        1 
_entity_src_gen.pdbx_alt_source_flag               sample 
_entity_src_gen.pdbx_seq_type                      'Biological sequence' 
_entity_src_gen.pdbx_beg_seq_num                   1 
_entity_src_gen.pdbx_end_seq_num                   121 
_entity_src_gen.gene_src_common_name               human 
_entity_src_gen.gene_src_genus                     ? 
_entity_src_gen.pdbx_gene_src_gene                 'MAP1LC3B, MAP1ALC3' 
_entity_src_gen.gene_src_species                   ? 
_entity_src_gen.gene_src_strain                    ? 
_entity_src_gen.gene_src_tissue                    ? 
_entity_src_gen.gene_src_tissue_fraction           ? 
_entity_src_gen.gene_src_details                   ? 
_entity_src_gen.pdbx_gene_src_fragment             ? 
_entity_src_gen.pdbx_gene_src_scientific_name      'Homo sapiens' 
_entity_src_gen.pdbx_gene_src_ncbi_taxonomy_id     9606 
_entity_src_gen.pdbx_gene_src_variant              ? 
_entity_src_gen.pdbx_gene_src_cell_line            ? 
_entity_src_gen.pdbx_gene_src_atcc                 ? 
_entity_src_gen.pdbx_gene_src_organ                ? 
_entity_src_gen.pdbx_gene_src_organelle            ? 
_entity_src_gen.pdbx_gene_src_cell                 ? 
_entity_src_gen.pdbx_gene_src_cellular_location    ? 
_entity_src_gen.host_org_common_name               ? 
_entity_src_gen.pdbx_host_org_scientific_name      'Escherichia coli' 
_entity_src_gen.pdbx_host_org_ncbi_taxonomy_id     562 
_entity_src_gen.host_org_genus                     ? 
_entity_src_gen.pdbx_host_org_gene                 ? 
_entity_src_gen.pdbx_host_org_organ                ? 
_entity_src_gen.host_org_species                   ? 
_entity_src_gen.pdbx_host_org_tissue               ? 
_entity_src_gen.pdbx_host_org_tissue_fraction      ? 
_entity_src_gen.pdbx_host_org_strain               ? 
_entity_src_gen.pdbx_host_org_variant              ? 
_entity_src_gen.pdbx_host_org_cell_line            ? 
_entity_src_gen.pdbx_host_org_atcc                 ? 
_entity_src_gen.pdbx_host_org_culture_collection   ? 
_entity_src_gen.pdbx_host_org_cell                 ? 
_entity_src_gen.pdbx_host_org_organelle            ? 
_entity_src_gen.pdbx_host_org_cellular_location    ? 
_entity_src_gen.pdbx_host_org_vector_type          ? 
_entity_src_gen.pdbx_host_org_vector               ? 
_entity_src_gen.host_org_details                   ? 
_entity_src_gen.expression_system_id               ? 
_entity_src_gen.plasmid_name                       ? 
_entity_src_gen.plasmid_details                    ? 
_entity_src_gen.pdbx_description                   ? 
# 
loop_
_chem_comp.id 
_chem_comp.type 
_chem_comp.mon_nstd_flag 
_chem_comp.name 
_chem_comp.pdbx_synonyms 
_chem_comp.formula 
_chem_comp.formula_weight 
ALA 'L-peptide linking' y ALANINE                                 ?                 'C3 H7 N O2'     89.093  
ARG 'L-peptide linking' y ARGININE                                ?                 'C6 H15 N4 O2 1' 175.209 
ASN 'L-peptide linking' y ASPARAGINE                              ?                 'C4 H8 N2 O3'    132.118 
ASP 'L-peptide linking' y 'ASPARTIC ACID'                         ?                 'C4 H7 N O4'     133.103 
CL  non-polymer         . 'CHLORIDE ION'                          ?                 'Cl -1'          35.453  
EDO non-polymer         . 1,2-ETHANEDIOL                          'ETHYLENE GLYCOL' 'C2 H6 O2'       62.068  
GLN 'L-peptide linking' y GLUTAMINE                               ?                 'C5 H10 N2 O3'   146.144 
GLU 'L-peptide linking' y 'GLUTAMIC ACID'                         ?                 'C5 H9 N O4'     147.129 
GLY 'peptide linking'   y GLYCINE                                 ?                 'C2 H5 N O2'     75.067  
HIS 'L-peptide linking' y HISTIDINE                               ?                 'C6 H10 N3 O2 1' 156.162 
HOH non-polymer         . WATER                                   ?                 'H2 O'           18.015  
ILE 'L-peptide linking' y ISOLEUCINE                              ?                 'C6 H13 N O2'    131.173 
LEU 'L-peptide linking' y LEUCINE                                 ?                 'C6 H13 N O2'    131.173 
LJA non-polymer         . 'N-[3-(carbamoylamino)phenyl]acetamide' ?                 'C9 H11 N3 O2'   193.203 
LYS 'L-peptide linking' y LYSINE                                  ?                 'C6 H15 N2 O2 1' 147.195 
MET 'L-peptide linking' y METHIONINE                              ?                 'C5 H11 N O2 S'  149.211 
PHE 'L-peptide linking' y PHENYLALANINE                           ?                 'C9 H11 N O2'    165.189 
PRO 'L-peptide linking' y PROLINE                                 ?                 'C5 H9 N O2'     115.130 
SER 'L-peptide linking' y SERINE                                  ?                 'C3 H7 N O3'     105.093 
THR 'L-peptide linking' y THREONINE                               ?                 'C4 H9 N O3'     119.119 
TYR 'L-peptide linking' y TYROSINE                                ?                 'C9 H11 N O3'    181.189 
VAL 'L-peptide linking' y VALINE                                  ?                 'C5 H11 N O2'    117.146 
# 
loop_
_pdbx_poly_seq_scheme.asym_id 
_pdbx_poly_seq_scheme.entity_id 
_pdbx_poly_seq_scheme.seq_id 
_pdbx_poly_seq_scheme.mon_id 
_pdbx_poly_seq_scheme.ndb_seq_num 
_pdbx_poly_seq_scheme.pdb_seq_num 
_pdbx_poly_seq_scheme.auth_seq_num 
_pdbx_poly_seq_scheme.pdb_mon_id 
_pdbx_poly_seq_scheme.auth_mon_id 
_pdbx_poly_seq_scheme.pdb_strand_id 
_pdbx_poly_seq_scheme.pdb_ins_code 
_pdbx_poly_seq_scheme.hetero 
A 1 1   SER 1   0   ?   ?   ?   A . n 
A 1 2   MET 2   1   ?   ?   ?   A . n 
A 1 3   PRO 3   2   ?   ?   ?   A . n 
A 1 4   SER 4   3   ?   ?   ?   A . n 
A 1 5   GLU 5   4   ?   ?   ?   A . n 
A 1 6   LYS 6   5   5   LYS LYS A . n 
A 1 7   THR 7   6   6   THR THR A . n 
A 1 8   PHE 8   7   7   PHE PHE A . n 
A 1 9   LYS 9   8   8   LYS LYS A . n 
A 1 10  GLN 10  9   9   GLN GLN A . n 
A 1 11  ARG 11  10  10  ARG ARG A . n 
A 1 12  ARG 12  11  11  ARG ARG A . n 
A 1 13  THR 13  12  12  THR THR A . n 
A 1 14  PHE 14  13  13  PHE PHE A . n 
A 1 15  GLU 15  14  14  GLU GLU A . n 
A 1 16  GLN 16  15  15  GLN GLN A . n 
A 1 17  ARG 17  16  16  ARG ARG A . n 
A 1 18  VAL 18  17  17  VAL VAL A . n 
A 1 19  GLU 19  18  18  GLU GLU A . n 
A 1 20  ASP 20  19  19  ASP ASP A . n 
A 1 21  VAL 21  20  20  VAL VAL A . n 
A 1 22  ARG 22  21  21  ARG ARG A . n 
A 1 23  LEU 23  22  22  LEU LEU A . n 
A 1 24  ILE 24  23  23  ILE ILE A . n 
A 1 25  ARG 25  24  24  ARG ARG A . n 
A 1 26  GLU 26  25  25  GLU GLU A . n 
A 1 27  GLN 27  26  26  GLN GLN A . n 
A 1 28  HIS 28  27  27  HIS HIS A . n 
A 1 29  PRO 29  28  28  PRO PRO A . n 
A 1 30  THR 30  29  29  THR THR A . n 
A 1 31  LYS 31  30  30  LYS LYS A . n 
A 1 32  ILE 32  31  31  ILE ILE A . n 
A 1 33  PRO 33  32  32  PRO PRO A . n 
A 1 34  VAL 34  33  33  VAL VAL A . n 
A 1 35  ILE 35  34  34  ILE ILE A . n 
A 1 36  ILE 36  35  35  ILE ILE A . n 
A 1 37  GLU 37  36  36  GLU GLU A . n 
A 1 38  ARG 38  37  37  ARG ARG A . n 
A 1 39  TYR 39  38  38  TYR TYR A . n 
A 1 40  LYS 40  39  39  LYS LYS A . n 
A 1 41  GLY 41  40  40  GLY GLY A . n 
A 1 42  GLU 42  41  41  GLU GLU A . n 
A 1 43  LYS 43  42  42  LYS LYS A . n 
A 1 44  GLN 44  43  43  GLN GLN A . n 
A 1 45  LEU 45  44  44  LEU LEU A . n 
A 1 46  PRO 46  45  45  PRO PRO A . n 
A 1 47  VAL 47  46  46  VAL VAL A . n 
A 1 48  LEU 48  47  47  LEU LEU A . n 
A 1 49  ASP 49  48  48  ASP ASP A . n 
A 1 50  LYS 50  49  49  LYS LYS A . n 
A 1 51  THR 51  50  50  THR THR A . n 
A 1 52  LYS 52  51  51  LYS LYS A . n 
A 1 53  PHE 53  52  52  PHE PHE A . n 
A 1 54  LEU 54  53  53  LEU LEU A . n 
A 1 55  VAL 55  54  54  VAL VAL A . n 
A 1 56  PRO 56  55  55  PRO PRO A . n 
A 1 57  ASP 57  56  56  ASP ASP A . n 
A 1 58  HIS 58  57  57  HIS HIS A . n 
A 1 59  VAL 59  58  58  VAL VAL A . n 
A 1 60  ASN 60  59  59  ASN ASN A . n 
A 1 61  MET 61  60  60  MET MET A . n 
A 1 62  SER 62  61  61  SER SER A . n 
A 1 63  GLU 63  62  62  GLU GLU A . n 
A 1 64  LEU 64  63  63  LEU LEU A . n 
A 1 65  ILE 65  64  64  ILE ILE A . n 
A 1 66  LYS 66  65  65  LYS LYS A . n 
A 1 67  ILE 67  66  66  ILE ILE A . n 
A 1 68  ILE 68  67  67  ILE ILE A . n 
A 1 69  ARG 69  68  68  ARG ARG A . n 
A 1 70  ARG 70  69  69  ARG ARG A . n 
A 1 71  ARG 71  70  70  ARG ARG A . n 
A 1 72  LEU 72  71  71  LEU LEU A . n 
A 1 73  GLN 73  72  72  GLN GLN A . n 
A 1 74  LEU 74  73  73  LEU LEU A . n 
A 1 75  ASN 75  74  74  ASN ASN A . n 
A 1 76  ALA 76  75  75  ALA ALA A . n 
A 1 77  ASN 77  76  76  ASN ASN A . n 
A 1 78  GLN 78  77  77  GLN GLN A . n 
A 1 79  ALA 79  78  78  ALA ALA A . n 
A 1 80  PHE 80  79  79  PHE PHE A . n 
A 1 81  PHE 81  80  80  PHE PHE A . n 
A 1 82  LEU 82  81  81  LEU LEU A . n 
A 1 83  LEU 83  82  82  LEU LEU A . n 
A 1 84  VAL 84  83  83  VAL VAL A . n 
A 1 85  ASN 85  84  84  ASN ASN A . n 
A 1 86  GLY 86  85  85  GLY GLY A . n 
A 1 87  HIS 87  86  86  HIS HIS A . n 
A 1 88  SER 88  87  87  SER SER A . n 
A 1 89  MET 89  88  88  MET MET A . n 
A 1 90  VAL 90  89  89  VAL VAL A . n 
A 1 91  SER 91  90  90  SER SER A . n 
A 1 92  VAL 92  91  91  VAL VAL A . n 
A 1 93  SER 93  92  92  SER SER A . n 
A 1 94  THR 94  93  93  THR THR A . n 
A 1 95  PRO 95  94  94  PRO PRO A . n 
A 1 96  ILE 96  95  95  ILE ILE A . n 
A 1 97  SER 97  96  96  SER SER A . n 
A 1 98  GLU 98  97  97  GLU GLU A . n 
A 1 99  VAL 99  98  98  VAL VAL A . n 
A 1 100 TYR 100 99  99  TYR TYR A . n 
A 1 101 GLU 101 100 100 GLU GLU A . n 
A 1 102 SER 102 101 101 SER SER A . n 
A 1 103 GLU 103 102 102 GLU GLU A . n 
A 1 104 LYS 104 103 103 LYS LYS A . n 
A 1 105 ASP 105 104 104 ASP ASP A . n 
A 1 106 GLU 106 105 105 GLU GLU A . n 
A 1 107 ASP 107 106 106 ASP ASP A . n 
A 1 108 GLY 108 107 107 GLY GLY A . n 
A 1 109 PHE 109 108 108 PHE PHE A . n 
A 1 110 LEU 110 109 109 LEU LEU A . n 
A 1 111 TYR 111 110 110 TYR TYR A . n 
A 1 112 MET 112 111 111 MET MET A . n 
A 1 113 VAL 113 112 112 VAL VAL A . n 
A 1 114 TYR 114 113 113 TYR TYR A . n 
A 1 115 ALA 115 114 114 ALA ALA A . n 
A 1 116 SER 116 115 115 SER SER A . n 
A 1 117 GLN 117 116 116 GLN GLN A . n 
A 1 118 GLU 118 117 117 GLU GLU A . n 
A 1 119 THR 119 118 118 THR THR A . n 
A 1 120 PHE 120 119 119 PHE PHE A . n 
A 1 121 GLY 121 120 ?   ?   ?   A . n 
# 
_pdbx_entity_instance_feature.ordinal        1 
_pdbx_entity_instance_feature.comp_id        LJA 
_pdbx_entity_instance_feature.asym_id        ? 
_pdbx_entity_instance_feature.seq_num        ? 
_pdbx_entity_instance_feature.auth_comp_id   LJA 
_pdbx_entity_instance_feature.auth_asym_id   ? 
_pdbx_entity_instance_feature.auth_seq_num   ? 
_pdbx_entity_instance_feature.feature_type   'SUBJECT OF INVESTIGATION' 
_pdbx_entity_instance_feature.details        ? 
# 
loop_
_pdbx_nonpoly_scheme.asym_id 
_pdbx_nonpoly_scheme.entity_id 
_pdbx_nonpoly_scheme.mon_id 
_pdbx_nonpoly_scheme.ndb_seq_num 
_pdbx_nonpoly_scheme.pdb_seq_num 
_pdbx_nonpoly_scheme.auth_seq_num 
_pdbx_nonpoly_scheme.pdb_mon_id 
_pdbx_nonpoly_scheme.auth_mon_id 
_pdbx_nonpoly_scheme.pdb_strand_id 
_pdbx_nonpoly_scheme.pdb_ins_code 
B 2 LJA 1  201 201 LJA LIG A . 
C 3 EDO 1  202 105 EDO EDO A . 
D 3 EDO 1  203 106 EDO EDO A . 
E 3 EDO 1  204 107 EDO EDO A . 
F 3 EDO 1  205 108 EDO EDO A . 
G 3 EDO 1  206 109 EDO EDO A . 
H 3 EDO 1  207 110 EDO EDO A . 
I 3 EDO 1  208 111 EDO EDO A . 
J 3 EDO 1  209 112 EDO EDO A . 
K 3 EDO 1  210 113 EDO EDO A . 
L 4 CL  1  211 114 CL  CL  A . 
M 5 HOH 1  301 56  HOH HOH A . 
M 5 HOH 2  302 55  HOH HOH A . 
M 5 HOH 3  303 22  HOH HOH A . 
M 5 HOH 4  304 86  HOH HOH A . 
M 5 HOH 5  305 62  HOH HOH A . 
M 5 HOH 6  306 51  HOH HOH A . 
M 5 HOH 7  307 44  HOH HOH A . 
M 5 HOH 8  308 10  HOH HOH A . 
M 5 HOH 9  309 43  HOH HOH A . 
M 5 HOH 10 310 81  HOH HOH A . 
M 5 HOH 11 311 40  HOH HOH A . 
M 5 HOH 12 312 27  HOH HOH A . 
M 5 HOH 13 313 42  HOH HOH A . 
M 5 HOH 14 314 52  HOH HOH A . 
M 5 HOH 15 315 82  HOH HOH A . 
M 5 HOH 16 316 91  HOH HOH A . 
M 5 HOH 17 317 38  HOH HOH A . 
M 5 HOH 18 318 59  HOH HOH A . 
M 5 HOH 19 319 54  HOH HOH A . 
M 5 HOH 20 320 9   HOH HOH A . 
M 5 HOH 21 321 2   HOH HOH A . 
M 5 HOH 22 322 16  HOH HOH A . 
M 5 HOH 23 323 89  HOH HOH A . 
M 5 HOH 24 324 53  HOH HOH A . 
M 5 HOH 25 325 19  HOH HOH A . 
M 5 HOH 26 326 47  HOH HOH A . 
M 5 HOH 27 327 83  HOH HOH A . 
M 5 HOH 28 328 41  HOH HOH A . 
M 5 HOH 29 329 49  HOH HOH A . 
M 5 HOH 30 330 7   HOH HOH A . 
M 5 HOH 31 331 8   HOH HOH A . 
M 5 HOH 32 332 33  HOH HOH A . 
M 5 HOH 33 333 77  HOH HOH A . 
M 5 HOH 34 334 34  HOH HOH A . 
M 5 HOH 35 335 18  HOH HOH A . 
M 5 HOH 36 336 5   HOH HOH A . 
M 5 HOH 37 337 69  HOH HOH A . 
M 5 HOH 38 338 32  HOH HOH A . 
M 5 HOH 39 339 17  HOH HOH A . 
M 5 HOH 40 340 36  HOH HOH A . 
M 5 HOH 41 341 48  HOH HOH A . 
M 5 HOH 42 342 63  HOH HOH A . 
M 5 HOH 43 343 12  HOH HOH A . 
M 5 HOH 44 344 13  HOH HOH A . 
M 5 HOH 45 345 3   HOH HOH A . 
M 5 HOH 46 346 64  HOH HOH A . 
M 5 HOH 47 347 45  HOH HOH A . 
M 5 HOH 48 348 15  HOH HOH A . 
M 5 HOH 49 349 71  HOH HOH A . 
M 5 HOH 50 350 1   HOH HOH A . 
M 5 HOH 51 351 80  HOH HOH A . 
M 5 HOH 52 352 4   HOH HOH A . 
M 5 HOH 53 353 37  HOH HOH A . 
M 5 HOH 54 354 72  HOH HOH A . 
M 5 HOH 55 355 23  HOH HOH A . 
M 5 HOH 56 356 66  HOH HOH A . 
M 5 HOH 57 357 31  HOH HOH A . 
M 5 HOH 58 358 6   HOH HOH A . 
M 5 HOH 59 359 92  HOH HOH A . 
M 5 HOH 60 360 35  HOH HOH A . 
M 5 HOH 61 361 21  HOH HOH A . 
M 5 HOH 62 362 11  HOH HOH A . 
M 5 HOH 63 363 75  HOH HOH A . 
M 5 HOH 64 364 93  HOH HOH A . 
M 5 HOH 65 365 25  HOH HOH A . 
M 5 HOH 66 366 24  HOH HOH A . 
M 5 HOH 67 367 30  HOH HOH A . 
M 5 HOH 68 368 60  HOH HOH A . 
M 5 HOH 69 369 84  HOH HOH A . 
M 5 HOH 70 370 87  HOH HOH A . 
M 5 HOH 71 371 57  HOH HOH A . 
M 5 HOH 72 372 20  HOH HOH A . 
M 5 HOH 73 373 76  HOH HOH A . 
M 5 HOH 74 374 14  HOH HOH A . 
M 5 HOH 75 375 46  HOH HOH A . 
M 5 HOH 76 376 79  HOH HOH A . 
M 5 HOH 77 377 90  HOH HOH A . 
M 5 HOH 78 378 68  HOH HOH A . 
M 5 HOH 79 379 67  HOH HOH A . 
M 5 HOH 80 380 78  HOH HOH A . 
M 5 HOH 81 381 39  HOH HOH A . 
M 5 HOH 82 382 94  HOH HOH A . 
M 5 HOH 83 383 61  HOH HOH A . 
M 5 HOH 84 384 28  HOH HOH A . 
M 5 HOH 85 385 85  HOH HOH A . 
M 5 HOH 86 386 26  HOH HOH A . 
M 5 HOH 87 387 70  HOH HOH A . 
M 5 HOH 88 388 65  HOH HOH A . 
M 5 HOH 89 389 88  HOH HOH A . 
M 5 HOH 90 390 29  HOH HOH A . 
M 5 HOH 91 391 58  HOH HOH A . 
M 5 HOH 92 392 50  HOH HOH A . 
# 
loop_
_pdbx_unobs_or_zero_occ_atoms.id 
_pdbx_unobs_or_zero_occ_atoms.PDB_model_num 
_pdbx_unobs_or_zero_occ_atoms.polymer_flag 
_pdbx_unobs_or_zero_occ_atoms.occupancy_flag 
_pdbx_unobs_or_zero_occ_atoms.auth_asym_id 
_pdbx_unobs_or_zero_occ_atoms.auth_comp_id 
_pdbx_unobs_or_zero_occ_atoms.auth_seq_id 
_pdbx_unobs_or_zero_occ_atoms.PDB_ins_code 
_pdbx_unobs_or_zero_occ_atoms.auth_atom_id 
_pdbx_unobs_or_zero_occ_atoms.label_alt_id 
_pdbx_unobs_or_zero_occ_atoms.label_asym_id 
_pdbx_unobs_or_zero_occ_atoms.label_comp_id 
_pdbx_unobs_or_zero_occ_atoms.label_seq_id 
_pdbx_unobs_or_zero_occ_atoms.label_atom_id 
1 1 Y 1 A GLN 116 ? CG  ? A GLN 117 CG  
2 1 Y 1 A GLN 116 ? CD  ? A GLN 117 CD  
3 1 Y 1 A GLN 116 ? OE1 ? A GLN 117 OE1 
4 1 Y 1 A GLN 116 ? NE2 ? A GLN 117 NE2 
5 1 Y 1 A THR 118 ? OG1 ? A THR 119 OG1 
6 1 Y 1 A THR 118 ? CG2 ? A THR 119 CG2 
# 
loop_
_software.pdbx_ordinal 
_software.name 
_software.version 
_software.date 
_software.type 
_software.contact_author 
_software.contact_author_email 
_software.classification 
_software.location 
_software.language 
_software.citation_id 
1 REFMAC      5.8.0267 ?               program 'Garib N. Murshudov' garib@ysbl.york.ac.uk    refinement        
http://www.ccp4.ac.uk/dist/html/refmac5.html        Fortran_77 ? 
2 Aimless     0.7.7    23/04/21        program 'Phil Evans'         ?                        'data scaling'    
http://www.mrc-lmb.cam.ac.uk/harry/pre/aimless.html ?          ? 
3 PDB_EXTRACT 3.23     'SEP. 23, 2016' package PDB                  deposit@deposit.rcsb.org 'data extraction' 
http://sw-tools.pdb.org/apps/PDB_EXTRACT/           C++        ? 
4 XDS         .        ?               program ?                    ?                        'data reduction'  ? ?          ? 
5 REFMAC      .        ?               program ?                    ?                        phasing           ? ?          ? 
# 
_cell.entry_id           7GAG 
_cell.length_a           61.005 
_cell.length_b           61.005 
_cell.length_c           35.485 
_cell.angle_alpha        90.000 
_cell.angle_beta         90.000 
_cell.angle_gamma        90.000 
_cell.Z_PDB              4 
_cell.pdbx_unique_axis   ? 
# 
_symmetry.entry_id                         7GAG 
_symmetry.space_group_name_H-M             'P 43' 
_symmetry.pdbx_full_space_group_name_H-M   ? 
_symmetry.cell_setting                     ? 
_symmetry.Int_Tables_number                78 
# 
_exptl.crystals_number   1 
_exptl.entry_id          7GAG 
_exptl.method            'X-RAY DIFFRACTION' 
# 
_exptl_crystal.id                    1 
_exptl_crystal.pdbx_mosaicity        0.000 
_exptl_crystal.pdbx_mosaicity_esd    ? 
_exptl_crystal.density_Matthews      2.23 
_exptl_crystal.density_diffrn        ? 
_exptl_crystal.density_meas          ? 
_exptl_crystal.density_meas_temp     ? 
_exptl_crystal.density_percent_sol   44.87 
_exptl_crystal.size_max              ? 
_exptl_crystal.size_mid              ? 
_exptl_crystal.size_min              ? 
_exptl_crystal.size_rad              ? 
_exptl_crystal.description           ? 
# 
_exptl_crystal_grow.crystal_id      1 
_exptl_crystal_grow.method          'VAPOR DIFFUSION, SITTING DROP' 
_exptl_crystal_grow.pH              4.7 
_exptl_crystal_grow.temp            293 
_exptl_crystal_grow.pdbx_details    '36% PEG 8000, 0.1M acetate pH 4.7' 
_exptl_crystal_grow.temp_details    ? 
_exptl_crystal_grow.pdbx_pH_range   ? 
# 
_diffrn.id                     1 
_diffrn.ambient_temp           100 
_diffrn.crystal_id             1 
_diffrn.ambient_temp_details   ? 
# 
_diffrn_detector.detector               PIXEL 
_diffrn_detector.type                   'DECTRIS PILATUS 6M' 
_diffrn_detector.pdbx_collection_date   2023-02-09 
_diffrn_detector.diffrn_id              1 
_diffrn_detector.details                ? 
# 
_diffrn_radiation.diffrn_id                        1 
_diffrn_radiation.wavelength_id                    1 
_diffrn_radiation.pdbx_diffrn_protocol             'SINGLE WAVELENGTH' 
_diffrn_radiation.pdbx_monochromatic_or_laue_m_l   ? 
_diffrn_radiation.monochromator                    ? 
_diffrn_radiation.pdbx_scattering_type             x-ray 
# 
_diffrn_radiation_wavelength.id           1 
_diffrn_radiation_wavelength.wavelength   0.92124 
_diffrn_radiation_wavelength.wt           1.0 
# 
_diffrn_source.diffrn_id                   1 
_diffrn_source.source                      SYNCHROTRON 
_diffrn_source.type                        'DIAMOND BEAMLINE I04-1' 
_diffrn_source.pdbx_wavelength_list        0.92124 
_diffrn_source.pdbx_synchrotron_site       Diamond 
_diffrn_source.pdbx_synchrotron_beamline   I04-1 
_diffrn_source.pdbx_wavelength             ? 
# 
_reflns.entry_id                     7GAG 
_reflns.pdbx_diffrn_id               1 
_reflns.pdbx_ordinal                 1 
_reflns.observed_criterion_sigma_I   ? 
_reflns.observed_criterion_sigma_F   ? 
_reflns.d_resolution_low             61.000 
_reflns.d_resolution_high            1.590 
_reflns.number_obs                   17826 
_reflns.number_all                   ? 
_reflns.percent_possible_obs         100.000 
_reflns.pdbx_Rmerge_I_obs            0.092 
_reflns.pdbx_Rsym_value              ? 
_reflns.pdbx_netI_over_sigmaI        11.900 
_reflns.B_iso_Wilson_estimate        ? 
_reflns.pdbx_redundancy              13.600 
_reflns.pdbx_Rrim_I_all              0.095 
_reflns.pdbx_Rpim_I_all              0.026 
_reflns.pdbx_CC_half                 0.997 
_reflns.pdbx_netI_over_av_sigmaI     ? 
_reflns.pdbx_number_measured_all     241587 
_reflns.pdbx_scaling_rejects         0 
_reflns.pdbx_chi_squared             ? 
_reflns.Rmerge_F_all                 ? 
_reflns.Rmerge_F_obs                 ? 
_reflns.observed_criterion_F_max     ? 
_reflns.observed_criterion_F_min     ? 
_reflns.observed_criterion_I_max     ? 
_reflns.observed_criterion_I_min     ? 
_reflns.pdbx_d_res_high_opt          ? 
_reflns.pdbx_d_res_low_opt           ? 
_reflns.details                      ? 
_reflns.pdbx_CC_star                 ? 
# 
loop_
_reflns_shell.pdbx_diffrn_id 
_reflns_shell.pdbx_ordinal 
_reflns_shell.d_res_high 
_reflns_shell.d_res_low 
_reflns_shell.number_measured_obs 
_reflns_shell.number_measured_all 
_reflns_shell.number_unique_obs 
_reflns_shell.pdbx_rejects 
_reflns_shell.Rmerge_I_obs 
_reflns_shell.meanI_over_sigI_obs 
_reflns_shell.pdbx_Rsym_value 
_reflns_shell.pdbx_chi_squared 
_reflns_shell.pdbx_redundancy 
_reflns_shell.percent_possible_obs 
_reflns_shell.pdbx_netI_over_sigmaI_obs 
_reflns_shell.number_possible 
_reflns_shell.number_unique_all 
_reflns_shell.Rmerge_F_all 
_reflns_shell.Rmerge_F_obs 
_reflns_shell.Rmerge_I_all 
_reflns_shell.meanI_over_sigI_all 
_reflns_shell.percent_possible_all 
_reflns_shell.pdbx_Rrim_I_all 
_reflns_shell.pdbx_Rpim_I_all 
_reflns_shell.pdbx_CC_half 
_reflns_shell.pdbx_CC_star 
1 1 1.590 1.620  ? 10881 896 ? 3.870 ? ? ? 12.100 ? 0.300  ? ? ? ? ? ? 100.000 4.040 1.150 0.307 ? 
1 2 8.700 61.000 ? 1325  125 ? 0.093 ? ? ? 10.600 ? 42.700 ? ? ? ? ? ? 99.800  0.099 0.031 0.989 ? 
# 
_refine.entry_id                                 7GAG 
_refine.pdbx_refine_id                           'X-RAY DIFFRACTION' 
_refine.ls_d_res_high                            1.5900 
_refine.ls_d_res_low                             61.0100 
_refine.pdbx_ls_sigma_F                          0.000 
_refine.pdbx_data_cutoff_high_absF               ? 
_refine.pdbx_data_cutoff_low_absF                ? 
_refine.ls_percent_reflns_obs                    98.1100 
_refine.ls_number_reflns_obs                     16693 
_refine.ls_number_reflns_all                     ? 
_refine.pdbx_ls_cross_valid_method               THROUGHOUT 
_refine.ls_matrix_type                           ? 
_refine.pdbx_R_Free_selection_details            RANDOM 
_refine.details                                  
'HYDROGENS HAVE BEEN ADDED IN THE RIDING POSITIONS U VALUES      : REFINED INDIVIDUALLY' 
_refine.ls_R_factor_all                          ? 
_refine.ls_R_factor_obs                          0.1940 
_refine.ls_R_factor_R_work                       0.1931 
_refine.ls_wR_factor_R_work                      ? 
_refine.ls_R_factor_R_free                       0.2149 
_refine.ls_wR_factor_R_free                      ? 
_refine.ls_percent_reflns_R_free                 4.5000 
_refine.ls_number_reflns_R_free                  780 
_refine.ls_number_reflns_R_work                  ? 
_refine.ls_R_factor_R_free_error                 ? 
_refine.B_iso_mean                               36.9890 
_refine.solvent_model_param_bsol                 ? 
_refine.solvent_model_param_ksol                 ? 
_refine.pdbx_isotropic_thermal_model             ? 
_refine.aniso_B[1][1]                            -0.3200 
_refine.aniso_B[2][2]                            -0.3200 
_refine.aniso_B[3][3]                            0.6500 
_refine.aniso_B[1][2]                            0.0000 
_refine.aniso_B[1][3]                            0.0000 
_refine.aniso_B[2][3]                            0.0000 
_refine.correlation_coeff_Fo_to_Fc               0.9680 
_refine.correlation_coeff_Fo_to_Fc_free          0.9660 
_refine.overall_SU_R_Cruickshank_DPI             ? 
_refine.pdbx_overall_SU_R_free_Cruickshank_DPI   ? 
_refine.pdbx_overall_SU_R_Blow_DPI               ? 
_refine.pdbx_overall_SU_R_free_Blow_DPI          ? 
_refine.overall_SU_R_free                        ? 
_refine.pdbx_overall_ESU_R                       0.1040 
_refine.pdbx_overall_ESU_R_Free                  0.0970 
_refine.overall_SU_ML                            0.1090 
_refine.overall_SU_B                             3.5270 
_refine.solvent_model_details                    MASK 
_refine.pdbx_solvent_vdw_probe_radii             1.2000 
_refine.pdbx_solvent_ion_probe_radii             0.8000 
_refine.pdbx_solvent_shrinkage_radii             0.8000 
_refine.ls_number_parameters                     ? 
_refine.ls_number_restraints                     ? 
_refine.pdbx_starting_model                      8Q53 
_refine.pdbx_method_to_determine_struct          'FOURIER SYNTHESIS' 
_refine.pdbx_stereochemistry_target_values       'MAXIMUM LIKELIHOOD' 
_refine.pdbx_stereochem_target_val_spec_case     ? 
_refine.overall_FOM_work_R_set                   ? 
_refine.B_iso_max                                136.610 
_refine.B_iso_min                                22.170 
_refine.pdbx_overall_phase_error                 ? 
_refine.occupancy_max                            ? 
_refine.occupancy_min                            ? 
_refine.pdbx_diffrn_id                           1 
_refine.pdbx_TLS_residual_ADP_flag               ? 
_refine.pdbx_ls_sigma_I                          ? 
_refine.pdbx_data_cutoff_high_rms_absF           ? 
_refine.ls_R_factor_R_free_error_details         ? 
# 
_refine_hist.cycle_id                         final 
_refine_hist.pdbx_refine_id                   'X-RAY DIFFRACTION' 
_refine_hist.d_res_high                       1.5900 
_refine_hist.d_res_low                        61.0100 
_refine_hist.pdbx_number_atoms_ligand         51 
_refine_hist.number_atoms_solvent             92 
_refine_hist.number_atoms_total               1097 
_refine_hist.pdbx_number_residues_total       113 
_refine_hist.pdbx_B_iso_mean_ligand           59.31 
_refine_hist.pdbx_B_iso_mean_solvent          50.49 
_refine_hist.pdbx_number_atoms_protein        954 
_refine_hist.pdbx_number_atoms_nucleic_acid   0 
# 
loop_
_refine_ls_restr.pdbx_refine_id 
_refine_ls_restr.type 
_refine_ls_restr.number 
_refine_ls_restr.dev_ideal 
_refine_ls_restr.dev_ideal_target 
_refine_ls_restr.weight 
_refine_ls_restr.pdbx_restraint_function 
'X-RAY DIFFRACTION' r_bond_refined_d       1344 0.008  0.014  ? ? 
'X-RAY DIFFRACTION' r_bond_other_d         1205 0.001  0.014  ? ? 
'X-RAY DIFFRACTION' r_angle_refined_deg    1650 1.542  1.674  ? ? 
'X-RAY DIFFRACTION' r_angle_other_deg      2753 1.298  1.583  ? ? 
'X-RAY DIFFRACTION' r_dihedral_angle_1_deg 156  5.938  5.000  ? ? 
'X-RAY DIFFRACTION' r_dihedral_angle_2_deg 70   28.705 19.429 ? ? 
'X-RAY DIFFRACTION' r_dihedral_angle_3_deg 224  14.172 15.000 ? ? 
'X-RAY DIFFRACTION' r_dihedral_angle_4_deg 15   22.889 15.000 ? ? 
'X-RAY DIFFRACTION' r_chiral_restr         152  0.082  0.200  ? ? 
'X-RAY DIFFRACTION' r_gen_planes_refined   1439 0.006  0.020  ? ? 
'X-RAY DIFFRACTION' r_gen_planes_other     315  0.001  0.020  ? ? 
'X-RAY DIFFRACTION' r_mcbond_it            622  2.608  3.434  ? ? 
'X-RAY DIFFRACTION' r_mcbond_other         619  2.613  3.433  ? ? 
'X-RAY DIFFRACTION' r_mcangle_it           740  3.847  5.161  ? ? 
# 
_refine_ls_shell.d_res_high                       1.5900 
_refine_ls_shell.d_res_low                        1.6310 
_refine_ls_shell.pdbx_total_number_of_bins_used   20 
_refine_ls_shell.percent_reflns_obs               77.7900 
_refine_ls_shell.number_reflns_R_work             976 
_refine_ls_shell.R_factor_all                     ? 
_refine_ls_shell.R_factor_R_work                  0.4070 
_refine_ls_shell.R_factor_R_free                  0.4250 
_refine_ls_shell.percent_reflns_R_free            ? 
_refine_ls_shell.number_reflns_R_free             57 
_refine_ls_shell.R_factor_R_free_error            ? 
_refine_ls_shell.number_reflns_all                1033 
_refine_ls_shell.number_reflns_obs                ? 
_refine_ls_shell.pdbx_refine_id                   'X-RAY DIFFRACTION' 
_refine_ls_shell.R_factor_obs                     ? 
# 
_struct.entry_id                  7GAG 
_struct.title                     'PanDDA analysis group deposition -- Crystal Structure of MAP1LC3B in complex with Z198195770' 
_struct.pdbx_model_details        ? 
_struct.pdbx_CASP_flag            ? 
_struct.pdbx_model_type_details   ? 
# 
_struct_keywords.entry_id        7GAG 
_struct_keywords.text            'SGC - Diamond I04-1 fragment screening, PanDDA, XChemExplorer, STRUCTURAL PROTEIN' 
_struct_keywords.pdbx_keywords   'STRUCTURAL PROTEIN' 
# 
loop_
_struct_asym.id 
_struct_asym.pdbx_blank_PDB_chainid_flag 
_struct_asym.pdbx_modified 
_struct_asym.entity_id 
_struct_asym.details 
A N N 1 ? 
B N N 2 ? 
C N N 3 ? 
D N N 3 ? 
E N N 3 ? 
F N N 3 ? 
G N N 3 ? 
H N N 3 ? 
I N N 3 ? 
J N N 3 ? 
K N N 3 ? 
L N N 4 ? 
M N N 5 ? 
# 
_struct_ref.id                         1 
_struct_ref.db_name                    UNP 
_struct_ref.db_code                    MLP3B_HUMAN 
_struct_ref.pdbx_db_accession          Q9GZQ8 
_struct_ref.pdbx_db_isoform            ? 
_struct_ref.entity_id                  1 
_struct_ref.pdbx_seq_one_letter_code   
;MPSEKTFKQRRTFEQRVEDVRLIREQHPTKIPVIIERYKGEKQLPVLDKTKFLVPDHVNMSELIKIIRRRLQLNANQAFF
LLVNGHSMVSVSTPISEVYESEKDEDGFLYMVYASQETFG
;
_struct_ref.pdbx_align_begin           1 
# 
_struct_ref_seq.align_id                      1 
_struct_ref_seq.ref_id                        1 
_struct_ref_seq.pdbx_PDB_id_code              7GAG 
_struct_ref_seq.pdbx_strand_id                A 
_struct_ref_seq.seq_align_beg                 2 
_struct_ref_seq.pdbx_seq_align_beg_ins_code   ? 
_struct_ref_seq.seq_align_end                 121 
_struct_ref_seq.pdbx_seq_align_end_ins_code   ? 
_struct_ref_seq.pdbx_db_accession             Q9GZQ8 
_struct_ref_seq.db_align_beg                  1 
_struct_ref_seq.pdbx_db_align_beg_ins_code    ? 
_struct_ref_seq.db_align_end                  120 
_struct_ref_seq.pdbx_db_align_end_ins_code    ? 
_struct_ref_seq.pdbx_auth_seq_align_beg       1 
_struct_ref_seq.pdbx_auth_seq_align_end       120 
# 
_struct_ref_seq_dif.align_id                     1 
_struct_ref_seq_dif.pdbx_pdb_id_code             7GAG 
_struct_ref_seq_dif.mon_id                       SER 
_struct_ref_seq_dif.pdbx_pdb_strand_id           A 
_struct_ref_seq_dif.seq_num                      1 
_struct_ref_seq_dif.pdbx_pdb_ins_code            ? 
_struct_ref_seq_dif.pdbx_seq_db_name             UNP 
_struct_ref_seq_dif.pdbx_seq_db_accession_code   Q9GZQ8 
_struct_ref_seq_dif.db_mon_id                    ? 
_struct_ref_seq_dif.pdbx_seq_db_seq_num          ? 
_struct_ref_seq_dif.details                      'expression tag' 
_struct_ref_seq_dif.pdbx_auth_seq_num            0 
_struct_ref_seq_dif.pdbx_ordinal                 1 
# 
_pdbx_struct_assembly.id                   1 
_pdbx_struct_assembly.details              author_and_software_defined_assembly 
_pdbx_struct_assembly.method_details       PISA 
_pdbx_struct_assembly.oligomeric_details   monomeric 
_pdbx_struct_assembly.oligomeric_count     1 
# 
_pdbx_struct_assembly_gen.assembly_id       1 
_pdbx_struct_assembly_gen.oper_expression   1 
_pdbx_struct_assembly_gen.asym_id_list      A,B,C,D,E,F,G,H,I,J,K,L,M 
# 
_pdbx_struct_oper_list.id                   1 
_pdbx_struct_oper_list.type                 'identity operation' 
_pdbx_struct_oper_list.name                 1_555 
_pdbx_struct_oper_list.symmetry_operation   x,y,z 
_pdbx_struct_oper_list.matrix[1][1]         1.0000000000 
_pdbx_struct_oper_list.matrix[1][2]         0.0000000000 
_pdbx_struct_oper_list.matrix[1][3]         0.0000000000 
_pdbx_struct_oper_list.vector[1]            0.0000000000 
_pdbx_struct_oper_list.matrix[2][1]         0.0000000000 
_pdbx_struct_oper_list.matrix[2][2]         1.0000000000 
_pdbx_struct_oper_list.matrix[2][3]         0.0000000000 
_pdbx_struct_oper_list.vector[2]            0.0000000000 
_pdbx_struct_oper_list.matrix[3][1]         0.0000000000 
_pdbx_struct_oper_list.matrix[3][2]         0.0000000000 
_pdbx_struct_oper_list.matrix[3][3]         1.0000000000 
_pdbx_struct_oper_list.vector[3]            0.0000000000 
# 
loop_
_struct_conf.conf_type_id 
_struct_conf.id 
_struct_conf.pdbx_PDB_helix_id 
_struct_conf.beg_label_comp_id 
_struct_conf.beg_label_asym_id 
_struct_conf.beg_label_seq_id 
_struct_conf.pdbx_beg_PDB_ins_code 
_struct_conf.end_label_comp_id 
_struct_conf.end_label_asym_id 
_struct_conf.end_label_seq_id 
_struct_conf.pdbx_end_PDB_ins_code 
_struct_conf.beg_auth_comp_id 
_struct_conf.beg_auth_asym_id 
_struct_conf.beg_auth_seq_id 
_struct_conf.end_auth_comp_id 
_struct_conf.end_auth_asym_id 
_struct_conf.end_auth_seq_id 
_struct_conf.pdbx_PDB_helix_class 
_struct_conf.details 
_struct_conf.pdbx_PDB_helix_length 
HELX_P HELX_P1 AA1 THR A 7  ? ARG A 12  ? THR A 6  ARG A 11  1 ? 6  
HELX_P HELX_P2 AA2 THR A 13 ? HIS A 28  ? THR A 12 HIS A 27  1 ? 16 
HELX_P HELX_P3 AA3 ASN A 60 ? LEU A 72  ? ASN A 59 LEU A 71  1 ? 13 
HELX_P HELX_P4 AA4 PRO A 95 ? LYS A 104 ? PRO A 94 LYS A 103 1 ? 10 
# 
_struct_conf_type.id          HELX_P 
_struct_conf_type.criteria    ? 
_struct_conf_type.reference   ? 
# 
_struct_sheet.id               AA1 
_struct_sheet.type             ? 
_struct_sheet.number_strands   5 
_struct_sheet.details          ? 
# 
loop_
_struct_sheet_order.sheet_id 
_struct_sheet_order.range_id_1 
_struct_sheet_order.range_id_2 
_struct_sheet_order.offset 
_struct_sheet_order.sense 
AA1 1 2 ? anti-parallel 
AA1 2 3 ? parallel      
AA1 3 4 ? anti-parallel 
AA1 4 5 ? anti-parallel 
# 
loop_
_struct_sheet_range.sheet_id 
_struct_sheet_range.id 
_struct_sheet_range.beg_label_comp_id 
_struct_sheet_range.beg_label_asym_id 
_struct_sheet_range.beg_label_seq_id 
_struct_sheet_range.pdbx_beg_PDB_ins_code 
_struct_sheet_range.end_label_comp_id 
_struct_sheet_range.end_label_asym_id 
_struct_sheet_range.end_label_seq_id 
_struct_sheet_range.pdbx_end_PDB_ins_code 
_struct_sheet_range.beg_auth_comp_id 
_struct_sheet_range.beg_auth_asym_id 
_struct_sheet_range.beg_auth_seq_id 
_struct_sheet_range.end_auth_comp_id 
_struct_sheet_range.end_auth_asym_id 
_struct_sheet_range.end_auth_seq_id 
AA1 1 LYS A 52  ? PRO A 56  ? LYS A 51  PRO A 55  
AA1 2 LYS A 31  ? ARG A 38  ? LYS A 30  ARG A 37  
AA1 3 LEU A 110 ? ALA A 115 ? LEU A 109 ALA A 114 
AA1 4 PHE A 81  ? VAL A 84  ? PHE A 80  VAL A 83  
AA1 5 HIS A 87  ? SER A 88  ? HIS A 86  SER A 87  
# 
loop_
_pdbx_struct_sheet_hbond.sheet_id 
_pdbx_struct_sheet_hbond.range_id_1 
_pdbx_struct_sheet_hbond.range_id_2 
_pdbx_struct_sheet_hbond.range_1_label_atom_id 
_pdbx_struct_sheet_hbond.range_1_label_comp_id 
_pdbx_struct_sheet_hbond.range_1_label_asym_id 
_pdbx_struct_sheet_hbond.range_1_label_seq_id 
_pdbx_struct_sheet_hbond.range_1_PDB_ins_code 
_pdbx_struct_sheet_hbond.range_1_auth_atom_id 
_pdbx_struct_sheet_hbond.range_1_auth_comp_id 
_pdbx_struct_sheet_hbond.range_1_auth_asym_id 
_pdbx_struct_sheet_hbond.range_1_auth_seq_id 
_pdbx_struct_sheet_hbond.range_2_label_atom_id 
_pdbx_struct_sheet_hbond.range_2_label_comp_id 
_pdbx_struct_sheet_hbond.range_2_label_asym_id 
_pdbx_struct_sheet_hbond.range_2_label_seq_id 
_pdbx_struct_sheet_hbond.range_2_PDB_ins_code 
_pdbx_struct_sheet_hbond.range_2_auth_atom_id 
_pdbx_struct_sheet_hbond.range_2_auth_comp_id 
_pdbx_struct_sheet_hbond.range_2_auth_asym_id 
_pdbx_struct_sheet_hbond.range_2_auth_seq_id 
AA1 1 2 O PHE A 53  ? O PHE A 52  N VAL A 34  ? N VAL A 33  
AA1 2 3 N ILE A 35  ? N ILE A 34  O LEU A 110 ? O LEU A 109 
AA1 3 4 O VAL A 113 ? O VAL A 112 N LEU A 83  ? N LEU A 82  
AA1 4 5 N VAL A 84  ? N VAL A 83  O HIS A 87  ? O HIS A 86  
# 
_pdbx_entry_details.entry_id                   7GAG 
_pdbx_entry_details.compound_details           ? 
_pdbx_entry_details.source_details             ? 
_pdbx_entry_details.nonpolymer_details         ? 
_pdbx_entry_details.sequence_details           ? 
_pdbx_entry_details.has_ligand_of_interest     Y 
_pdbx_entry_details.has_protein_modification   ? 
# 
loop_
_pdbx_validate_close_contact.id 
_pdbx_validate_close_contact.PDB_model_num 
_pdbx_validate_close_contact.auth_atom_id_1 
_pdbx_validate_close_contact.auth_asym_id_1 
_pdbx_validate_close_contact.auth_comp_id_1 
_pdbx_validate_close_contact.auth_seq_id_1 
_pdbx_validate_close_contact.PDB_ins_code_1 
_pdbx_validate_close_contact.label_alt_id_1 
_pdbx_validate_close_contact.auth_atom_id_2 
_pdbx_validate_close_contact.auth_asym_id_2 
_pdbx_validate_close_contact.auth_comp_id_2 
_pdbx_validate_close_contact.auth_seq_id_2 
_pdbx_validate_close_contact.PDB_ins_code_2 
_pdbx_validate_close_contact.label_alt_id_2 
_pdbx_validate_close_contact.dist 
1 1 OG1 A THR 6   ? ? O A HOH 301 ? ? 1.87 
2 1 O   A HOH 319 ? ? O A HOH 365 ? ? 1.89 
3 1 O   A ASP 56  ? ? O A HOH 302 ? ? 1.92 
4 1 O2  A EDO 203 ? ? O A HOH 303 ? ? 2.07 
5 1 NH2 A ARG 10  ? B O A HOH 304 ? ? 2.12 
6 1 CB  A GLN 116 ? ? O A HOH 351 ? ? 2.15 
# 
_pdbx_validate_symm_contact.id                1 
_pdbx_validate_symm_contact.PDB_model_num     1 
_pdbx_validate_symm_contact.auth_atom_id_1    O 
_pdbx_validate_symm_contact.auth_asym_id_1    A 
_pdbx_validate_symm_contact.auth_comp_id_1    HOH 
_pdbx_validate_symm_contact.auth_seq_id_1     380 
_pdbx_validate_symm_contact.PDB_ins_code_1    ? 
_pdbx_validate_symm_contact.label_alt_id_1    ? 
_pdbx_validate_symm_contact.site_symmetry_1   1_555 
_pdbx_validate_symm_contact.auth_atom_id_2    O 
_pdbx_validate_symm_contact.auth_asym_id_2    A 
_pdbx_validate_symm_contact.auth_comp_id_2    HOH 
_pdbx_validate_symm_contact.auth_seq_id_2     382 
_pdbx_validate_symm_contact.PDB_ins_code_2    ? 
_pdbx_validate_symm_contact.label_alt_id_2    ? 
_pdbx_validate_symm_contact.site_symmetry_2   1_554 
_pdbx_validate_symm_contact.dist              1.96 
# 
_phasing.method   MR 
# 
loop_
_pdbx_unobs_or_zero_occ_residues.id 
_pdbx_unobs_or_zero_occ_residues.PDB_model_num 
_pdbx_unobs_or_zero_occ_residues.polymer_flag 
_pdbx_unobs_or_zero_occ_residues.occupancy_flag 
_pdbx_unobs_or_zero_occ_residues.auth_asym_id 
_pdbx_unobs_or_zero_occ_residues.auth_comp_id 
_pdbx_unobs_or_zero_occ_residues.auth_seq_id 
_pdbx_unobs_or_zero_occ_residues.PDB_ins_code 
_pdbx_unobs_or_zero_occ_residues.label_asym_id 
_pdbx_unobs_or_zero_occ_residues.label_comp_id 
_pdbx_unobs_or_zero_occ_residues.label_seq_id 
1 1 Y 1 A SER 0   ? A SER 1   
2 1 Y 1 A MET 1   ? A MET 2   
3 1 Y 1 A PRO 2   ? A PRO 3   
4 1 Y 1 A SER 3   ? A SER 4   
5 1 Y 1 A GLU 4   ? A GLU 5   
6 1 Y 1 A GLY 120 ? A GLY 121 
# 
loop_
_chem_comp_atom.comp_id 
_chem_comp_atom.atom_id 
_chem_comp_atom.type_symbol 
_chem_comp_atom.pdbx_aromatic_flag 
_chem_comp_atom.pdbx_stereo_config 
_chem_comp_atom.pdbx_ordinal 
ALA N    N  N N 1   
ALA CA   C  N S 2   
ALA C    C  N N 3   
ALA O    O  N N 4   
ALA CB   C  N N 5   
ALA OXT  O  N N 6   
ALA H    H  N N 7   
ALA H2   H  N N 8   
ALA HA   H  N N 9   
ALA HB1  H  N N 10  
ALA HB2  H  N N 11  
ALA HB3  H  N N 12  
ALA HXT  H  N N 13  
ARG N    N  N N 14  
ARG CA   C  N S 15  
ARG C    C  N N 16  
ARG O    O  N N 17  
ARG CB   C  N N 18  
ARG CG   C  N N 19  
ARG CD   C  N N 20  
ARG NE   N  N N 21  
ARG CZ   C  N N 22  
ARG NH1  N  N N 23  
ARG NH2  N  N N 24  
ARG OXT  O  N N 25  
ARG H    H  N N 26  
ARG H2   H  N N 27  
ARG HA   H  N N 28  
ARG HB2  H  N N 29  
ARG HB3  H  N N 30  
ARG HG2  H  N N 31  
ARG HG3  H  N N 32  
ARG HD2  H  N N 33  
ARG HD3  H  N N 34  
ARG HE   H  N N 35  
ARG HH11 H  N N 36  
ARG HH12 H  N N 37  
ARG HH21 H  N N 38  
ARG HH22 H  N N 39  
ARG HXT  H  N N 40  
ASN N    N  N N 41  
ASN CA   C  N S 42  
ASN C    C  N N 43  
ASN O    O  N N 44  
ASN CB   C  N N 45  
ASN CG   C  N N 46  
ASN OD1  O  N N 47  
ASN ND2  N  N N 48  
ASN OXT  O  N N 49  
ASN H    H  N N 50  
ASN H2   H  N N 51  
ASN HA   H  N N 52  
ASN HB2  H  N N 53  
ASN HB3  H  N N 54  
ASN HD21 H  N N 55  
ASN HD22 H  N N 56  
ASN HXT  H  N N 57  
ASP N    N  N N 58  
ASP CA   C  N S 59  
ASP C    C  N N 60  
ASP O    O  N N 61  
ASP CB   C  N N 62  
ASP CG   C  N N 63  
ASP OD1  O  N N 64  
ASP OD2  O  N N 65  
ASP OXT  O  N N 66  
ASP H    H  N N 67  
ASP H2   H  N N 68  
ASP HA   H  N N 69  
ASP HB2  H  N N 70  
ASP HB3  H  N N 71  
ASP HD2  H  N N 72  
ASP HXT  H  N N 73  
CL  CL   CL N N 74  
EDO C1   C  N N 75  
EDO O1   O  N N 76  
EDO C2   C  N N 77  
EDO O2   O  N N 78  
EDO H11  H  N N 79  
EDO H12  H  N N 80  
EDO HO1  H  N N 81  
EDO H21  H  N N 82  
EDO H22  H  N N 83  
EDO HO2  H  N N 84  
GLN N    N  N N 85  
GLN CA   C  N S 86  
GLN C    C  N N 87  
GLN O    O  N N 88  
GLN CB   C  N N 89  
GLN CG   C  N N 90  
GLN CD   C  N N 91  
GLN OE1  O  N N 92  
GLN NE2  N  N N 93  
GLN OXT  O  N N 94  
GLN H    H  N N 95  
GLN H2   H  N N 96  
GLN HA   H  N N 97  
GLN HB2  H  N N 98  
GLN HB3  H  N N 99  
GLN HG2  H  N N 100 
GLN HG3  H  N N 101 
GLN HE21 H  N N 102 
GLN HE22 H  N N 103 
GLN HXT  H  N N 104 
GLU N    N  N N 105 
GLU CA   C  N S 106 
GLU C    C  N N 107 
GLU O    O  N N 108 
GLU CB   C  N N 109 
GLU CG   C  N N 110 
GLU CD   C  N N 111 
GLU OE1  O  N N 112 
GLU OE2  O  N N 113 
GLU OXT  O  N N 114 
GLU H    H  N N 115 
GLU H2   H  N N 116 
GLU HA   H  N N 117 
GLU HB2  H  N N 118 
GLU HB3  H  N N 119 
GLU HG2  H  N N 120 
GLU HG3  H  N N 121 
GLU HE2  H  N N 122 
GLU HXT  H  N N 123 
GLY N    N  N N 124 
GLY CA   C  N N 125 
GLY C    C  N N 126 
GLY O    O  N N 127 
GLY OXT  O  N N 128 
GLY H    H  N N 129 
GLY H2   H  N N 130 
GLY HA2  H  N N 131 
GLY HA3  H  N N 132 
GLY HXT  H  N N 133 
HIS N    N  N N 134 
HIS CA   C  N S 135 
HIS C    C  N N 136 
HIS O    O  N N 137 
HIS CB   C  N N 138 
HIS CG   C  Y N 139 
HIS ND1  N  Y N 140 
HIS CD2  C  Y N 141 
HIS CE1  C  Y N 142 
HIS NE2  N  Y N 143 
HIS OXT  O  N N 144 
HIS H    H  N N 145 
HIS H2   H  N N 146 
HIS HA   H  N N 147 
HIS HB2  H  N N 148 
HIS HB3  H  N N 149 
HIS HD1  H  N N 150 
HIS HD2  H  N N 151 
HIS HE1  H  N N 152 
HIS HE2  H  N N 153 
HIS HXT  H  N N 154 
HOH O    O  N N 155 
HOH H1   H  N N 156 
HOH H2   H  N N 157 
ILE N    N  N N 158 
ILE CA   C  N S 159 
ILE C    C  N N 160 
ILE O    O  N N 161 
ILE CB   C  N S 162 
ILE CG1  C  N N 163 
ILE CG2  C  N N 164 
ILE CD1  C  N N 165 
ILE OXT  O  N N 166 
ILE H    H  N N 167 
ILE H2   H  N N 168 
ILE HA   H  N N 169 
ILE HB   H  N N 170 
ILE HG12 H  N N 171 
ILE HG13 H  N N 172 
ILE HG21 H  N N 173 
ILE HG22 H  N N 174 
ILE HG23 H  N N 175 
ILE HD11 H  N N 176 
ILE HD12 H  N N 177 
ILE HD13 H  N N 178 
ILE HXT  H  N N 179 
LEU N    N  N N 180 
LEU CA   C  N S 181 
LEU C    C  N N 182 
LEU O    O  N N 183 
LEU CB   C  N N 184 
LEU CG   C  N N 185 
LEU CD1  C  N N 186 
LEU CD2  C  N N 187 
LEU OXT  O  N N 188 
LEU H    H  N N 189 
LEU H2   H  N N 190 
LEU HA   H  N N 191 
LEU HB2  H  N N 192 
LEU HB3  H  N N 193 
LEU HG   H  N N 194 
LEU HD11 H  N N 195 
LEU HD12 H  N N 196 
LEU HD13 H  N N 197 
LEU HD21 H  N N 198 
LEU HD22 H  N N 199 
LEU HD23 H  N N 200 
LEU HXT  H  N N 201 
LJA N1   N  N N 202 
LJA N3   N  N N 203 
LJA C4   C  Y N 204 
LJA C5   C  Y N 205 
LJA C6   C  Y N 206 
LJA C7   C  Y N 207 
LJA C8   C  Y N 208 
LJA C1   C  N N 209 
LJA C2   C  N N 210 
LJA C3   C  Y N 211 
LJA C9   C  N N 212 
LJA N2   N  N N 213 
LJA O1   O  N N 214 
LJA O2   O  N N 215 
LJA H1   H  N N 216 
LJA H2   H  N N 217 
LJA H3   H  N N 218 
LJA H4   H  N N 219 
LJA H5   H  N N 220 
LJA H6   H  N N 221 
LJA H7   H  N N 222 
LJA H8   H  N N 223 
LJA H9   H  N N 224 
LJA H10  H  N N 225 
LJA H11  H  N N 226 
LYS N    N  N N 227 
LYS CA   C  N S 228 
LYS C    C  N N 229 
LYS O    O  N N 230 
LYS CB   C  N N 231 
LYS CG   C  N N 232 
LYS CD   C  N N 233 
LYS CE   C  N N 234 
LYS NZ   N  N N 235 
LYS OXT  O  N N 236 
LYS H    H  N N 237 
LYS H2   H  N N 238 
LYS HA   H  N N 239 
LYS HB2  H  N N 240 
LYS HB3  H  N N 241 
LYS HG2  H  N N 242 
LYS HG3  H  N N 243 
LYS HD2  H  N N 244 
LYS HD3  H  N N 245 
LYS HE2  H  N N 246 
LYS HE3  H  N N 247 
LYS HZ1  H  N N 248 
LYS HZ2  H  N N 249 
LYS HZ3  H  N N 250 
LYS HXT  H  N N 251 
MET N    N  N N 252 
MET CA   C  N S 253 
MET C    C  N N 254 
MET O    O  N N 255 
MET CB   C  N N 256 
MET CG   C  N N 257 
MET SD   S  N N 258 
MET CE   C  N N 259 
MET OXT  O  N N 260 
MET H    H  N N 261 
MET H2   H  N N 262 
MET HA   H  N N 263 
MET HB2  H  N N 264 
MET HB3  H  N N 265 
MET HG2  H  N N 266 
MET HG3  H  N N 267 
MET HE1  H  N N 268 
MET HE2  H  N N 269 
MET HE3  H  N N 270 
MET HXT  H  N N 271 
PHE N    N  N N 272 
PHE CA   C  N S 273 
PHE C    C  N N 274 
PHE O    O  N N 275 
PHE CB   C  N N 276 
PHE CG   C  Y N 277 
PHE CD1  C  Y N 278 
PHE CD2  C  Y N 279 
PHE CE1  C  Y N 280 
PHE CE2  C  Y N 281 
PHE CZ   C  Y N 282 
PHE OXT  O  N N 283 
PHE H    H  N N 284 
PHE H2   H  N N 285 
PHE HA   H  N N 286 
PHE HB2  H  N N 287 
PHE HB3  H  N N 288 
PHE HD1  H  N N 289 
PHE HD2  H  N N 290 
PHE HE1  H  N N 291 
PHE HE2  H  N N 292 
PHE HZ   H  N N 293 
PHE HXT  H  N N 294 
PRO N    N  N N 295 
PRO CA   C  N S 296 
PRO C    C  N N 297 
PRO O    O  N N 298 
PRO CB   C  N N 299 
PRO CG   C  N N 300 
PRO CD   C  N N 301 
PRO OXT  O  N N 302 
PRO H    H  N N 303 
PRO HA   H  N N 304 
PRO HB2  H  N N 305 
PRO HB3  H  N N 306 
PRO HG2  H  N N 307 
PRO HG3  H  N N 308 
PRO HD2  H  N N 309 
PRO HD3  H  N N 310 
PRO HXT  H  N N 311 
SER N    N  N N 312 
SER CA   C  N S 313 
SER C    C  N N 314 
SER O    O  N N 315 
SER CB   C  N N 316 
SER OG   O  N N 317 
SER OXT  O  N N 318 
SER H    H  N N 319 
SER H2   H  N N 320 
SER HA   H  N N 321 
SER HB2  H  N N 322 
SER HB3  H  N N 323 
SER HG   H  N N 324 
SER HXT  H  N N 325 
THR N    N  N N 326 
THR CA   C  N S 327 
THR C    C  N N 328 
THR O    O  N N 329 
THR CB   C  N R 330 
THR OG1  O  N N 331 
THR CG2  C  N N 332 
THR OXT  O  N N 333 
THR H    H  N N 334 
THR H2   H  N N 335 
THR HA   H  N N 336 
THR HB   H  N N 337 
THR HG1  H  N N 338 
THR HG21 H  N N 339 
THR HG22 H  N N 340 
THR HG23 H  N N 341 
THR HXT  H  N N 342 
TYR N    N  N N 343 
TYR CA   C  N S 344 
TYR C    C  N N 345 
TYR O    O  N N 346 
TYR CB   C  N N 347 
TYR CG   C  Y N 348 
TYR CD1  C  Y N 349 
TYR CD2  C  Y N 350 
TYR CE1  C  Y N 351 
TYR CE2  C  Y N 352 
TYR CZ   C  Y N 353 
TYR OH   O  N N 354 
TYR OXT  O  N N 355 
TYR H    H  N N 356 
TYR H2   H  N N 357 
TYR HA   H  N N 358 
TYR HB2  H  N N 359 
TYR HB3  H  N N 360 
TYR HD1  H  N N 361 
TYR HD2  H  N N 362 
TYR HE1  H  N N 363 
TYR HE2  H  N N 364 
TYR HH   H  N N 365 
TYR HXT  H  N N 366 
VAL N    N  N N 367 
VAL CA   C  N S 368 
VAL C    C  N N 369 
VAL O    O  N N 370 
VAL CB   C  N N 371 
VAL CG1  C  N N 372 
VAL CG2  C  N N 373 
VAL OXT  O  N N 374 
VAL H    H  N N 375 
VAL H2   H  N N 376 
VAL HA   H  N N 377 
VAL HB   H  N N 378 
VAL HG11 H  N N 379 
VAL HG12 H  N N 380 
VAL HG13 H  N N 381 
VAL HG21 H  N N 382 
VAL HG22 H  N N 383 
VAL HG23 H  N N 384 
VAL HXT  H  N N 385 
# 
loop_
_chem_comp_bond.comp_id 
_chem_comp_bond.atom_id_1 
_chem_comp_bond.atom_id_2 
_chem_comp_bond.value_order 
_chem_comp_bond.pdbx_aromatic_flag 
_chem_comp_bond.pdbx_stereo_config 
_chem_comp_bond.pdbx_ordinal 
ALA N   CA   sing N N 1   
ALA N   H    sing N N 2   
ALA N   H2   sing N N 3   
ALA CA  C    sing N N 4   
ALA CA  CB   sing N N 5   
ALA CA  HA   sing N N 6   
ALA C   O    doub N N 7   
ALA C   OXT  sing N N 8   
ALA CB  HB1  sing N N 9   
ALA CB  HB2  sing N N 10  
ALA CB  HB3  sing N N 11  
ALA OXT HXT  sing N N 12  
ARG N   CA   sing N N 13  
ARG N   H    sing N N 14  
ARG N   H2   sing N N 15  
ARG CA  C    sing N N 16  
ARG CA  CB   sing N N 17  
ARG CA  HA   sing N N 18  
ARG C   O    doub N N 19  
ARG C   OXT  sing N N 20  
ARG CB  CG   sing N N 21  
ARG CB  HB2  sing N N 22  
ARG CB  HB3  sing N N 23  
ARG CG  CD   sing N N 24  
ARG CG  HG2  sing N N 25  
ARG CG  HG3  sing N N 26  
ARG CD  NE   sing N N 27  
ARG CD  HD2  sing N N 28  
ARG CD  HD3  sing N N 29  
ARG NE  CZ   sing N N 30  
ARG NE  HE   sing N N 31  
ARG CZ  NH1  sing N N 32  
ARG CZ  NH2  doub N N 33  
ARG NH1 HH11 sing N N 34  
ARG NH1 HH12 sing N N 35  
ARG NH2 HH21 sing N N 36  
ARG NH2 HH22 sing N N 37  
ARG OXT HXT  sing N N 38  
ASN N   CA   sing N N 39  
ASN N   H    sing N N 40  
ASN N   H2   sing N N 41  
ASN CA  C    sing N N 42  
ASN CA  CB   sing N N 43  
ASN CA  HA   sing N N 44  
ASN C   O    doub N N 45  
ASN C   OXT  sing N N 46  
ASN CB  CG   sing N N 47  
ASN CB  HB2  sing N N 48  
ASN CB  HB3  sing N N 49  
ASN CG  OD1  doub N N 50  
ASN CG  ND2  sing N N 51  
ASN ND2 HD21 sing N N 52  
ASN ND2 HD22 sing N N 53  
ASN OXT HXT  sing N N 54  
ASP N   CA   sing N N 55  
ASP N   H    sing N N 56  
ASP N   H2   sing N N 57  
ASP CA  C    sing N N 58  
ASP CA  CB   sing N N 59  
ASP CA  HA   sing N N 60  
ASP C   O    doub N N 61  
ASP C   OXT  sing N N 62  
ASP CB  CG   sing N N 63  
ASP CB  HB2  sing N N 64  
ASP CB  HB3  sing N N 65  
ASP CG  OD1  doub N N 66  
ASP CG  OD2  sing N N 67  
ASP OD2 HD2  sing N N 68  
ASP OXT HXT  sing N N 69  
EDO C1  O1   sing N N 70  
EDO C1  C2   sing N N 71  
EDO C1  H11  sing N N 72  
EDO C1  H12  sing N N 73  
EDO O1  HO1  sing N N 74  
EDO C2  O2   sing N N 75  
EDO C2  H21  sing N N 76  
EDO C2  H22  sing N N 77  
EDO O2  HO2  sing N N 78  
GLN N   CA   sing N N 79  
GLN N   H    sing N N 80  
GLN N   H2   sing N N 81  
GLN CA  C    sing N N 82  
GLN CA  CB   sing N N 83  
GLN CA  HA   sing N N 84  
GLN C   O    doub N N 85  
GLN C   OXT  sing N N 86  
GLN CB  CG   sing N N 87  
GLN CB  HB2  sing N N 88  
GLN CB  HB3  sing N N 89  
GLN CG  CD   sing N N 90  
GLN CG  HG2  sing N N 91  
GLN CG  HG3  sing N N 92  
GLN CD  OE1  doub N N 93  
GLN CD  NE2  sing N N 94  
GLN NE2 HE21 sing N N 95  
GLN NE2 HE22 sing N N 96  
GLN OXT HXT  sing N N 97  
GLU N   CA   sing N N 98  
GLU N   H    sing N N 99  
GLU N   H2   sing N N 100 
GLU CA  C    sing N N 101 
GLU CA  CB   sing N N 102 
GLU CA  HA   sing N N 103 
GLU C   O    doub N N 104 
GLU C   OXT  sing N N 105 
GLU CB  CG   sing N N 106 
GLU CB  HB2  sing N N 107 
GLU CB  HB3  sing N N 108 
GLU CG  CD   sing N N 109 
GLU CG  HG2  sing N N 110 
GLU CG  HG3  sing N N 111 
GLU CD  OE1  doub N N 112 
GLU CD  OE2  sing N N 113 
GLU OE2 HE2  sing N N 114 
GLU OXT HXT  sing N N 115 
GLY N   CA   sing N N 116 
GLY N   H    sing N N 117 
GLY N   H2   sing N N 118 
GLY CA  C    sing N N 119 
GLY CA  HA2  sing N N 120 
GLY CA  HA3  sing N N 121 
GLY C   O    doub N N 122 
GLY C   OXT  sing N N 123 
GLY OXT HXT  sing N N 124 
HIS N   CA   sing N N 125 
HIS N   H    sing N N 126 
HIS N   H2   sing N N 127 
HIS CA  C    sing N N 128 
HIS CA  CB   sing N N 129 
HIS CA  HA   sing N N 130 
HIS C   O    doub N N 131 
HIS C   OXT  sing N N 132 
HIS CB  CG   sing N N 133 
HIS CB  HB2  sing N N 134 
HIS CB  HB3  sing N N 135 
HIS CG  ND1  sing Y N 136 
HIS CG  CD2  doub Y N 137 
HIS ND1 CE1  doub Y N 138 
HIS ND1 HD1  sing N N 139 
HIS CD2 NE2  sing Y N 140 
HIS CD2 HD2  sing N N 141 
HIS CE1 NE2  sing Y N 142 
HIS CE1 HE1  sing N N 143 
HIS NE2 HE2  sing N N 144 
HIS OXT HXT  sing N N 145 
HOH O   H1   sing N N 146 
HOH O   H2   sing N N 147 
ILE N   CA   sing N N 148 
ILE N   H    sing N N 149 
ILE N   H2   sing N N 150 
ILE CA  C    sing N N 151 
ILE CA  CB   sing N N 152 
ILE CA  HA   sing N N 153 
ILE C   O    doub N N 154 
ILE C   OXT  sing N N 155 
ILE CB  CG1  sing N N 156 
ILE CB  CG2  sing N N 157 
ILE CB  HB   sing N N 158 
ILE CG1 CD1  sing N N 159 
ILE CG1 HG12 sing N N 160 
ILE CG1 HG13 sing N N 161 
ILE CG2 HG21 sing N N 162 
ILE CG2 HG22 sing N N 163 
ILE CG2 HG23 sing N N 164 
ILE CD1 HD11 sing N N 165 
ILE CD1 HD12 sing N N 166 
ILE CD1 HD13 sing N N 167 
ILE OXT HXT  sing N N 168 
LEU N   CA   sing N N 169 
LEU N   H    sing N N 170 
LEU N   H2   sing N N 171 
LEU CA  C    sing N N 172 
LEU CA  CB   sing N N 173 
LEU CA  HA   sing N N 174 
LEU C   O    doub N N 175 
LEU C   OXT  sing N N 176 
LEU CB  CG   sing N N 177 
LEU CB  HB2  sing N N 178 
LEU CB  HB3  sing N N 179 
LEU CG  CD1  sing N N 180 
LEU CG  CD2  sing N N 181 
LEU CG  HG   sing N N 182 
LEU CD1 HD11 sing N N 183 
LEU CD1 HD12 sing N N 184 
LEU CD1 HD13 sing N N 185 
LEU CD2 HD21 sing N N 186 
LEU CD2 HD22 sing N N 187 
LEU CD2 HD23 sing N N 188 
LEU OXT HXT  sing N N 189 
LJA O2  C9   doub N N 190 
LJA N2  C9   sing N N 191 
LJA N2  C7   sing N N 192 
LJA C9  N3   sing N N 193 
LJA C7  C6   doub Y N 194 
LJA C7  C8   sing Y N 195 
LJA C6  C5   sing Y N 196 
LJA C8  C3   doub Y N 197 
LJA C5  C4   doub Y N 198 
LJA C3  C4   sing Y N 199 
LJA C3  N1   sing N N 200 
LJA N1  C2   sing N N 201 
LJA C2  O1   doub N N 202 
LJA C2  C1   sing N N 203 
LJA N1  H1   sing N N 204 
LJA N3  H2   sing N N 205 
LJA N3  H3   sing N N 206 
LJA C4  H4   sing N N 207 
LJA C5  H5   sing N N 208 
LJA C6  H6   sing N N 209 
LJA C8  H7   sing N N 210 
LJA C1  H8   sing N N 211 
LJA C1  H9   sing N N 212 
LJA C1  H10  sing N N 213 
LJA N2  H11  sing N N 214 
LYS N   CA   sing N N 215 
LYS N   H    sing N N 216 
LYS N   H2   sing N N 217 
LYS CA  C    sing N N 218 
LYS CA  CB   sing N N 219 
LYS CA  HA   sing N N 220 
LYS C   O    doub N N 221 
LYS C   OXT  sing N N 222 
LYS CB  CG   sing N N 223 
LYS CB  HB2  sing N N 224 
LYS CB  HB3  sing N N 225 
LYS CG  CD   sing N N 226 
LYS CG  HG2  sing N N 227 
LYS CG  HG3  sing N N 228 
LYS CD  CE   sing N N 229 
LYS CD  HD2  sing N N 230 
LYS CD  HD3  sing N N 231 
LYS CE  NZ   sing N N 232 
LYS CE  HE2  sing N N 233 
LYS CE  HE3  sing N N 234 
LYS NZ  HZ1  sing N N 235 
LYS NZ  HZ2  sing N N 236 
LYS NZ  HZ3  sing N N 237 
LYS OXT HXT  sing N N 238 
MET N   CA   sing N N 239 
MET N   H    sing N N 240 
MET N   H2   sing N N 241 
MET CA  C    sing N N 242 
MET CA  CB   sing N N 243 
MET CA  HA   sing N N 244 
MET C   O    doub N N 245 
MET C   OXT  sing N N 246 
MET CB  CG   sing N N 247 
MET CB  HB2  sing N N 248 
MET CB  HB3  sing N N 249 
MET CG  SD   sing N N 250 
MET CG  HG2  sing N N 251 
MET CG  HG3  sing N N 252 
MET SD  CE   sing N N 253 
MET CE  HE1  sing N N 254 
MET CE  HE2  sing N N 255 
MET CE  HE3  sing N N 256 
MET OXT HXT  sing N N 257 
PHE N   CA   sing N N 258 
PHE N   H    sing N N 259 
PHE N   H2   sing N N 260 
PHE CA  C    sing N N 261 
PHE CA  CB   sing N N 262 
PHE CA  HA   sing N N 263 
PHE C   O    doub N N 264 
PHE C   OXT  sing N N 265 
PHE CB  CG   sing N N 266 
PHE CB  HB2  sing N N 267 
PHE CB  HB3  sing N N 268 
PHE CG  CD1  doub Y N 269 
PHE CG  CD2  sing Y N 270 
PHE CD1 CE1  sing Y N 271 
PHE CD1 HD1  sing N N 272 
PHE CD2 CE2  doub Y N 273 
PHE CD2 HD2  sing N N 274 
PHE CE1 CZ   doub Y N 275 
PHE CE1 HE1  sing N N 276 
PHE CE2 CZ   sing Y N 277 
PHE CE2 HE2  sing N N 278 
PHE CZ  HZ   sing N N 279 
PHE OXT HXT  sing N N 280 
PRO N   CA   sing N N 281 
PRO N   CD   sing N N 282 
PRO N   H    sing N N 283 
PRO CA  C    sing N N 284 
PRO CA  CB   sing N N 285 
PRO CA  HA   sing N N 286 
PRO C   O    doub N N 287 
PRO C   OXT  sing N N 288 
PRO CB  CG   sing N N 289 
PRO CB  HB2  sing N N 290 
PRO CB  HB3  sing N N 291 
PRO CG  CD   sing N N 292 
PRO CG  HG2  sing N N 293 
PRO CG  HG3  sing N N 294 
PRO CD  HD2  sing N N 295 
PRO CD  HD3  sing N N 296 
PRO OXT HXT  sing N N 297 
SER N   CA   sing N N 298 
SER N   H    sing N N 299 
SER N   H2   sing N N 300 
SER CA  C    sing N N 301 
SER CA  CB   sing N N 302 
SER CA  HA   sing N N 303 
SER C   O    doub N N 304 
SER C   OXT  sing N N 305 
SER CB  OG   sing N N 306 
SER CB  HB2  sing N N 307 
SER CB  HB3  sing N N 308 
SER OG  HG   sing N N 309 
SER OXT HXT  sing N N 310 
THR N   CA   sing N N 311 
THR N   H    sing N N 312 
THR N   H2   sing N N 313 
THR CA  C    sing N N 314 
THR CA  CB   sing N N 315 
THR CA  HA   sing N N 316 
THR C   O    doub N N 317 
THR C   OXT  sing N N 318 
THR CB  OG1  sing N N 319 
THR CB  CG2  sing N N 320 
THR CB  HB   sing N N 321 
THR OG1 HG1  sing N N 322 
THR CG2 HG21 sing N N 323 
THR CG2 HG22 sing N N 324 
THR CG2 HG23 sing N N 325 
THR OXT HXT  sing N N 326 
TYR N   CA   sing N N 327 
TYR N   H    sing N N 328 
TYR N   H2   sing N N 329 
TYR CA  C    sing N N 330 
TYR CA  CB   sing N N 331 
TYR CA  HA   sing N N 332 
TYR C   O    doub N N 333 
TYR C   OXT  sing N N 334 
TYR CB  CG   sing N N 335 
TYR CB  HB2  sing N N 336 
TYR CB  HB3  sing N N 337 
TYR CG  CD1  doub Y N 338 
TYR CG  CD2  sing Y N 339 
TYR CD1 CE1  sing Y N 340 
TYR CD1 HD1  sing N N 341 
TYR CD2 CE2  doub Y N 342 
TYR CD2 HD2  sing N N 343 
TYR CE1 CZ   doub Y N 344 
TYR CE1 HE1  sing N N 345 
TYR CE2 CZ   sing Y N 346 
TYR CE2 HE2  sing N N 347 
TYR CZ  OH   sing N N 348 
TYR OH  HH   sing N N 349 
TYR OXT HXT  sing N N 350 
VAL N   CA   sing N N 351 
VAL N   H    sing N N 352 
VAL N   H2   sing N N 353 
VAL CA  C    sing N N 354 
VAL CA  CB   sing N N 355 
VAL CA  HA   sing N N 356 
VAL C   O    doub N N 357 
VAL C   OXT  sing N N 358 
VAL CB  CG1  sing N N 359 
VAL CB  CG2  sing N N 360 
VAL CB  HB   sing N N 361 
VAL CG1 HG11 sing N N 362 
VAL CG1 HG12 sing N N 363 
VAL CG1 HG13 sing N N 364 
VAL CG2 HG21 sing N N 365 
VAL CG2 HG22 sing N N 366 
VAL CG2 HG23 sing N N 367 
VAL OXT HXT  sing N N 368 
# 
_pdbx_audit_support.ordinal                1 
_pdbx_audit_support.funding_organization   'European Union (EU)' 
_pdbx_audit_support.grant_number           875510 
_pdbx_audit_support.country                'European Union' 
# 
_pdbx_deposit_group.group_id            G_1002273 
_pdbx_deposit_group.group_description   
;MAP1LC3B screened against the DSi-poised Fragment Library by X-ray Crystallography at the XChem facility of Diamond Light Source beamline I04-1
;
_pdbx_deposit_group.group_title         'PanDDA analysis group deposition' 
_pdbx_deposit_group.group_type          'changed state' 
# 
_atom_sites.entry_id                    7GAG 
_atom_sites.fract_transf_matrix[1][1]   -0.00198612 
_atom_sites.fract_transf_matrix[1][2]   0.00602102 
_atom_sites.fract_transf_matrix[1][3]   0.01511623 
_atom_sites.fract_transf_matrix[2][1]   -0.00450841 
_atom_sites.fract_transf_matrix[2][2]   -0.01483583 
_atom_sites.fract_transf_matrix[2][3]   0.00531697 
_atom_sites.fract_transf_matrix[3][1]   0.02687814 
_atom_sites.fract_transf_matrix[3][2]   -0.00604004 
_atom_sites.fract_transf_matrix[3][3]   0.00593735 
_atom_sites.fract_transf_vector[1]      0.185654 
_atom_sites.fract_transf_vector[2]      -0.382092 
_atom_sites.fract_transf_vector[3]      0.022035 
# 
loop_
_atom_type.symbol 
C  
CL 
N  
O  
S  
# 
loop_
_atom_site.group_PDB 
_atom_site.id 
_atom_site.type_symbol 
_atom_site.label_atom_id 
_atom_site.label_alt_id 
_atom_site.label_comp_id 
_atom_site.label_asym_id 
_atom_site.label_entity_id 
_atom_site.label_seq_id 
_atom_site.pdbx_PDB_ins_code 
_atom_site.Cartn_x 
_atom_site.Cartn_y 
_atom_site.Cartn_z 
_atom_site.occupancy 
_atom_site.B_iso_or_equiv 
_atom_site.pdbx_formal_charge 
_atom_site.auth_seq_id 
_atom_site.auth_comp_id 
_atom_site.auth_asym_id 
_atom_site.auth_atom_id 
_atom_site.pdbx_PDB_model_num 
ATOM   1    N  N   . LYS A 1 6   ? -11.654 -8.278  -9.559  1.00 59.24  ? 5   LYS A N   1 
ATOM   2    C  CA  . LYS A 1 6   ? -11.066 -8.877  -8.348  1.00 59.09  ? 5   LYS A CA  1 
ATOM   3    C  C   . LYS A 1 6   ? -10.161 -7.825  -7.684  1.00 50.63  ? 5   LYS A C   1 
ATOM   4    O  O   . LYS A 1 6   ? -10.455 -7.492  -6.535  1.00 50.23  ? 5   LYS A O   1 
ATOM   5    C  CB  . LYS A 1 6   ? -10.321 -10.177 -8.673  1.00 63.52  ? 5   LYS A CB  1 
ATOM   6    C  CG  . LYS A 1 6   ? -10.964 -11.439 -8.124  1.00 71.96  ? 5   LYS A CG  1 
ATOM   7    C  CD  . LYS A 1 6   ? -11.086 -11.448 -6.618  1.00 75.62  ? 5   LYS A CD  1 
ATOM   8    C  CE  . LYS A 1 6   ? -11.193 -12.847 -6.056  1.00 79.96  ? 5   LYS A CE  1 
ATOM   9    N  NZ  . LYS A 1 6   ? -12.182 -13.655 -6.811  1.00 84.38  ? 5   LYS A NZ  1 
ATOM   10   N  N   . THR A 1 7   ? -9.150  -7.291  -8.385  1.00 45.81  ? 6   THR A N   1 
ATOM   11   C  CA  . THR A 1 7   ? -8.243  -6.225  -7.847  1.00 43.09  ? 6   THR A CA  1 
ATOM   12   C  C   . THR A 1 7   ? -8.970  -4.881  -7.794  1.00 43.05  ? 6   THR A C   1 
ATOM   13   O  O   . THR A 1 7   ? -9.992  -4.685  -8.510  1.00 40.53  ? 6   THR A O   1 
ATOM   14   C  CB  . THR A 1 7   ? -6.943  -6.026  -8.639  1.00 43.81  ? 6   THR A CB  1 
ATOM   15   O  OG1 . THR A 1 7   ? -7.208  -5.346  -9.871  1.00 42.99  ? 6   THR A OG1 1 
ATOM   16   C  CG2 . THR A 1 7   ? -6.198  -7.320  -8.898  1.00 51.31  ? 6   THR A CG2 1 
ATOM   17   N  N   . PHE A 1 8   ? -8.402  -3.940  -7.034  1.00 36.89  ? 7   PHE A N   1 
ATOM   18   C  CA  . PHE A 1 8   ? -8.946  -2.569  -6.889  1.00 36.50  ? 7   PHE A CA  1 
ATOM   19   C  C   . PHE A 1 8   ? -9.150  -1.902  -8.253  1.00 33.90  ? 7   PHE A C   1 
ATOM   20   O  O   . PHE A 1 8   ? -10.251 -1.346  -8.523  1.00 37.76  ? 7   PHE A O   1 
ATOM   21   C  CB  . PHE A 1 8   ? -8.025  -1.763  -5.966  1.00 34.64  ? 7   PHE A CB  1 
ATOM   22   C  CG  . PHE A 1 8   ? -8.570  -0.403  -5.652  1.00 33.94  ? 7   PHE A CG  1 
ATOM   23   C  CD1 . PHE A 1 8   ? -9.678  -0.262  -4.835  1.00 34.01  ? 7   PHE A CD1 1 
ATOM   24   C  CD2 . PHE A 1 8   ? -8.015  0.728   -6.234  1.00 31.20  ? 7   PHE A CD2 1 
ATOM   25   C  CE1 . PHE A 1 8   ? -10.197 0.990   -4.552  1.00 34.01  ? 7   PHE A CE1 1 
ATOM   26   C  CE2 . PHE A 1 8   ? -8.536  1.979   -5.949  1.00 31.98  ? 7   PHE A CE2 1 
ATOM   27   C  CZ  . PHE A 1 8   ? -9.619  2.109   -5.109  1.00 33.64  ? 7   PHE A CZ  1 
ATOM   28   N  N   . LYS A 1 9   ? -8.143  -1.953  -9.131  1.00 36.20  ? 8   LYS A N   1 
ATOM   29   C  CA  . LYS A 1 9   ? -8.204  -1.230  -10.433 1.00 34.11  ? 8   LYS A CA  1 
ATOM   30   C  C   . LYS A 1 9   ? -9.311  -1.833  -11.323 1.00 36.38  ? 8   LYS A C   1 
ATOM   31   O  O   . LYS A 1 9   ? -9.867  -1.100  -12.191 1.00 36.94  ? 8   LYS A O   1 
ATOM   32   C  CB  . LYS A 1 9   ? -6.834  -1.248  -11.122 1.00 37.95  ? 8   LYS A CB  1 
ATOM   33   C  CG  . LYS A 1 9   ? -5.813  -0.278  -10.558 1.00 37.68  ? 8   LYS A CG  1 
ATOM   34   C  CD  . LYS A 1 9   ? -4.635  -0.088  -11.493 1.00 40.19  ? 8   LYS A CD  1 
ATOM   35   C  CE  . LYS A 1 9   ? -3.693  1.007   -11.044 1.00 38.16  ? 8   LYS A CE  1 
ATOM   36   N  NZ  . LYS A 1 9   ? -2.482  1.075   -11.906 1.00 38.80  ? 8   LYS A NZ  1 
ATOM   37   N  N   . GLN A 1 10  ? -9.631  -3.106  -11.108 1.00 39.48  ? 9   GLN A N   1 
ATOM   38   C  CA  . GLN A 1 10  ? -10.715 -3.831  -11.830 1.00 42.97  ? 9   GLN A CA  1 
ATOM   39   C  C   . GLN A 1 10  ? -12.110 -3.504  -11.269 1.00 43.58  ? 9   GLN A C   1 
ATOM   40   O  O   . GLN A 1 10  ? -13.064 -3.536  -12.037 1.00 47.54  ? 9   GLN A O   1 
ATOM   41   C  CB  . GLN A 1 10  ? -10.444 -5.333  -11.763 1.00 45.08  ? 9   GLN A CB  1 
ATOM   42   C  CG  . GLN A 1 10  ? -9.209  -5.734  -12.546 1.00 48.94  ? 9   GLN A CG  1 
ATOM   43   C  CD  . GLN A 1 10  ? -8.792  -7.165  -12.315 1.00 50.51  ? 9   GLN A CD  1 
ATOM   44   O  OE1 . GLN A 1 10  ? -9.240  -7.851  -11.387 1.00 55.47  ? 9   GLN A OE1 1 
ATOM   45   N  NE2 . GLN A 1 10  ? -7.928  -7.638  -13.193 1.00 59.56  ? 9   GLN A NE2 1 
ATOM   46   N  N   A ARG A 1 11  ? -12.202 -3.198  -9.969  0.34 39.88  ? 10  ARG A N   1 
ATOM   47   N  N   B ARG A 1 11  ? -12.203 -3.188  -9.973  0.17 41.00  ? 10  ARG A N   1 
ATOM   48   C  CA  A ARG A 1 11  ? -13.475 -2.910  -9.249  0.34 40.68  ? 10  ARG A CA  1 
ATOM   49   C  CA  B ARG A 1 11  ? -13.483 -2.915  -9.262  0.17 40.66  ? 10  ARG A CA  1 
ATOM   50   C  C   A ARG A 1 11  ? -13.922 -1.466  -9.502  0.34 40.85  ? 10  ARG A C   1 
ATOM   51   C  C   B ARG A 1 11  ? -13.922 -1.462  -9.479  0.17 40.51  ? 10  ARG A C   1 
ATOM   52   O  O   A ARG A 1 11  ? -15.141 -1.236  -9.562  0.34 39.79  ? 10  ARG A O   1 
ATOM   53   O  O   B ARG A 1 11  ? -15.145 -1.226  -9.510  0.17 39.88  ? 10  ARG A O   1 
ATOM   54   C  CB  A ARG A 1 11  ? -13.300 -3.108  -7.740  0.34 42.69  ? 10  ARG A CB  1 
ATOM   55   C  CB  B ARG A 1 11  ? -13.329 -3.207  -7.765  0.17 41.42  ? 10  ARG A CB  1 
ATOM   56   C  CG  A ARG A 1 11  ? -13.145 -4.563  -7.324  0.34 47.04  ? 10  ARG A CG  1 
ATOM   57   C  CG  B ARG A 1 11  ? -13.271 -4.691  -7.439  0.17 43.11  ? 10  ARG A CG  1 
ATOM   58   C  CD  A ARG A 1 11  ? -13.283 -4.762  -5.830  0.34 50.24  ? 10  ARG A CD  1 
ATOM   59   C  CD  B ARG A 1 11  ? -13.178 -4.976  -5.953  0.17 43.84  ? 10  ARG A CD  1 
ATOM   60   N  NE  A ARG A 1 11  ? -11.998 -4.737  -5.147  0.34 52.01  ? 10  ARG A NE  1 
ATOM   61   N  NE  B ARG A 1 11  ? -11.835 -5.359  -5.545  0.17 44.83  ? 10  ARG A NE  1 
ATOM   62   C  CZ  A ARG A 1 11  ? -11.691 -3.908  -4.166  0.34 52.74  ? 10  ARG A CZ  1 
ATOM   63   C  CZ  B ARG A 1 11  ? -11.145 -4.774  -4.577  0.17 42.91  ? 10  ARG A CZ  1 
ATOM   64   N  NH1 A ARG A 1 11  ? -12.584 -3.029  -3.748  0.34 58.31  ? 10  ARG A NH1 1 
ATOM   65   N  NH1 B ARG A 1 11  ? -11.671 -3.772  -3.896  0.17 43.59  ? 10  ARG A NH1 1 
ATOM   66   N  NH2 A ARG A 1 11  ? -10.500 -3.963  -3.600  0.34 52.55  ? 10  ARG A NH2 1 
ATOM   67   N  NH2 B ARG A 1 11  ? -9.935  -5.201  -4.283  0.17 44.08  ? 10  ARG A NH2 1 
ATOM   68   N  N   . ARG A 1 12  ? -12.969 -0.528  -9.599  1.00 38.75  ? 11  ARG A N   1 
ATOM   69   C  CA  . ARG A 1 12  ? -13.272 0.919   -9.746  1.00 40.18  ? 11  ARG A CA  1 
ATOM   70   C  C   . ARG A 1 12  ? -12.708 1.419   -11.071 1.00 33.84  ? 11  ARG A C   1 
ATOM   71   O  O   . ARG A 1 12  ? -11.572 1.074   -11.377 1.00 37.07  ? 11  ARG A O   1 
ATOM   72   C  CB  . ARG A 1 12  ? -12.685 1.714   -8.577  1.00 41.27  ? 11  ARG A CB  1 
ATOM   73   C  CG  . ARG A 1 12  ? -13.125 1.207   -7.207  1.00 44.45  ? 11  ARG A CG  1 
ATOM   74   C  CD  . ARG A 1 12  ? -14.544 1.620   -6.913  1.00 44.98  ? 11  ARG A CD  1 
ATOM   75   N  NE  . ARG A 1 12  ? -14.677 3.038   -6.617  1.00 51.26  ? 11  ARG A NE  1 
ATOM   76   C  CZ  . ARG A 1 12  ? -15.833 3.677   -6.412  1.00 50.86  ? 11  ARG A CZ  1 
ATOM   77   N  NH1 . ARG A 1 12  ? -16.984 3.035   -6.473  1.00 52.31  ? 11  ARG A NH1 1 
ATOM   78   N  NH2 . ARG A 1 12  ? -15.839 4.963   -6.115  1.00 55.45  ? 11  ARG A NH2 1 
ATOM   79   N  N   . THR A 1 13  ? -13.480 2.257   -11.754 1.00 31.95  ? 12  THR A N   1 
ATOM   80   C  CA  . THR A 1 13  ? -13.068 2.906   -13.022 1.00 33.63  ? 12  THR A CA  1 
ATOM   81   C  C   . THR A 1 13  ? -11.929 3.894   -12.718 1.00 36.25  ? 12  THR A C   1 
ATOM   82   O  O   . THR A 1 13  ? -11.805 4.367   -11.571 1.00 31.47  ? 12  THR A O   1 
ATOM   83   C  CB  . THR A 1 13  ? -14.238 3.590   -13.732 1.00 33.00  ? 12  THR A CB  1 
ATOM   84   O  OG1 . THR A 1 13  ? -14.653 4.740   -12.989 1.00 35.42  ? 12  THR A OG1 1 
ATOM   85   C  CG2 . THR A 1 13  ? -15.431 2.678   -13.971 1.00 36.42  ? 12  THR A CG2 1 
ATOM   86   N  N   . PHE A 1 14  ? -11.183 4.287   -13.729 1.00 33.70  ? 13  PHE A N   1 
ATOM   87   C  CA  . PHE A 1 14  ? -10.124 5.312   -13.598 1.00 35.45  ? 13  PHE A CA  1 
ATOM   88   C  C   . PHE A 1 14  ? -10.745 6.606   -13.055 1.00 36.46  ? 13  PHE A C   1 
ATOM   89   O  O   . PHE A 1 14  ? -10.152 7.195   -12.116 1.00 33.05  ? 13  PHE A O   1 
ATOM   90   C  CB  . PHE A 1 14  ? -9.389  5.521   -14.930 1.00 32.80  ? 13  PHE A CB  1 
ATOM   91   C  CG  . PHE A 1 14  ? -8.302  6.558   -14.819 1.00 31.66  ? 13  PHE A CG  1 
ATOM   92   C  CD1 . PHE A 1 14  ? -7.054  6.209   -14.354 1.00 31.67  ? 13  PHE A CD1 1 
ATOM   93   C  CD2 . PHE A 1 14  ? -8.554  7.888   -15.110 1.00 34.08  ? 13  PHE A CD2 1 
ATOM   94   C  CE1 . PHE A 1 14  ? -6.062  7.163   -14.198 1.00 31.51  ? 13  PHE A CE1 1 
ATOM   95   C  CE2 . PHE A 1 14  ? -7.566  8.849   -14.937 1.00 34.33  ? 13  PHE A CE2 1 
ATOM   96   C  CZ  . PHE A 1 14  ? -6.313  8.476   -14.522 1.00 32.40  ? 13  PHE A CZ  1 
ATOM   97   N  N   . GLU A 1 15  ? -11.909 7.015   -13.583 1.00 31.44  ? 14  GLU A N   1 
ATOM   98   C  CA  . GLU A 1 15  ? -12.645 8.235   -13.180 1.00 33.35  ? 14  GLU A CA  1 
ATOM   99   C  C   . GLU A 1 15  ? -12.990 8.150   -11.690 1.00 32.77  ? 14  GLU A C   1 
ATOM   100  O  O   . GLU A 1 15  ? -12.852 9.152   -10.959 1.00 33.24  ? 14  GLU A O   1 
ATOM   101  C  CB  . GLU A 1 15  ? -13.934 8.338   -13.997 1.00 37.84  ? 14  GLU A CB  1 
ATOM   102  C  CG  . GLU A 1 15  ? -14.633 9.678   -13.923 1.00 45.46  ? 14  GLU A CG  1 
ATOM   103  C  CD  . GLU A 1 15  ? -15.869 9.762   -14.812 1.00 51.87  ? 14  GLU A CD  1 
ATOM   104  O  OE1 . GLU A 1 15  ? -16.349 8.697   -15.263 1.00 53.79  ? 14  GLU A OE1 1 
ATOM   105  O  OE2 . GLU A 1 15  ? -16.376 10.885  -15.013 1.00 60.59  ? 14  GLU A OE2 1 
ATOM   106  N  N   . GLN A 1 16  ? -13.467 6.986   -11.276 1.00 30.73  ? 15  GLN A N   1 
ATOM   107  C  CA  . GLN A 1 16  ? -13.879 6.753   -9.868  1.00 29.73  ? 15  GLN A CA  1 
ATOM   108  C  C   . GLN A 1 16  ? -12.673 6.836   -8.921  1.00 30.09  ? 15  GLN A C   1 
ATOM   109  O  O   . GLN A 1 16  ? -12.795 7.419   -7.794  1.00 31.22  ? 15  GLN A O   1 
ATOM   110  C  CB  . GLN A 1 16  ? -14.572 5.409   -9.727  1.00 31.73  ? 15  GLN A CB  1 
ATOM   111  C  CG  . GLN A 1 16  ? -16.029 5.461   -10.134 1.00 34.79  ? 15  GLN A CG  1 
ATOM   112  C  CD  . GLN A 1 16  ? -16.653 4.092   -10.147 1.00 33.76  ? 15  GLN A CD  1 
ATOM   113  O  OE1 . GLN A 1 16  ? -15.976 3.073   -10.237 1.00 33.17  ? 15  GLN A OE1 1 
ATOM   114  N  NE2 . GLN A 1 16  ? -17.969 4.067   -10.020 1.00 35.73  ? 15  GLN A NE2 1 
ATOM   115  N  N   A ARG A 1 17  ? -11.532 6.271   -9.325  0.15 30.29  ? 16  ARG A N   1 
ATOM   116  N  N   B ARG A 1 17  ? -11.536 6.267   -9.317  0.35 29.09  ? 16  ARG A N   1 
ATOM   117  C  CA  A ARG A 1 17  ? -10.294 6.235   -8.497  0.15 30.70  ? 16  ARG A CA  1 
ATOM   118  C  CA  B ARG A 1 17  ? -10.311 6.262   -8.471  0.35 29.40  ? 16  ARG A CA  1 
ATOM   119  C  C   A ARG A 1 17  ? -9.722  7.653   -8.381  0.15 30.62  ? 16  ARG A C   1 
ATOM   120  C  C   B ARG A 1 17  ? -9.794  7.697   -8.358  0.35 30.72  ? 16  ARG A C   1 
ATOM   121  O  O   A ARG A 1 17  ? -9.269  8.017   -7.272  0.15 30.47  ? 16  ARG A O   1 
ATOM   122  O  O   B ARG A 1 17  ? -9.489  8.137   -7.224  0.35 30.00  ? 16  ARG A O   1 
ATOM   123  C  CB  A ARG A 1 17  ? -9.288  5.232   -9.072  0.15 31.69  ? 16  ARG A CB  1 
ATOM   124  C  CB  B ARG A 1 17  ? -9.292  5.257   -9.018  0.35 29.47  ? 16  ARG A CB  1 
ATOM   125  C  CG  A ARG A 1 17  ? -9.791  3.796   -9.087  0.15 32.84  ? 16  ARG A CG  1 
ATOM   126  C  CG  B ARG A 1 17  ? -9.747  3.814   -8.886  0.35 29.94  ? 16  ARG A CG  1 
ATOM   127  C  CD  A ARG A 1 17  ? -8.736  2.768   -9.453  0.15 33.96  ? 16  ARG A CD  1 
ATOM   128  C  CD  B ARG A 1 17  ? -8.782  2.788   -9.457  0.35 30.55  ? 16  ARG A CD  1 
ATOM   129  N  NE  A ARG A 1 17  ? -7.931  3.138   -10.607 0.15 36.72  ? 16  ARG A NE  1 
ATOM   130  N  NE  B ARG A 1 17  ? -9.098  2.368   -10.816 0.35 33.82  ? 16  ARG A NE  1 
ATOM   131  C  CZ  A ARG A 1 17  ? -7.992  2.551   -11.798 0.15 37.71  ? 16  ARG A CZ  1 
ATOM   132  C  CZ  B ARG A 1 17  ? -8.305  2.555   -11.867 0.35 36.71  ? 16  ARG A CZ  1 
ATOM   133  N  NH1 A ARG A 1 17  ? -8.835  1.554   -12.010 0.15 36.69  ? 16  ARG A NH1 1 
ATOM   134  N  NH1 B ARG A 1 17  ? -7.144  3.176   -11.727 0.35 36.27  ? 16  ARG A NH1 1 
ATOM   135  N  NH2 A ARG A 1 17  ? -7.211  2.968   -12.778 0.15 38.27  ? 16  ARG A NH2 1 
ATOM   136  N  NH2 B ARG A 1 17  ? -8.681  2.128   -13.060 0.35 34.68  ? 16  ARG A NH2 1 
ATOM   137  N  N   . VAL A 1 18  ? -9.746  8.428   -9.471  1.00 27.49  ? 17  VAL A N   1 
ATOM   138  C  CA  . VAL A 1 18  ? -9.291  9.844   -9.450  1.00 30.59  ? 17  VAL A CA  1 
ATOM   139  C  C   . VAL A 1 18  ? -10.180 10.645  -8.490  1.00 33.38  ? 17  VAL A C   1 
ATOM   140  O  O   . VAL A 1 18  ? -9.644  11.420  -7.636  1.00 31.54  ? 17  VAL A O   1 
ATOM   141  C  CB  . VAL A 1 18  ? -9.276  10.415  -10.868 1.00 31.43  ? 17  VAL A CB  1 
ATOM   142  C  CG1 . VAL A 1 18  ? -9.248  11.933  -10.856 1.00 34.31  ? 17  VAL A CG1 1 
ATOM   143  C  CG2 . VAL A 1 18  ? -8.082  9.828   -11.602 1.00 34.83  ? 17  VAL A CG2 1 
ATOM   144  N  N   . GLU A 1 19  ? -11.503 10.467  -8.582  1.00 31.71  ? 18  GLU A N   1 
ATOM   145  C  CA  . GLU A 1 19  ? -12.416 11.277  -7.753  1.00 33.62  ? 18  GLU A CA  1 
ATOM   146  C  C   . GLU A 1 19  ? -12.263 10.861  -6.294  1.00 32.32  ? 18  GLU A C   1 
ATOM   147  O  O   . GLU A 1 19  ? -12.399 11.752  -5.425  1.00 35.23  ? 18  GLU A O   1 
ATOM   148  C  CB  . GLU A 1 19  ? -13.885 11.181  -8.191  1.00 39.59  ? 18  GLU A CB  1 
ATOM   149  C  CG  . GLU A 1 19  ? -14.201 12.063  -9.376  1.00 44.59  ? 18  GLU A CG  1 
ATOM   150  C  CD  . GLU A 1 19  ? -13.750 13.508  -9.283  1.00 45.16  ? 18  GLU A CD  1 
ATOM   151  O  OE1 . GLU A 1 19  ? -14.008 14.136  -8.221  1.00 52.35  ? 18  GLU A OE1 1 
ATOM   152  O  OE2 . GLU A 1 19  ? -13.130 14.003  -10.262 1.00 50.02  ? 18  GLU A OE2 1 
ATOM   153  N  N   . ASP A 1 20  ? -12.016 9.593   -5.993  1.00 29.14  ? 19  ASP A N   1 
ATOM   154  C  CA  . ASP A 1 20  ? -11.826 9.207   -4.577  1.00 32.06  ? 19  ASP A CA  1 
ATOM   155  C  C   . ASP A 1 20  ? -10.548 9.826   -4.001  1.00 32.64  ? 19  ASP A C   1 
ATOM   156  O  O   . ASP A 1 20  ? -10.587 10.244  -2.823  1.00 30.66  ? 19  ASP A O   1 
ATOM   157  C  CB  . ASP A 1 20  ? -11.789 7.714   -4.332  1.00 35.28  ? 19  ASP A CB  1 
ATOM   158  C  CG  . ASP A 1 20  ? -12.033 7.457   -2.847  1.00 47.39  ? 19  ASP A CG  1 
ATOM   159  O  OD1 . ASP A 1 20  ? -11.577 6.412   -2.362  1.00 51.01  ? 19  ASP A OD1 1 
ATOM   160  O  OD2 . ASP A 1 20  ? -12.641 8.354   -2.152  1.00 50.71  ? 19  ASP A OD2 1 
ATOM   161  N  N   . VAL A 1 21  ? -9.450  9.884   -4.768  1.00 28.64  ? 20  VAL A N   1 
ATOM   162  C  CA  . VAL A 1 21  ? -8.199  10.529  -4.293  1.00 28.44  ? 20  VAL A CA  1 
ATOM   163  C  C   . VAL A 1 21  ? -8.468  12.026  -4.061  1.00 29.81  ? 20  VAL A C   1 
ATOM   164  O  O   . VAL A 1 21  ? -8.009  12.567  -3.041  1.00 28.41  ? 20  VAL A O   1 
ATOM   165  C  CB  . VAL A 1 21  ? -7.031  10.288  -5.273  1.00 27.69  ? 20  VAL A CB  1 
ATOM   166  C  CG1 . VAL A 1 21  ? -5.853  11.223  -4.989  1.00 29.17  ? 20  VAL A CG1 1 
ATOM   167  C  CG2 . VAL A 1 21  ? -6.609  8.843   -5.254  1.00 26.58  ? 20  VAL A CG2 1 
ATOM   168  N  N   . ARG A 1 22  ? -9.262  12.670  -4.905  1.00 29.27  ? 21  ARG A N   1 
ATOM   169  C  CA  . ARG A 1 22  ? -9.579  14.109  -4.751  1.00 30.96  ? 21  ARG A CA  1 
ATOM   170  C  C   . ARG A 1 22  ? -10.361 14.342  -3.448  1.00 31.79  ? 21  ARG A C   1 
ATOM   171  O  O   . ARG A 1 22  ? -10.081 15.366  -2.771  1.00 30.01  ? 21  ARG A O   1 
ATOM   172  C  CB  . ARG A 1 22  ? -10.286 14.595  -6.018  1.00 32.50  ? 21  ARG A CB  1 
ATOM   173  C  CG  . ARG A 1 22  ? -9.373  14.672  -7.227  1.00 34.29  ? 21  ARG A CG  1 
ATOM   174  C  CD  . ARG A 1 22  ? -10.186 15.059  -8.455  1.00 35.25  ? 21  ARG A CD  1 
ATOM   175  N  NE  . ARG A 1 22  ? -9.384  15.183  -9.653  1.00 41.90  ? 21  ARG A NE  1 
ATOM   176  C  CZ  . ARG A 1 22  ? -9.895  15.461  -10.853 1.00 38.87  ? 21  ARG A CZ  1 
ATOM   177  N  NH1 . ARG A 1 22  ? -11.197 15.604  -11.008 1.00 40.76  ? 21  ARG A NH1 1 
ATOM   178  N  NH2 . ARG A 1 22  ? -9.103  15.531  -11.892 1.00 43.46  ? 21  ARG A NH2 1 
ATOM   179  N  N   . LEU A 1 23  ? -11.314 13.480  -3.102  1.00 32.33  ? 22  LEU A N   1 
ATOM   180  C  CA  . LEU A 1 23  ? -12.091 13.585  -1.828  1.00 35.20  ? 22  LEU A CA  1 
ATOM   181  C  C   . LEU A 1 23  ? -11.167 13.394  -0.608  1.00 34.70  ? 22  LEU A C   1 
ATOM   182  O  O   . LEU A 1 23  ? -11.350 14.105  0.392   1.00 33.01  ? 22  LEU A O   1 
ATOM   183  C  CB  . LEU A 1 23  ? -13.172 12.500  -1.803  1.00 37.92  ? 22  LEU A CB  1 
ATOM   184  C  CG  . LEU A 1 23  ? -14.089 12.508  -0.578  1.00 40.41  ? 22  LEU A CG  1 
ATOM   185  C  CD1 . LEU A 1 23  ? -14.988 13.733  -0.585  1.00 39.54  ? 22  LEU A CD1 1 
ATOM   186  C  CD2 . LEU A 1 23  ? -14.910 11.240  -0.494  1.00 41.25  ? 22  LEU A CD2 1 
ATOM   187  N  N   . ILE A 1 24  ? -10.218 12.457  -0.663  1.00 30.41  ? 23  ILE A N   1 
ATOM   188  C  CA  . ILE A 1 24  ? -9.213  12.238  0.432   1.00 27.84  ? 23  ILE A CA  1 
ATOM   189  C  C   . ILE A 1 24  ? -8.359  13.511  0.565   1.00 26.19  ? 23  ILE A C   1 
ATOM   190  O  O   . ILE A 1 24  ? -8.089  13.905  1.706   1.00 27.09  ? 23  ILE A O   1 
ATOM   191  C  CB  . ILE A 1 24  ? -8.412  10.946  0.186   1.00 30.46  ? 23  ILE A CB  1 
ATOM   192  C  CG1 . ILE A 1 24  ? -9.349  9.734   0.144   1.00 31.06  ? 23  ILE A CG1 1 
ATOM   193  C  CG2 . ILE A 1 24  ? -7.290  10.786  1.197   1.00 30.41  ? 23  ILE A CG2 1 
ATOM   194  C  CD1 . ILE A 1 24  ? -8.695  8.464   -0.328  1.00 33.26  ? 23  ILE A CD1 1 
ATOM   195  N  N   . ARG A 1 25  ? -7.994  14.188  -0.524  1.00 25.83  ? 24  ARG A N   1 
ATOM   196  C  CA  . ARG A 1 25  ? -7.242  15.468  -0.450  1.00 27.09  ? 24  ARG A CA  1 
ATOM   197  C  C   . ARG A 1 25  ? -8.094  16.516  0.282   1.00 28.87  ? 24  ARG A C   1 
ATOM   198  O  O   . ARG A 1 25  ? -7.559  17.292  1.121   1.00 27.98  ? 24  ARG A O   1 
ATOM   199  C  CB  . ARG A 1 25  ? -6.872  15.950  -1.847  1.00 28.10  ? 24  ARG A CB  1 
ATOM   200  C  CG  . ARG A 1 25  ? -5.739  15.172  -2.494  1.00 30.33  ? 24  ARG A CG  1 
ATOM   201  C  CD  . ARG A 1 25  ? -5.122  15.983  -3.622  1.00 34.61  ? 24  ARG A CD  1 
ATOM   202  N  NE  . ARG A 1 25  ? -4.446  15.071  -4.530  1.00 40.76  ? 24  ARG A NE  1 
ATOM   203  C  CZ  . ARG A 1 25  ? -4.830  14.801  -5.784  1.00 44.26  ? 24  ARG A CZ  1 
ATOM   204  N  NH1 . ARG A 1 25  ? -5.889  15.381  -6.332  1.00 42.85  ? 24  ARG A NH1 1 
ATOM   205  N  NH2 . ARG A 1 25  ? -4.144  13.919  -6.482  1.00 44.65  ? 24  ARG A NH2 1 
ATOM   206  N  N   . GLU A 1 26  ? -9.390  16.548  -0.021  1.00 31.36  ? 25  GLU A N   1 
ATOM   207  C  CA  . GLU A 1 26  ? -10.333 17.531  0.576   1.00 34.40  ? 25  GLU A CA  1 
ATOM   208  C  C   . GLU A 1 26  ? -10.567 17.184  2.051   1.00 30.45  ? 25  GLU A C   1 
ATOM   209  O  O   . GLU A 1 26  ? -10.498 18.106  2.871   1.00 31.97  ? 25  GLU A O   1 
ATOM   210  C  CB  . GLU A 1 26  ? -11.608 17.575  -0.272  1.00 41.55  ? 25  GLU A CB  1 
ATOM   211  C  CG  . GLU A 1 26  ? -12.552 18.698  0.093   1.00 49.62  ? 25  GLU A CG  1 
ATOM   212  C  CD  . GLU A 1 26  ? -12.095 20.105  -0.261  1.00 53.23  ? 25  GLU A CD  1 
ATOM   213  O  OE1 . GLU A 1 26  ? -11.139 20.279  -1.065  1.00 52.55  ? 25  GLU A OE1 1 
ATOM   214  O  OE2 . GLU A 1 26  ? -12.710 21.035  0.272   1.00 62.34  ? 25  GLU A OE2 1 
ATOM   215  N  N   . GLN A 1 27  ? -10.821 15.931  2.395   1.00 27.88  ? 26  GLN A N   1 
ATOM   216  C  CA  . GLN A 1 27  ? -11.294 15.533  3.750   1.00 28.62  ? 26  GLN A CA  1 
ATOM   217  C  C   . GLN A 1 27  ? -10.150 15.111  4.667   1.00 32.19  ? 26  GLN A C   1 
ATOM   218  O  O   . GLN A 1 27  ? -10.325 15.159  5.887   1.00 28.72  ? 26  GLN A O   1 
ATOM   219  C  CB  . GLN A 1 27  ? -12.335 14.443  3.618   1.00 34.27  ? 26  GLN A CB  1 
ATOM   220  C  CG  . GLN A 1 27  ? -13.560 14.956  2.885   1.00 39.23  ? 26  GLN A CG  1 
ATOM   221  C  CD  . GLN A 1 27  ? -14.667 13.942  2.929   1.00 44.22  ? 26  GLN A CD  1 
ATOM   222  O  OE1 . GLN A 1 27  ? -14.414 12.752  3.084   1.00 42.81  ? 26  GLN A OE1 1 
ATOM   223  N  NE2 . GLN A 1 27  ? -15.899 14.421  2.761   1.00 47.54  ? 26  GLN A NE2 1 
ATOM   224  N  N   . HIS A 1 28  ? -9.037  14.635  4.124   1.00 29.00  ? 27  HIS A N   1 
ATOM   225  C  CA  . HIS A 1 28  ? -7.940  14.071  4.936   1.00 28.00  ? 27  HIS A CA  1 
ATOM   226  C  C   . HIS A 1 28  ? -6.660  14.601  4.328   1.00 24.31  ? 27  HIS A C   1 
ATOM   227  O  O   . HIS A 1 28  ? -5.850  13.797  3.897   1.00 24.30  ? 27  HIS A O   1 
ATOM   228  C  CB  . HIS A 1 28  ? -7.984  12.540  4.965   1.00 30.61  ? 27  HIS A CB  1 
ATOM   229  C  CG  . HIS A 1 28  ? -9.274  12.014  5.488   1.00 36.26  ? 27  HIS A CG  1 
ATOM   230  N  ND1 . HIS A 1 28  ? -9.549  12.004  6.828   1.00 35.64  ? 27  HIS A ND1 1 
ATOM   231  C  CD2 . HIS A 1 28  ? -10.354 11.490  4.853   1.00 37.58  ? 27  HIS A CD2 1 
ATOM   232  C  CE1 . HIS A 1 28  ? -10.765 11.510  7.009   1.00 40.74  ? 27  HIS A CE1 1 
ATOM   233  N  NE2 . HIS A 1 28  ? -11.285 11.203  5.807   1.00 39.29  ? 27  HIS A NE2 1 
ATOM   234  N  N   . PRO A 1 29  ? -6.468  15.930  4.303   1.00 25.28  ? 28  PRO A N   1 
ATOM   235  C  CA  . PRO A 1 29  ? -5.369  16.541  3.552   1.00 26.16  ? 28  PRO A CA  1 
ATOM   236  C  C   . PRO A 1 29  ? -3.977  16.057  3.990   1.00 23.98  ? 28  PRO A C   1 
ATOM   237  O  O   . PRO A 1 29  ? -3.085  16.073  3.101   1.00 26.29  ? 28  PRO A O   1 
ATOM   238  C  CB  . PRO A 1 29  ? -5.551  18.051  3.754   1.00 27.01  ? 28  PRO A CB  1 
ATOM   239  C  CG  . PRO A 1 29  ? -6.369  18.137  5.047   1.00 26.66  ? 28  PRO A CG  1 
ATOM   240  C  CD  . PRO A 1 29  ? -7.309  16.959  4.955   1.00 28.98  ? 28  PRO A CD  1 
ATOM   241  N  N   . THR A 1 30  ? -3.789  15.596  5.231   1.00 24.41  ? 29  THR A N   1 
ATOM   242  C  CA  . THR A 1 30  ? -2.438  15.188  5.728   1.00 25.14  ? 29  THR A CA  1 
ATOM   243  C  C   . THR A 1 30  ? -2.175  13.691  5.480   1.00 24.88  ? 29  THR A C   1 
ATOM   244  O  O   . THR A 1 30  ? -1.097  13.213  5.905   1.00 26.66  ? 29  THR A O   1 
ATOM   245  C  CB  . THR A 1 30  ? -2.212  15.511  7.207   1.00 24.83  ? 29  THR A CB  1 
ATOM   246  O  OG1 . THR A 1 30  ? -2.968  14.625  8.055   1.00 24.96  ? 29  THR A OG1 1 
ATOM   247  C  CG2 . THR A 1 30  ? -2.510  16.954  7.511   1.00 25.07  ? 29  THR A CG2 1 
ATOM   248  N  N   . LYS A 1 31  ? -3.095  12.966  4.833   1.00 26.17  ? 30  LYS A N   1 
ATOM   249  C  CA  . LYS A 1 31  ? -2.971  11.500  4.665   1.00 24.30  ? 30  LYS A CA  1 
ATOM   250  C  C   . LYS A 1 31  ? -2.549  11.157  3.239   1.00 24.62  ? 30  LYS A C   1 
ATOM   251  O  O   . LYS A 1 31  ? -2.979  11.840  2.276   1.00 26.39  ? 30  LYS A O   1 
ATOM   252  C  CB  . LYS A 1 31  ? -4.290  10.801  4.996   1.00 25.62  ? 30  LYS A CB  1 
ATOM   253  C  CG  . LYS A 1 31  ? -4.781  11.007  6.426   1.00 30.25  ? 30  LYS A CG  1 
ATOM   254  C  CD  . LYS A 1 31  ? -3.779  10.644  7.504   1.00 31.33  ? 30  LYS A CD  1 
ATOM   255  C  CE  . LYS A 1 31  ? -4.119  11.313  8.823   1.00 38.55  ? 30  LYS A CE  1 
ATOM   256  N  NZ  . LYS A 1 31  ? -5.396  10.797  9.338   1.00 37.77  ? 30  LYS A NZ  1 
ATOM   257  N  N   . ILE A 1 32  ? -1.767  10.086  3.124   1.00 23.69  ? 31  ILE A N   1 
ATOM   258  C  CA  . ILE A 1 32  ? -1.414  9.482   1.813   1.00 23.68  ? 31  ILE A CA  1 
ATOM   259  C  C   . ILE A 1 32  ? -2.451  8.398   1.521   1.00 23.06  ? 31  ILE A C   1 
ATOM   260  O  O   . ILE A 1 32  ? -2.646  7.493   2.351   1.00 23.98  ? 31  ILE A O   1 
ATOM   261  C  CB  . ILE A 1 32  ? 0.027   8.935   1.802   1.00 22.87  ? 31  ILE A CB  1 
ATOM   262  C  CG1 . ILE A 1 32  ? 1.056   10.036  2.086   1.00 24.99  ? 31  ILE A CG1 1 
ATOM   263  C  CG2 . ILE A 1 32  ? 0.290   8.243   0.471   1.00 22.17  ? 31  ILE A CG2 1 
ATOM   264  C  CD1 . ILE A 1 32  ? 0.913   11.297  1.244   1.00 27.26  ? 31  ILE A CD1 1 
ATOM   265  N  N   . PRO A 1 33  ? -3.079  8.427   0.332   1.00 22.84  ? 32  PRO A N   1 
ATOM   266  C  CA  . PRO A 1 33  ? -4.020  7.372   -0.058  1.00 24.16  ? 32  PRO A CA  1 
ATOM   267  C  C   . PRO A 1 33  ? -3.312  6.126   -0.589  1.00 24.49  ? 32  PRO A C   1 
ATOM   268  O  O   . PRO A 1 33  ? -2.632  6.234   -1.624  1.00 26.61  ? 32  PRO A O   1 
ATOM   269  C  CB  . PRO A 1 33  ? -4.849  8.069   -1.129  1.00 23.26  ? 32  PRO A CB  1 
ATOM   270  C  CG  . PRO A 1 33  ? -3.898  8.985   -1.801  1.00 26.84  ? 32  PRO A CG  1 
ATOM   271  C  CD  . PRO A 1 33  ? -2.998  9.478   -0.696  1.00 24.78  ? 32  PRO A CD  1 
ATOM   272  N  N   . VAL A 1 34  ? -3.405  5.025   0.155   1.00 24.27  ? 33  VAL A N   1 
ATOM   273  C  CA  . VAL A 1 34  ? -2.627  3.807   -0.165  1.00 25.45  ? 33  VAL A CA  1 
ATOM   274  C  C   . VAL A 1 34  ? -3.579  2.639   -0.445  1.00 28.75  ? 33  VAL A C   1 
ATOM   275  O  O   . VAL A 1 34  ? -4.534  2.442   0.309   1.00 28.61  ? 33  VAL A O   1 
ATOM   276  C  CB  . VAL A 1 34  ? -1.590  3.486   0.915   1.00 25.98  ? 33  VAL A CB  1 
ATOM   277  C  CG1 . VAL A 1 34  ? -0.760  2.283   0.557   1.00 27.56  ? 33  VAL A CG1 1 
ATOM   278  C  CG2 . VAL A 1 34  ? -0.706  4.683   1.151   1.00 25.41  ? 33  VAL A CG2 1 
ATOM   279  N  N   . ILE A 1 35  ? -3.283  1.916   -1.520  1.00 29.20  ? 34  ILE A N   1 
ATOM   280  C  CA  . ILE A 1 35  ? -3.982  0.651   -1.887  1.00 27.59  ? 34  ILE A CA  1 
ATOM   281  C  C   . ILE A 1 35  ? -3.043  -0.487  -1.534  1.00 27.35  ? 34  ILE A C   1 
ATOM   282  O  O   . ILE A 1 35  ? -1.891  -0.453  -1.973  1.00 26.97  ? 34  ILE A O   1 
ATOM   283  C  CB  . ILE A 1 35  ? -4.342  0.648   -3.383  1.00 28.33  ? 34  ILE A CB  1 
ATOM   284  C  CG1 . ILE A 1 35  ? -5.335  1.743   -3.752  1.00 26.99  ? 34  ILE A CG1 1 
ATOM   285  C  CG2 . ILE A 1 35  ? -4.860  -0.729  -3.770  1.00 30.07  ? 34  ILE A CG2 1 
ATOM   286  C  CD1 . ILE A 1 35  ? -6.590  1.772   -2.891  1.00 27.92  ? 34  ILE A CD1 1 
ATOM   287  N  N   . ILE A 1 36  ? -3.468  -1.399  -0.668  1.00 27.20  ? 35  ILE A N   1 
ATOM   288  C  CA  . ILE A 1 36  ? -2.594  -2.518  -0.250  1.00 28.38  ? 35  ILE A CA  1 
ATOM   289  C  C   . ILE A 1 36  ? -3.331  -3.822  -0.533  1.00 31.50  ? 35  ILE A C   1 
ATOM   290  O  O   . ILE A 1 36  ? -4.405  -3.998  0.032   1.00 29.56  ? 35  ILE A O   1 
ATOM   291  C  CB  . ILE A 1 36  ? -2.191  -2.423  1.230   1.00 29.78  ? 35  ILE A CB  1 
ATOM   292  C  CG1 . ILE A 1 36  ? -1.655  -1.031  1.594   1.00 29.78  ? 35  ILE A CG1 1 
ATOM   293  C  CG2 . ILE A 1 36  ? -1.164  -3.510  1.539   1.00 29.12  ? 35  ILE A CG2 1 
ATOM   294  C  CD1 . ILE A 1 36  ? -1.325  -0.886  3.081   1.00 30.87  ? 35  ILE A CD1 1 
ATOM   295  N  N   . GLU A 1 37  ? -2.698  -4.672  -1.344  1.00 32.75  ? 36  GLU A N   1 
ATOM   296  C  CA  . GLU A 1 37  ? -3.256  -5.941  -1.859  1.00 33.78  ? 36  GLU A CA  1 
ATOM   297  C  C   . GLU A 1 37  ? -2.260  -7.077  -1.639  1.00 35.70  ? 36  GLU A C   1 
ATOM   298  O  O   . GLU A 1 37  ? -1.062  -6.865  -1.722  1.00 31.00  ? 36  GLU A O   1 
ATOM   299  C  CB  . GLU A 1 37  ? -3.642  -5.743  -3.328  1.00 33.25  ? 36  GLU A CB  1 
ATOM   300  C  CG  . GLU A 1 37  ? -4.861  -4.846  -3.445  1.00 35.89  ? 36  GLU A CG  1 
ATOM   301  C  CD  . GLU A 1 37  ? -5.289  -4.541  -4.859  1.00 36.10  ? 36  GLU A CD  1 
ATOM   302  O  OE1 . GLU A 1 37  ? -4.440  -4.067  -5.643  1.00 37.22  ? 36  GLU A OE1 1 
ATOM   303  O  OE2 . GLU A 1 37  ? -6.475  -4.794  -5.158  1.00 40.51  ? 36  GLU A OE2 1 
ATOM   304  N  N   . ARG A 1 38  ? -2.792  -8.270  -1.401  1.00 36.04  ? 37  ARG A N   1 
ATOM   305  C  CA  . ARG A 1 38  ? -1.989  -9.499  -1.318  1.00 35.65  ? 37  ARG A CA  1 
ATOM   306  C  C   . ARG A 1 38  ? -1.657  -9.955  -2.741  1.00 40.05  ? 37  ARG A C   1 
ATOM   307  O  O   . ARG A 1 38  ? -2.547  -9.914  -3.614  1.00 38.79  ? 37  ARG A O   1 
ATOM   308  C  CB  . ARG A 1 38  ? -2.747  -10.591 -0.558  1.00 38.78  ? 37  ARG A CB  1 
ATOM   309  C  CG  . ARG A 1 38  ? -1.855  -11.790 -0.268  1.00 40.58  ? 37  ARG A CG  1 
ATOM   310  C  CD  . ARG A 1 38  ? -2.492  -12.834 0.616   1.00 41.98  ? 37  ARG A CD  1 
ATOM   311  N  NE  . ARG A 1 38  ? -3.625  -13.428 -0.053  1.00 46.40  ? 37  ARG A NE  1 
ATOM   312  C  CZ  . ARG A 1 38  ? -4.214  -14.552 0.326   1.00 53.33  ? 37  ARG A CZ  1 
ATOM   313  N  NH1 . ARG A 1 38  ? -3.785  -15.216 1.389   1.00 50.09  ? 37  ARG A NH1 1 
ATOM   314  N  NH2 . ARG A 1 38  ? -5.258  -14.993 -0.358  1.00 52.37  ? 37  ARG A NH2 1 
ATOM   315  N  N   . TYR A 1 39  ? -0.405  -10.354 -2.961  1.00 37.03  ? 38  TYR A N   1 
ATOM   316  C  CA  . TYR A 1 39  ? 0.075   -10.962 -4.225  1.00 43.07  ? 38  TYR A CA  1 
ATOM   317  C  C   . TYR A 1 39  ? -0.881  -12.112 -4.587  1.00 42.65  ? 38  TYR A C   1 
ATOM   318  O  O   . TYR A 1 39  ? -1.368  -12.841 -3.683  1.00 40.69  ? 38  TYR A O   1 
ATOM   319  C  CB  . TYR A 1 39  ? 1.534   -11.369 -4.045  1.00 47.94  ? 38  TYR A CB  1 
ATOM   320  C  CG  . TYR A 1 39  ? 2.099   -12.209 -5.156  1.00 58.86  ? 38  TYR A CG  1 
ATOM   321  C  CD1 . TYR A 1 39  ? 2.251   -11.693 -6.433  1.00 59.04  ? 38  TYR A CD1 1 
ATOM   322  C  CD2 . TYR A 1 39  ? 2.514   -13.512 -4.910  1.00 64.75  ? 38  TYR A CD2 1 
ATOM   323  C  CE1 . TYR A 1 39  ? 2.780   -12.466 -7.451  1.00 70.81  ? 38  TYR A CE1 1 
ATOM   324  C  CE2 . TYR A 1 39  ? 3.047   -14.294 -5.919  1.00 68.98  ? 38  TYR A CE2 1 
ATOM   325  C  CZ  . TYR A 1 39  ? 3.177   -13.767 -7.190  1.00 74.08  ? 38  TYR A CZ  1 
ATOM   326  O  OH  . TYR A 1 39  ? 3.715   -14.534 -8.181  1.00 92.87  ? 38  TYR A OH  1 
ATOM   327  N  N   . LYS A 1 40  ? -1.229  -12.234 -5.867  1.00 47.08  ? 39  LYS A N   1 
ATOM   328  C  CA  . LYS A 1 40  ? -2.300  -13.173 -6.305  1.00 54.64  ? 39  LYS A CA  1 
ATOM   329  C  C   . LYS A 1 40  ? -1.803  -14.606 -6.094  1.00 50.85  ? 39  LYS A C   1 
ATOM   330  O  O   . LYS A 1 40  ? -2.644  -15.444 -5.819  1.00 50.06  ? 39  LYS A O   1 
ATOM   331  C  CB  . LYS A 1 40  ? -2.763  -12.888 -7.736  1.00 63.72  ? 39  LYS A CB  1 
ATOM   332  C  CG  . LYS A 1 40  ? -1.670  -12.881 -8.803  1.00 75.94  ? 39  LYS A CG  1 
ATOM   333  C  CD  . LYS A 1 40  ? -1.947  -11.918 -9.945  1.00 82.34  ? 39  LYS A CD  1 
ATOM   334  C  CE  . LYS A 1 40  ? -3.372  -11.980 -10.463 1.00 91.02  ? 39  LYS A CE  1 
ATOM   335  N  NZ  . LYS A 1 40  ? -3.745  -13.349 -10.898 1.00 93.13  ? 39  LYS A NZ  1 
ATOM   336  N  N   . GLY A 1 41  ? -0.485  -14.844 -6.093  1.00 52.19  ? 40  GLY A N   1 
ATOM   337  C  CA  . GLY A 1 41  ? 0.096   -16.173 -5.813  1.00 53.17  ? 40  GLY A CA  1 
ATOM   338  C  C   . GLY A 1 41  ? 0.134   -16.569 -4.335  1.00 57.75  ? 40  GLY A C   1 
ATOM   339  O  O   . GLY A 1 41  ? 0.421   -17.748 -4.047  1.00 49.00  ? 40  GLY A O   1 
ATOM   340  N  N   . GLU A 1 42  ? -0.122  -15.651 -3.398  1.00 55.13  ? 41  GLU A N   1 
ATOM   341  C  CA  . GLU A 1 42  ? 0.248   -15.842 -1.970  1.00 49.97  ? 41  GLU A CA  1 
ATOM   342  C  C   . GLU A 1 42  ? -0.573  -16.961 -1.304  1.00 53.45  ? 41  GLU A C   1 
ATOM   343  O  O   . GLU A 1 42  ? -1.812  -16.965 -1.425  1.00 56.81  ? 41  GLU A O   1 
ATOM   344  C  CB  . GLU A 1 42  ? 0.100   -14.524 -1.206  1.00 50.57  ? 41  GLU A CB  1 
ATOM   345  C  CG  . GLU A 1 42  ? 0.527   -14.639 0.251   1.00 44.30  ? 41  GLU A CG  1 
ATOM   346  C  CD  . GLU A 1 42  ? 1.982   -14.991 0.474   1.00 39.56  ? 41  GLU A CD  1 
ATOM   347  O  OE1 . GLU A 1 42  ? 2.834   -14.578 -0.337  1.00 41.21  ? 41  GLU A OE1 1 
ATOM   348  O  OE2 . GLU A 1 42  ? 2.266   -15.660 1.478   1.00 45.14  ? 41  GLU A OE2 1 
ATOM   349  N  N   . LYS A 1 43  ? 0.120   -17.855 -0.590  1.00 58.30  ? 42  LYS A N   1 
ATOM   350  C  CA  . LYS A 1 43  ? -0.454  -19.034 0.108   1.00 69.94  ? 42  LYS A CA  1 
ATOM   351  C  C   . LYS A 1 43  ? -0.446  -18.801 1.622   1.00 65.83  ? 42  LYS A C   1 
ATOM   352  O  O   . LYS A 1 43  ? -1.454  -19.145 2.269   1.00 73.79  ? 42  LYS A O   1 
ATOM   353  C  CB  . LYS A 1 43  ? 0.342   -20.297 -0.247  1.00 78.00  ? 42  LYS A CB  1 
ATOM   354  C  CG  . LYS A 1 43  ? 0.379   -20.652 -1.733  1.00 88.26  ? 42  LYS A CG  1 
ATOM   355  C  CD  . LYS A 1 43  ? -0.996  -20.750 -2.391  1.00 88.75  ? 42  LYS A CD  1 
ATOM   356  C  CE  . LYS A 1 43  ? -0.962  -21.440 -3.739  1.00 90.70  ? 42  LYS A CE  1 
ATOM   357  N  NZ  . LYS A 1 43  ? -2.325  -21.705 -4.258  1.00 96.95  ? 42  LYS A NZ  1 
ATOM   358  N  N   . GLN A 1 44  ? 0.642   -18.247 2.168   1.00 56.80  ? 43  GLN A N   1 
ATOM   359  C  CA  . GLN A 1 44  ? 0.927   -18.245 3.630   1.00 51.24  ? 43  GLN A CA  1 
ATOM   360  C  C   . GLN A 1 44  ? 0.182   -17.083 4.308   1.00 52.26  ? 43  GLN A C   1 
ATOM   361  O  O   . GLN A 1 44  ? -0.679  -17.335 5.184   1.00 53.08  ? 43  GLN A O   1 
ATOM   362  C  CB  . GLN A 1 44  ? 2.439   -18.171 3.879   1.00 61.49  ? 43  GLN A CB  1 
ATOM   363  C  CG  . GLN A 1 44  ? 3.248   -19.226 3.132   1.00 74.30  ? 43  GLN A CG  1 
ATOM   364  C  CD  . GLN A 1 44  ? 2.751   -20.628 3.397   1.00 86.57  ? 43  GLN A CD  1 
ATOM   365  O  OE1 . GLN A 1 44  ? 2.554   -21.029 4.543   1.00 98.49  ? 43  GLN A OE1 1 
ATOM   366  N  NE2 . GLN A 1 44  ? 2.536   -21.388 2.332   1.00 95.32  ? 43  GLN A NE2 1 
ATOM   367  N  N   . LEU A 1 45  ? 0.472   -15.846 3.910   1.00 43.67  ? 44  LEU A N   1 
ATOM   368  C  CA  . LEU A 1 45  ? -0.015  -14.638 4.623   1.00 41.34  ? 44  LEU A CA  1 
ATOM   369  C  C   . LEU A 1 45  ? -1.524  -14.520 4.435   1.00 41.52  ? 44  LEU A C   1 
ATOM   370  O  O   . LEU A 1 45  ? -2.050  -14.844 3.369   1.00 41.64  ? 44  LEU A O   1 
ATOM   371  C  CB  . LEU A 1 45  ? 0.715   -13.405 4.079   1.00 41.41  ? 44  LEU A CB  1 
ATOM   372  C  CG  . LEU A 1 45  ? 2.216   -13.337 4.327   1.00 41.26  ? 44  LEU A CG  1 
ATOM   373  C  CD1 . LEU A 1 45  ? 2.833   -12.200 3.541   1.00 40.27  ? 44  LEU A CD1 1 
ATOM   374  C  CD2 . LEU A 1 45  ? 2.550   -13.199 5.803   1.00 40.16  ? 44  LEU A CD2 1 
ATOM   375  N  N   . PRO A 1 46  ? -2.255  -13.996 5.442   1.00 39.17  ? 45  PRO A N   1 
ATOM   376  C  CA  . PRO A 1 46  ? -3.681  -13.726 5.304   1.00 40.49  ? 45  PRO A CA  1 
ATOM   377  C  C   . PRO A 1 46  ? -3.961  -12.517 4.399   1.00 39.77  ? 45  PRO A C   1 
ATOM   378  O  O   . PRO A 1 46  ? -3.044  -11.795 4.062   1.00 37.57  ? 45  PRO A O   1 
ATOM   379  C  CB  . PRO A 1 46  ? -4.161  -13.467 6.735   1.00 41.83  ? 45  PRO A CB  1 
ATOM   380  C  CG  . PRO A 1 46  ? -2.926  -13.078 7.515   1.00 42.26  ? 45  PRO A CG  1 
ATOM   381  C  CD  . PRO A 1 46  ? -1.735  -13.621 6.761   1.00 42.98  ? 45  PRO A CD  1 
ATOM   382  N  N   . VAL A 1 47  ? -5.221  -12.343 4.017   1.00 39.91  ? 46  VAL A N   1 
ATOM   383  C  CA  . VAL A 1 47  ? -5.714  -11.098 3.367   1.00 40.77  ? 46  VAL A CA  1 
ATOM   384  C  C   . VAL A 1 47  ? -5.999  -10.068 4.459   1.00 38.46  ? 46  VAL A C   1 
ATOM   385  O  O   . VAL A 1 47  ? -6.387  -10.440 5.579   1.00 41.92  ? 46  VAL A O   1 
ATOM   386  C  CB  . VAL A 1 47  ? -6.968  -11.286 2.492   1.00 43.37  ? 46  VAL A CB  1 
ATOM   387  C  CG1 . VAL A 1 47  ? -6.732  -12.300 1.388   1.00 42.79  ? 46  VAL A CG1 1 
ATOM   388  C  CG2 . VAL A 1 47  ? -8.202  -11.630 3.316   1.00 49.25  ? 46  VAL A CG2 1 
ATOM   389  N  N   . LEU A 1 48  ? -5.869  -8.797  4.095   1.00 36.67  ? 47  LEU A N   1 
ATOM   390  C  CA  . LEU A 1 48  ? -6.214  -7.655  4.967   1.00 35.17  ? 47  LEU A CA  1 
ATOM   391  C  C   . LEU A 1 48  ? -7.728  -7.557  5.076   1.00 35.44  ? 47  LEU A C   1 
ATOM   392  O  O   . LEU A 1 48  ? -8.423  -8.159  4.248   1.00 35.77  ? 47  LEU A O   1 
ATOM   393  C  CB  . LEU A 1 48  ? -5.625  -6.396  4.327   1.00 35.05  ? 47  LEU A CB  1 
ATOM   394  C  CG  . LEU A 1 48  ? -4.126  -6.227  4.542   1.00 32.90  ? 47  LEU A CG  1 
ATOM   395  C  CD1 . LEU A 1 48  ? -3.574  -5.175  3.597   1.00 34.83  ? 47  LEU A CD1 1 
ATOM   396  C  CD2 . LEU A 1 48  ? -3.831  -5.839  5.982   1.00 34.59  ? 47  LEU A CD2 1 
ATOM   397  N  N   . ASP A 1 49  ? -8.188  -6.769  6.041   1.00 37.20  ? 48  ASP A N   1 
ATOM   398  C  CA  . ASP A 1 49  ? -9.616  -6.554  6.343   1.00 35.69  ? 48  ASP A CA  1 
ATOM   399  C  C   . ASP A 1 49  ? -10.186 -5.509  5.381   1.00 38.12  ? 48  ASP A C   1 
ATOM   400  O  O   . ASP A 1 49  ? -11.419 -5.392  5.287   1.00 36.11  ? 48  ASP A O   1 
ATOM   401  C  CB  . ASP A 1 49  ? -9.747  -6.205  7.816   1.00 37.23  ? 48  ASP A CB  1 
ATOM   402  C  CG  . ASP A 1 49  ? -8.949  -4.956  8.152   1.00 36.58  ? 48  ASP A CG  1 
ATOM   403  O  OD1 . ASP A 1 49  ? -9.590  -3.923  8.317   1.00 37.36  ? 48  ASP A OD1 1 
ATOM   404  O  OD2 . ASP A 1 49  ? -7.679  -5.033  8.217   1.00 34.31  ? 48  ASP A OD2 1 
ATOM   405  N  N   . LYS A 1 50  ? -9.323  -4.729  4.718   1.00 34.81  ? 49  LYS A N   1 
ATOM   406  C  CA  . LYS A 1 50  ? -9.748  -3.684  3.755   1.00 34.32  ? 49  LYS A CA  1 
ATOM   407  C  C   . LYS A 1 50  ? -8.593  -3.500  2.765   1.00 30.75  ? 49  LYS A C   1 
ATOM   408  O  O   . LYS A 1 50  ? -7.569  -4.186  2.886   1.00 32.22  ? 49  LYS A O   1 
ATOM   409  C  CB  . LYS A 1 50  ? -10.216 -2.404  4.464   1.00 35.01  ? 49  LYS A CB  1 
ATOM   410  C  CG  . LYS A 1 50  ? -9.119  -1.552  5.077   1.00 33.48  ? 49  LYS A CG  1 
ATOM   411  C  CD  . LYS A 1 50  ? -9.592  -0.277  5.736   1.00 37.11  ? 49  LYS A CD  1 
ATOM   412  C  CE  . LYS A 1 50  ? -8.396  0.522   6.228   1.00 38.97  ? 49  LYS A CE  1 
ATOM   413  N  NZ  . LYS A 1 50  ? -8.779  1.829   6.799   1.00 41.38  ? 49  LYS A NZ  1 
ATOM   414  N  N   A THR A 1 51  ? -8.751  -2.614  1.777   0.06 30.65  ? 50  THR A N   1 
ATOM   415  N  N   B THR A 1 51  ? -8.793  -2.597  1.804   0.45 31.73  ? 50  THR A N   1 
ATOM   416  C  CA  A THR A 1 51  ? -7.734  -2.392  0.711   0.06 29.60  ? 50  THR A CA  1 
ATOM   417  C  CA  B THR A 1 51  ? -7.890  -2.356  0.644   0.45 30.06  ? 50  THR A CA  1 
ATOM   418  C  C   A THR A 1 51  ? -7.257  -0.933  0.696   0.06 29.40  ? 50  THR A C   1 
ATOM   419  C  C   B THR A 1 51  ? -7.280  -0.952  0.717   0.45 29.79  ? 50  THR A C   1 
ATOM   420  O  O   A THR A 1 51  ? -6.076  -0.725  0.352   0.06 29.15  ? 50  THR A O   1 
ATOM   421  O  O   B THR A 1 51  ? -6.079  -0.804  0.391   0.45 28.40  ? 50  THR A O   1 
ATOM   422  C  CB  A THR A 1 51  ? -8.258  -2.853  -0.655  0.06 29.58  ? 50  THR A CB  1 
ATOM   423  C  CB  B THR A 1 51  ? -8.681  -2.499  -0.660  0.45 32.61  ? 50  THR A CB  1 
ATOM   424  O  OG1 A THR A 1 51  ? -7.191  -2.755  -1.600  0.06 29.27  ? 50  THR A OG1 1 
ATOM   425  O  OG1 B THR A 1 51  ? -9.201  -3.828  -0.660  0.45 36.94  ? 50  THR A OG1 1 
ATOM   426  C  CG2 A THR A 1 51  ? -9.448  -2.049  -1.128  0.06 29.43  ? 50  THR A CG2 1 
ATOM   427  C  CG2 B THR A 1 51  ? -7.853  -2.253  -1.901  0.45 33.90  ? 50  THR A CG2 1 
ATOM   428  N  N   . LYS A 1 52  ? -8.118  0.032   1.039   1.00 28.76  ? 51  LYS A N   1 
ATOM   429  C  CA  . LYS A 1 52  ? -7.762  1.474   0.995   1.00 29.16  ? 51  LYS A CA  1 
ATOM   430  C  C   . LYS A 1 52  ? -7.398  1.960   2.401   1.00 31.69  ? 51  LYS A C   1 
ATOM   431  O  O   . LYS A 1 52  ? -8.252  1.852   3.333   1.00 28.60  ? 51  LYS A O   1 
ATOM   432  C  CB  . LYS A 1 52  ? -8.929  2.215   0.336   1.00 30.42  ? 51  LYS A CB  1 
ATOM   433  C  CG  . LYS A 1 52  ? -8.666  3.679   0.080   1.00 33.47  ? 51  LYS A CG  1 
ATOM   434  C  CD  . LYS A 1 52  ? -9.848  4.382   -0.519  1.00 39.15  ? 51  LYS A CD  1 
ATOM   435  C  CE  . LYS A 1 52  ? -10.958 4.619   0.482   1.00 39.10  ? 51  LYS A CE  1 
ATOM   436  N  NZ  . LYS A 1 52  ? -12.063 5.346   -0.176  1.00 45.28  ? 51  LYS A NZ  1 
ATOM   437  N  N   . PHE A 1 53  ? -6.194  2.521   2.537   1.00 28.92  ? 52  PHE A N   1 
ATOM   438  C  CA  . PHE A 1 53  ? -5.581  2.951   3.819   1.00 27.81  ? 52  PHE A CA  1 
ATOM   439  C  C   . PHE A 1 53  ? -5.213  4.429   3.705   1.00 28.80  ? 52  PHE A C   1 
ATOM   440  O  O   . PHE A 1 53  ? -4.715  4.864   2.641   1.00 25.35  ? 52  PHE A O   1 
ATOM   441  C  CB  . PHE A 1 53  ? -4.359  2.095   4.137   1.00 28.10  ? 52  PHE A CB  1 
ATOM   442  C  CG  . PHE A 1 53  ? -4.732  0.673   4.473   1.00 30.87  ? 52  PHE A CG  1 
ATOM   443  C  CD1 . PHE A 1 53  ? -4.964  -0.249  3.472   1.00 30.03  ? 52  PHE A CD1 1 
ATOM   444  C  CD2 . PHE A 1 53  ? -4.977  0.301   5.788   1.00 33.89  ? 52  PHE A CD2 1 
ATOM   445  C  CE1 . PHE A 1 53  ? -5.337  -1.548  3.766   1.00 31.83  ? 52  PHE A CE1 1 
ATOM   446  C  CE2 . PHE A 1 53  ? -5.337  -1.011  6.090   1.00 39.59  ? 52  PHE A CE2 1 
ATOM   447  C  CZ  . PHE A 1 53  ? -5.537  -1.931  5.078   1.00 32.38  ? 52  PHE A CZ  1 
ATOM   448  N  N   . LEU A 1 54  ? -5.506  5.204   4.747   1.00 25.71  ? 53  LEU A N   1 
ATOM   449  C  CA  . LEU A 1 54  ? -5.079  6.620   4.827   1.00 27.28  ? 53  LEU A CA  1 
ATOM   450  C  C   . LEU A 1 54  ? -3.870  6.676   5.764   1.00 27.55  ? 53  LEU A C   1 
ATOM   451  O  O   . LEU A 1 54  ? -4.033  6.532   6.986   1.00 28.02  ? 53  LEU A O   1 
ATOM   452  C  CB  . LEU A 1 54  ? -6.257  7.486   5.302   1.00 28.70  ? 53  LEU A CB  1 
ATOM   453  C  CG  . LEU A 1 54  ? -7.508  7.474   4.424   1.00 33.98  ? 53  LEU A CG  1 
ATOM   454  C  CD1 . LEU A 1 54  ? -8.368  8.694   4.674   1.00 39.29  ? 53  LEU A CD1 1 
ATOM   455  C  CD2 . LEU A 1 54  ? -7.215  7.381   2.950   1.00 35.70  ? 53  LEU A CD2 1 
ATOM   456  N  N   . VAL A 1 55  ? -2.671  6.829   5.225   1.00 24.58  ? 54  VAL A N   1 
ATOM   457  C  CA  . VAL A 1 55  ? -1.424  6.725   6.017   1.00 24.30  ? 54  VAL A CA  1 
ATOM   458  C  C   . VAL A 1 55  ? -0.931  8.125   6.369   1.00 24.76  ? 54  VAL A C   1 
ATOM   459  O  O   . VAL A 1 55  ? -0.741  8.959   5.491   1.00 26.13  ? 54  VAL A O   1 
ATOM   460  C  CB  . VAL A 1 55  ? -0.349  5.872   5.317   1.00 24.42  ? 54  VAL A CB  1 
ATOM   461  C  CG1 . VAL A 1 55  ? 0.871   5.736   6.189   1.00 24.07  ? 54  VAL A CG1 1 
ATOM   462  C  CG2 . VAL A 1 55  ? -0.890  4.515   4.899   1.00 25.36  ? 54  VAL A CG2 1 
ATOM   463  N  N   . PRO A 1 56  ? -0.671  8.440   7.655   1.00 28.83  ? 55  PRO A N   1 
ATOM   464  C  CA  . PRO A 1 56  ? -0.058  9.728   8.016   1.00 24.68  ? 55  PRO A CA  1 
ATOM   465  C  C   . PRO A 1 56  ? 1.215   10.000  7.208   1.00 26.17  ? 55  PRO A C   1 
ATOM   466  O  O   . PRO A 1 56  ? 2.102   9.118   7.153   1.00 25.44  ? 55  PRO A O   1 
ATOM   467  C  CB  . PRO A 1 56  ? 0.283   9.543   9.507   1.00 26.62  ? 55  PRO A CB  1 
ATOM   468  C  CG  . PRO A 1 56  ? -0.792  8.604   9.959   1.00 30.06  ? 55  PRO A CG  1 
ATOM   469  C  CD  . PRO A 1 56  ? -0.876  7.581   8.837   1.00 32.06  ? 55  PRO A CD  1 
ATOM   470  N  N   . ASP A 1 57  ? 1.329   11.210  6.622   1.00 26.05  ? 56  ASP A N   1 
ATOM   471  C  CA  . ASP A 1 57  ? 2.347   11.473  5.561   1.00 24.64  ? 56  ASP A CA  1 
ATOM   472  C  C   . ASP A 1 57  ? 3.783   11.568  6.128   1.00 26.77  ? 56  ASP A C   1 
ATOM   473  O  O   . ASP A 1 57  ? 4.717   11.633  5.319   1.00 29.22  ? 56  ASP A O   1 
ATOM   474  C  CB  . ASP A 1 57  ? 1.970   12.642  4.665   1.00 24.08  ? 56  ASP A CB  1 
ATOM   475  C  CG  . ASP A 1 57  ? 2.317   14.012  5.238   1.00 28.69  ? 56  ASP A CG  1 
ATOM   476  O  OD1 . ASP A 1 57  ? 2.450   14.096  6.475   1.00 30.15  ? 56  ASP A OD1 1 
ATOM   477  O  OD2 . ASP A 1 57  ? 2.486   14.945  4.416   1.00 27.02  ? 56  ASP A OD2 1 
ATOM   478  N  N   . HIS A 1 58  ? 3.965   11.527  7.444   1.00 29.90  ? 57  HIS A N   1 
ATOM   479  C  CA  . HIS A 1 58  ? 5.284   11.630  8.103   1.00 32.53  ? 57  HIS A CA  1 
ATOM   480  C  C   . HIS A 1 58  ? 5.880   10.247  8.359   1.00 31.79  ? 57  HIS A C   1 
ATOM   481  O  O   . HIS A 1 58  ? 7.103   10.197  8.683   1.00 29.15  ? 57  HIS A O   1 
ATOM   482  C  CB  . HIS A 1 58  ? 5.180   12.425  9.426   1.00 33.19  ? 57  HIS A CB  1 
ATOM   483  C  CG  . HIS A 1 58  ? 4.367   11.730  10.458  1.00 33.39  ? 57  HIS A CG  1 
ATOM   484  N  ND1 . HIS A 1 58  ? 4.928   10.912  11.425  1.00 37.37  ? 57  HIS A ND1 1 
ATOM   485  C  CD2 . HIS A 1 58  ? 3.036   11.707  10.665  1.00 36.54  ? 57  HIS A CD2 1 
ATOM   486  C  CE1 . HIS A 1 58  ? 3.973   10.415  12.178  1.00 40.71  ? 57  HIS A CE1 1 
ATOM   487  N  NE2 . HIS A 1 58  ? 2.804   10.878  11.724  1.00 43.06  ? 57  HIS A NE2 1 
ATOM   488  N  N   . VAL A 1 59  ? 5.117   9.148   8.278   1.00 27.89  ? 58  VAL A N   1 
ATOM   489  C  CA  . VAL A 1 59  ? 5.731   7.838   8.639   1.00 29.13  ? 58  VAL A CA  1 
ATOM   490  C  C   . VAL A 1 59  ? 6.673   7.396   7.512   1.00 29.88  ? 58  VAL A C   1 
ATOM   491  O  O   . VAL A 1 59  ? 6.397   7.677   6.354   1.00 28.17  ? 58  VAL A O   1 
ATOM   492  C  CB  . VAL A 1 59  ? 4.702   6.752   9.012   1.00 34.36  ? 58  VAL A CB  1 
ATOM   493  C  CG1 . VAL A 1 59  ? 3.756   7.198   10.118  1.00 33.33  ? 58  VAL A CG1 1 
ATOM   494  C  CG2 . VAL A 1 59  ? 3.941   6.268   7.819   1.00 34.70  ? 58  VAL A CG2 1 
ATOM   495  N  N   . ASN A 1 60  ? 7.745   6.693   7.834   1.00 30.89  ? 59  ASN A N   1 
ATOM   496  C  CA  . ASN A 1 60  ? 8.644   6.137   6.792   1.00 31.23  ? 59  ASN A CA  1 
ATOM   497  C  C   . ASN A 1 60  ? 8.210   4.719   6.419   1.00 31.54  ? 59  ASN A C   1 
ATOM   498  O  O   . ASN A 1 60  ? 7.309   4.156   7.077   1.00 25.40  ? 59  ASN A O   1 
ATOM   499  C  CB  . ASN A 1 60  ? 10.106  6.298   7.212   1.00 33.97  ? 59  ASN A CB  1 
ATOM   500  C  CG  . ASN A 1 60  ? 10.530  5.466   8.386   1.00 37.37  ? 59  ASN A CG  1 
ATOM   501  O  OD1 . ASN A 1 60  ? 9.854   4.519   8.784   1.00 35.70  ? 59  ASN A OD1 1 
ATOM   502  N  ND2 . ASN A 1 60  ? 11.642  5.859   8.979   1.00 39.63  ? 59  ASN A ND2 1 
ATOM   503  N  N   . MET A 1 61  ? 8.818   4.139   5.379   1.00 28.20  ? 60  MET A N   1 
ATOM   504  C  CA  . MET A 1 61  ? 8.356   2.824   4.869   1.00 30.08  ? 60  MET A CA  1 
ATOM   505  C  C   . MET A 1 61  ? 8.593   1.711   5.912   1.00 28.61  ? 60  MET A C   1 
ATOM   506  O  O   . MET A 1 61  ? 7.788   0.756   5.974   1.00 29.06  ? 60  MET A O   1 
ATOM   507  C  CB  . MET A 1 61  ? 9.009   2.461   3.533   1.00 35.09  ? 60  MET A CB  1 
ATOM   508  C  CG  . MET A 1 61  ? 8.604   3.396   2.397   1.00 36.42  ? 60  MET A CG  1 
ATOM   509  S  SD  . MET A 1 61  ? 6.825   3.589   2.249   1.00 45.48  ? 60  MET A SD  1 
ATOM   510  C  CE  . MET A 1 61  ? 6.317   1.920   1.894   1.00 44.79  ? 60  MET A CE  1 
ATOM   511  N  N   A SER A 1 62  ? 9.677   1.811   6.684   0.47 27.44  ? 61  SER A N   1 
ATOM   512  N  N   B SER A 1 62  ? 9.674   1.825   6.691   0.04 28.07  ? 61  SER A N   1 
ATOM   513  C  CA  A SER A 1 62  ? 10.008  0.859   7.772   0.47 28.76  ? 61  SER A CA  1 
ATOM   514  C  CA  B SER A 1 62  ? 10.034  0.876   7.777   0.04 27.65  ? 61  SER A CA  1 
ATOM   515  C  C   A SER A 1 62  ? 8.828   0.815   8.755   0.47 28.84  ? 61  SER A C   1 
ATOM   516  C  C   B SER A 1 62  ? 8.900   0.831   8.811   0.04 27.52  ? 61  SER A C   1 
ATOM   517  O  O   A SER A 1 62  ? 8.400   -0.282  9.132   0.47 27.27  ? 61  SER A O   1 
ATOM   518  O  O   B SER A 1 62  ? 8.572   -0.276  9.270   0.04 27.40  ? 61  SER A O   1 
ATOM   519  C  CB  A SER A 1 62  ? 11.292  1.243   8.461   0.47 29.63  ? 61  SER A CB  1 
ATOM   520  C  CB  B SER A 1 62  ? 11.360  1.231   8.406   0.04 27.47  ? 61  SER A CB  1 
ATOM   521  O  OG  A SER A 1 62  ? 11.548  0.358   9.539   0.47 34.04  ? 61  SER A OG  1 
ATOM   522  O  OG  B SER A 1 62  ? 11.261  2.407   9.192   0.04 27.19  ? 61  SER A OG  1 
ATOM   523  N  N   . GLU A 1 63  ? 8.310   1.984   9.146   1.00 26.88  ? 62  GLU A N   1 
ATOM   524  C  CA  . GLU A 1 63  ? 7.167   2.027   10.094  1.00 26.96  ? 62  GLU A CA  1 
ATOM   525  C  C   . GLU A 1 63  ? 5.918   1.476   9.397   1.00 26.56  ? 62  GLU A C   1 
ATOM   526  O  O   . GLU A 1 63  ? 5.143   0.803   10.075  1.00 24.92  ? 62  GLU A O   1 
ATOM   527  C  CB  . GLU A 1 63  ? 7.009   3.411   10.707  1.00 25.18  ? 62  GLU A CB  1 
ATOM   528  C  CG  . GLU A 1 63  ? 5.756   3.522   11.565  1.00 26.83  ? 62  GLU A CG  1 
ATOM   529  C  CD  . GLU A 1 63  ? 5.623   2.583   12.757  1.00 26.27  ? 62  GLU A CD  1 
ATOM   530  O  OE1 . GLU A 1 63  ? 6.641   1.954   13.172  1.00 28.77  ? 62  GLU A OE1 1 
ATOM   531  O  OE2 . GLU A 1 63  ? 4.502   2.431   13.251  1.00 27.72  ? 62  GLU A OE2 1 
ATOM   532  N  N   . LEU A 1 64  ? 5.685   1.767   8.105   1.00 26.02  ? 63  LEU A N   1 
ATOM   533  C  CA  . LEU A 1 64  ? 4.475   1.274   7.410   1.00 26.79  ? 63  LEU A CA  1 
ATOM   534  C  C   . LEU A 1 64  ? 4.525   -0.258  7.356   1.00 25.68  ? 63  LEU A C   1 
ATOM   535  O  O   . LEU A 1 64  ? 3.462   -0.897  7.535   1.00 26.31  ? 63  LEU A O   1 
ATOM   536  C  CB  . LEU A 1 64  ? 4.348   1.856   6.003   1.00 25.77  ? 63  LEU A CB  1 
ATOM   537  C  CG  . LEU A 1 64  ? 3.106   1.399   5.242   1.00 28.34  ? 63  LEU A CG  1 
ATOM   538  C  CD1 . LEU A 1 64  ? 1.838   1.676   6.013   1.00 29.38  ? 63  LEU A CD1 1 
ATOM   539  C  CD2 . LEU A 1 64  ? 3.027   2.049   3.867   1.00 30.75  ? 63  LEU A CD2 1 
ATOM   540  N  N   . ILE A 1 65  ? 5.707   -0.841  7.171   1.00 27.67  ? 64  ILE A N   1 
ATOM   541  C  CA  . ILE A 1 65  ? 5.833   -2.337  7.173   1.00 28.73  ? 64  ILE A CA  1 
ATOM   542  C  C   . ILE A 1 65  ? 5.432   -2.825  8.562   1.00 27.01  ? 64  ILE A C   1 
ATOM   543  O  O   . ILE A 1 65  ? 4.683   -3.794  8.638   1.00 27.91  ? 64  ILE A O   1 
ATOM   544  C  CB  . ILE A 1 65  ? 7.254   -2.794  6.790   1.00 30.58  ? 64  ILE A CB  1 
ATOM   545  C  CG1 . ILE A 1 65  ? 7.525   -2.575  5.293   1.00 30.38  ? 64  ILE A CG1 1 
ATOM   546  C  CG2 . ILE A 1 65  ? 7.538   -4.245  7.199   1.00 33.91  ? 64  ILE A CG2 1 
ATOM   547  C  CD1 . ILE A 1 65  ? 9.011   -2.533  4.974   1.00 32.38  ? 64  ILE A CD1 1 
ATOM   548  N  N   . LYS A 1 66  ? 5.880   -2.148  9.634   1.00 27.46  ? 65  LYS A N   1 
ATOM   549  C  CA  . LYS A 1 66  ? 5.505   -2.586  11.016  1.00 27.34  ? 65  LYS A CA  1 
ATOM   550  C  C   . LYS A 1 66  ? 3.994   -2.486  11.199  1.00 26.82  ? 65  LYS A C   1 
ATOM   551  O  O   . LYS A 1 66  ? 3.412   -3.398  11.827  1.00 26.23  ? 65  LYS A O   1 
ATOM   552  C  CB  . LYS A 1 66  ? 6.262   -1.791  12.080  1.00 28.16  ? 65  LYS A CB  1 
ATOM   553  C  CG  . LYS A 1 66  ? 7.747   -2.091  12.073  1.00 30.17  ? 65  LYS A CG  1 
ATOM   554  C  CD  . LYS A 1 66  ? 8.574   -1.302  13.038  1.00 34.90  ? 65  LYS A CD  1 
ATOM   555  C  CE  . LYS A 1 66  ? 10.043  -1.399  12.648  1.00 40.87  ? 65  LYS A CE  1 
ATOM   556  N  NZ  . LYS A 1 66  ? 10.920  -1.078  13.783  1.00 53.12  ? 65  LYS A NZ  1 
ATOM   557  N  N   . ILE A 1 67  ? 3.388   -1.403  10.721  1.00 25.36  ? 66  ILE A N   1 
ATOM   558  C  CA  . ILE A 1 67  ? 1.921   -1.182  10.763  1.00 24.28  ? 66  ILE A CA  1 
ATOM   559  C  C   . ILE A 1 67  ? 1.166   -2.327  10.062  1.00 26.27  ? 66  ILE A C   1 
ATOM   560  O  O   . ILE A 1 67  ? 0.203   -2.834  10.617  1.00 25.02  ? 66  ILE A O   1 
ATOM   561  C  CB  . ILE A 1 67  ? 1.561   0.199   10.160  1.00 25.04  ? 66  ILE A CB  1 
ATOM   562  C  CG1 . ILE A 1 67  ? 2.049   1.343   11.048  1.00 26.67  ? 66  ILE A CG1 1 
ATOM   563  C  CG2 . ILE A 1 67  ? 0.073   0.316   9.891   1.00 26.96  ? 66  ILE A CG2 1 
ATOM   564  C  CD1 . ILE A 1 67  ? 2.002   2.707   10.359  1.00 25.27  ? 66  ILE A CD1 1 
ATOM   565  N  N   A ILE A 1 68  ? 1.594   -2.724  8.860   0.17 26.88  ? 67  ILE A N   1 
ATOM   566  N  N   B ILE A 1 68  ? 1.589   -2.709  8.855   0.34 26.95  ? 67  ILE A N   1 
ATOM   567  C  CA  A ILE A 1 68  ? 0.889   -3.775  8.062   0.17 27.40  ? 67  ILE A CA  1 
ATOM   568  C  CA  B ILE A 1 68  ? 0.902   -3.777  8.059   0.34 27.21  ? 67  ILE A CA  1 
ATOM   569  C  C   A ILE A 1 68  ? 1.110   -5.154  8.705   0.17 28.76  ? 67  ILE A C   1 
ATOM   570  C  C   B ILE A 1 68  ? 1.100   -5.142  8.741   0.34 29.04  ? 67  ILE A C   1 
ATOM   571  O  O   A ILE A 1 68  ? 0.158   -5.963  8.704   0.17 29.21  ? 67  ILE A O   1 
ATOM   572  O  O   B ILE A 1 68  ? 0.128   -5.927  8.816   0.34 29.25  ? 67  ILE A O   1 
ATOM   573  C  CB  A ILE A 1 68  ? 1.319   -3.748  6.585   0.17 28.14  ? 67  ILE A CB  1 
ATOM   574  C  CB  B ILE A 1 68  ? 1.395   -3.792  6.604   0.34 28.88  ? 67  ILE A CB  1 
ATOM   575  C  CG1 A ILE A 1 68  ? 1.037   -2.389  5.937   0.17 28.07  ? 67  ILE A CG1 1 
ATOM   576  C  CG1 B ILE A 1 68  ? 1.136   -2.454  5.904   0.34 29.18  ? 67  ILE A CG1 1 
ATOM   577  C  CG2 A ILE A 1 68  ? 0.646   -4.886  5.829   0.17 28.35  ? 67  ILE A CG2 1 
ATOM   578  C  CG2 B ILE A 1 68  ? 0.754   -4.960  5.865   0.34 29.42  ? 67  ILE A CG2 1 
ATOM   579  C  CD1 A ILE A 1 68  ? -0.386  -1.910  6.101   0.17 27.60  ? 67  ILE A CD1 1 
ATOM   580  C  CD1 B ILE A 1 68  ? 1.946   -2.255  4.642   0.34 28.16  ? 67  ILE A CD1 1 
ATOM   581  N  N   . ARG A 1 69  ? 2.305   -5.423  9.243   1.00 30.15  ? 68  ARG A N   1 
ATOM   582  C  CA  . ARG A 1 69  ? 2.559   -6.674  10.025  1.00 28.67  ? 68  ARG A CA  1 
ATOM   583  C  C   . ARG A 1 69  ? 1.577   -6.739  11.204  1.00 28.78  ? 68  ARG A C   1 
ATOM   584  O  O   . ARG A 1 69  ? 0.996   -7.818  11.460  1.00 30.35  ? 68  ARG A O   1 
ATOM   585  C  CB  . ARG A 1 69  ? 4.017   -6.804  10.487  1.00 27.96  ? 68  ARG A CB  1 
ATOM   586  C  CG  . ARG A 1 69  ? 5.042   -6.976  9.370   1.00 28.67  ? 68  ARG A CG  1 
ATOM   587  C  CD  . ARG A 1 69  ? 6.481   -7.160  9.852   1.00 29.27  ? 68  ARG A CD  1 
ATOM   588  N  NE  . ARG A 1 69  ? 6.553   -8.369  10.676  1.00 32.56  ? 68  ARG A NE  1 
ATOM   589  C  CZ  . ARG A 1 69  ? 6.864   -9.595  10.225  1.00 37.33  ? 68  ARG A CZ  1 
ATOM   590  N  NH1 . ARG A 1 69  ? 7.274   -9.786  8.975   1.00 34.85  ? 68  ARG A NH1 1 
ATOM   591  N  NH2 . ARG A 1 69  ? 6.798   -10.625 11.047  1.00 38.28  ? 68  ARG A NH2 1 
ATOM   592  N  N   . ARG A 1 70  ? 1.354   -5.634  11.922  1.00 26.42  ? 69  ARG A N   1 
ATOM   593  C  CA  . ARG A 1 70  ? 0.449   -5.642  13.085  1.00 25.30  ? 69  ARG A CA  1 
ATOM   594  C  C   . ARG A 1 70  ? -0.979  -5.867  12.617  1.00 28.79  ? 69  ARG A C   1 
ATOM   595  O  O   . ARG A 1 70  ? -1.700  -6.572  13.307  1.00 28.86  ? 69  ARG A O   1 
ATOM   596  C  CB  . ARG A 1 70  ? 0.573   -4.342  13.885  1.00 25.73  ? 69  ARG A CB  1 
ATOM   597  C  CG  . ARG A 1 70  ? 1.859   -4.265  14.696  1.00 27.45  ? 69  ARG A CG  1 
ATOM   598  C  CD  . ARG A 1 70  ? 1.878   -3.215  15.790  1.00 25.66  ? 69  ARG A CD  1 
ATOM   599  N  NE  . ARG A 1 70  ? 1.952   -1.859  15.273  1.00 25.16  ? 69  ARG A NE  1 
ATOM   600  C  CZ  . ARG A 1 70  ? 3.071   -1.128  15.114  1.00 25.90  ? 69  ARG A CZ  1 
ATOM   601  N  NH1 . ARG A 1 70  ? 4.263   -1.650  15.350  1.00 23.16  ? 69  ARG A NH1 1 
ATOM   602  N  NH2 . ARG A 1 70  ? 2.994   0.126   14.675  1.00 23.78  ? 69  ARG A NH2 1 
ATOM   603  N  N   . ARG A 1 71  ? -1.376  -5.261  11.493  1.00 28.30  ? 70  ARG A N   1 
ATOM   604  C  CA  . ARG A 1 71  ? -2.760  -5.345  10.996  1.00 28.82  ? 70  ARG A CA  1 
ATOM   605  C  C   . ARG A 1 71  ? -3.079  -6.797  10.576  1.00 32.34  ? 70  ARG A C   1 
ATOM   606  O  O   . ARG A 1 71  ? -4.231  -7.218  10.752  1.00 33.90  ? 70  ARG A O   1 
ATOM   607  C  CB  . ARG A 1 71  ? -2.948  -4.416  9.809   1.00 32.49  ? 70  ARG A CB  1 
ATOM   608  C  CG  . ARG A 1 71  ? -4.403  -4.314  9.395   1.00 35.30  ? 70  ARG A CG  1 
ATOM   609  C  CD  . ARG A 1 71  ? -4.978  -2.971  9.672   1.00 37.65  ? 70  ARG A CD  1 
ATOM   610  N  NE  . ARG A 1 71  ? -6.373  -2.791  9.287   1.00 33.87  ? 70  ARG A NE  1 
ATOM   611  C  CZ  . ARG A 1 71  ? -6.998  -1.641  9.436   1.00 32.75  ? 70  ARG A CZ  1 
ATOM   612  N  NH1 . ARG A 1 71  ? -6.362  -0.611  9.985   1.00 30.12  ? 70  ARG A NH1 1 
ATOM   613  N  NH2 . ARG A 1 71  ? -8.280  -1.545  9.138   1.00 34.68  ? 70  ARG A NH2 1 
ATOM   614  N  N   . LEU A 1 72  ? -2.095  -7.489  10.019  1.00 31.82  ? 71  LEU A N   1 
ATOM   615  C  CA  . LEU A 1 72  ? -2.193  -8.918  9.593   1.00 33.74  ? 71  LEU A CA  1 
ATOM   616  C  C   . LEU A 1 72  ? -2.021  -9.858  10.798  1.00 32.85  ? 71  LEU A C   1 
ATOM   617  O  O   . LEU A 1 72  ? -2.199  -11.093 10.592  1.00 35.71  ? 71  LEU A O   1 
ATOM   618  C  CB  . LEU A 1 72  ? -1.109  -9.221  8.565   1.00 31.81  ? 71  LEU A CB  1 
ATOM   619  C  CG  . LEU A 1 72  ? -1.268  -8.561  7.199   1.00 34.46  ? 71  LEU A CG  1 
ATOM   620  C  CD1 . LEU A 1 72  ? -0.019  -8.794  6.390   1.00 34.95  ? 71  LEU A CD1 1 
ATOM   621  C  CD2 . LEU A 1 72  ? -2.511  -9.050  6.479   1.00 35.09  ? 71  LEU A CD2 1 
ATOM   622  N  N   . GLN A 1 73  ? -1.650  -9.328  11.964  1.00 33.63  ? 72  GLN A N   1 
ATOM   623  C  CA  . GLN A 1 73  ? -1.409  -10.051 13.241  1.00 41.46  ? 72  GLN A CA  1 
ATOM   624  C  C   . GLN A 1 73  ? -0.368  -11.156 13.005  1.00 43.11  ? 72  GLN A C   1 
ATOM   625  O  O   . GLN A 1 73  ? -0.561  -12.310 13.478  1.00 38.86  ? 72  GLN A O   1 
ATOM   626  C  CB  . GLN A 1 73  ? -2.756  -10.487 13.835  1.00 47.19  ? 72  GLN A CB  1 
ATOM   627  C  CG  . GLN A 1 73  ? -3.429  -9.385  14.659  1.00 55.23  ? 72  GLN A CG  1 
ATOM   628  C  CD  . GLN A 1 73  ? -2.617  -8.840  15.831  1.00 66.98  ? 72  GLN A CD  1 
ATOM   629  O  OE1 . GLN A 1 73  ? -2.899  -9.157  16.994  1.00 54.46  ? 72  GLN A OE1 1 
ATOM   630  N  NE2 . GLN A 1 73  ? -1.618  -7.976  15.571  1.00 60.39  ? 72  GLN A NE2 1 
ATOM   631  N  N   . LEU A 1 74  ? 0.730   -10.805 12.338  1.00 35.34  ? 73  LEU A N   1 
ATOM   632  C  CA  . LEU A 1 74  ? 1.888   -11.715 12.082  1.00 39.84  ? 73  LEU A CA  1 
ATOM   633  C  C   . LEU A 1 74  ? 2.703   -12.016 13.354  1.00 38.48  ? 73  LEU A C   1 
ATOM   634  O  O   . LEU A 1 74  ? 2.803   -11.178 14.257  1.00 37.99  ? 73  LEU A O   1 
ATOM   635  C  CB  . LEU A 1 74  ? 2.817   -11.094 11.027  1.00 34.45  ? 73  LEU A CB  1 
ATOM   636  C  CG  . LEU A 1 74  ? 2.198   -10.783 9.662   1.00 34.85  ? 73  LEU A CG  1 
ATOM   637  C  CD1 . LEU A 1 74  ? 3.310   -10.548 8.656   1.00 34.47  ? 73  LEU A CD1 1 
ATOM   638  C  CD2 . LEU A 1 74  ? 1.258   -11.874 9.188   1.00 39.10  ? 73  LEU A CD2 1 
ATOM   639  N  N   . ASN A 1 75  ? 3.394   -13.154 13.368  1.00 47.17  ? 74  ASN A N   1 
ATOM   640  C  CA  . ASN A 1 75  ? 4.380   -13.444 14.444  1.00 46.84  ? 74  ASN A CA  1 
ATOM   641  C  C   . ASN A 1 75  ? 5.791   -13.218 13.904  1.00 46.02  ? 74  ASN A C   1 
ATOM   642  O  O   . ASN A 1 75  ? 5.963   -13.079 12.643  1.00 40.14  ? 74  ASN A O   1 
ATOM   643  C  CB  . ASN A 1 75  ? 4.190   -14.826 15.056  1.00 54.27  ? 74  ASN A CB  1 
ATOM   644  C  CG  . ASN A 1 75  ? 4.412   -15.917 14.040  1.00 59.61  ? 74  ASN A CG  1 
ATOM   645  O  OD1 . ASN A 1 75  ? 5.528   -16.088 13.540  1.00 54.71  ? 74  ASN A OD1 1 
ATOM   646  N  ND2 . ASN A 1 75  ? 3.350   -16.648 13.733  1.00 67.20  ? 74  ASN A ND2 1 
ATOM   647  N  N   . ALA A 1 76  ? 6.741   -13.191 14.844  1.00 47.81  ? 75  ALA A N   1 
ATOM   648  C  CA  . ALA A 1 76  ? 8.132   -12.717 14.688  1.00 55.15  ? 75  ALA A CA  1 
ATOM   649  C  C   . ALA A 1 76  ? 8.806   -13.405 13.496  1.00 60.43  ? 75  ALA A C   1 
ATOM   650  O  O   . ALA A 1 76  ? 9.627   -12.749 12.862  1.00 64.75  ? 75  ALA A O   1 
ATOM   651  C  CB  . ALA A 1 76  ? 8.899   -12.946 15.967  1.00 58.77  ? 75  ALA A CB  1 
ATOM   652  N  N   . ASN A 1 77  ? 8.480   -14.658 13.178  1.00 59.64  ? 76  ASN A N   1 
ATOM   653  C  CA  . ASN A 1 77  ? 9.285   -15.409 12.175  1.00 71.76  ? 76  ASN A CA  1 
ATOM   654  C  C   . ASN A 1 77  ? 8.522   -15.615 10.853  1.00 65.46  ? 76  ASN A C   1 
ATOM   655  O  O   . ASN A 1 77  ? 9.084   -16.318 9.996   1.00 70.88  ? 76  ASN A O   1 
ATOM   656  C  CB  . ASN A 1 77  ? 9.824   -16.715 12.760  1.00 80.29  ? 76  ASN A CB  1 
ATOM   657  C  CG  . ASN A 1 77  ? 8.725   -17.566 13.349  1.00 87.85  ? 76  ASN A CG  1 
ATOM   658  O  OD1 . ASN A 1 77  ? 7.712   -17.804 12.693  1.00 93.89  ? 76  ASN A OD1 1 
ATOM   659  N  ND2 . ASN A 1 77  ? 8.900   -17.989 14.591  1.00 92.28  ? 76  ASN A ND2 1 
ATOM   660  N  N   . GLN A 1 78  ? 7.351   -14.989 10.644  1.00 52.73  ? 77  GLN A N   1 
ATOM   661  C  CA  . GLN A 1 78  ? 6.679   -14.952 9.311   1.00 45.85  ? 77  GLN A CA  1 
ATOM   662  C  C   . GLN A 1 78  ? 7.355   -13.881 8.466   1.00 45.97  ? 77  GLN A C   1 
ATOM   663  O  O   . GLN A 1 78  ? 7.470   -12.738 8.952   1.00 44.22  ? 77  GLN A O   1 
ATOM   664  C  CB  . GLN A 1 78  ? 5.185   -14.661 9.399   1.00 46.36  ? 77  GLN A CB  1 
ATOM   665  C  CG  . GLN A 1 78  ? 4.403   -15.777 10.067  1.00 53.09  ? 77  GLN A CG  1 
ATOM   666  C  CD  . GLN A 1 78  ? 2.988   -15.368 10.388  1.00 51.64  ? 77  GLN A CD  1 
ATOM   667  O  OE1 . GLN A 1 78  ? 2.691   -14.890 11.471  1.00 54.59  ? 77  GLN A OE1 1 
ATOM   668  N  NE2 . GLN A 1 78  ? 2.093   -15.556 9.438   1.00 57.50  ? 77  GLN A NE2 1 
ATOM   669  N  N   . ALA A 1 79  ? 7.803   -14.245 7.262   1.00 43.09  ? 78  ALA A N   1 
ATOM   670  C  CA  . ALA A 1 79  ? 8.451   -13.325 6.302   1.00 41.06  ? 78  ALA A CA  1 
ATOM   671  C  C   . ALA A 1 79  ? 7.374   -12.420 5.693   1.00 37.69  ? 78  ALA A C   1 
ATOM   672  O  O   . ALA A 1 79  ? 6.235   -12.872 5.542   1.00 39.04  ? 78  ALA A O   1 
ATOM   673  C  CB  . ALA A 1 79  ? 9.189   -14.082 5.216   1.00 43.88  ? 78  ALA A CB  1 
ATOM   674  N  N   . PHE A 1 80  ? 7.766   -11.205 5.325   1.00 38.21  ? 79  PHE A N   1 
ATOM   675  C  CA  . PHE A 1 80  ? 6.883   -10.179 4.735   1.00 39.84  ? 79  PHE A CA  1 
ATOM   676  C  C   . PHE A 1 80  ? 7.739   -9.290  3.830   1.00 38.55  ? 79  PHE A C   1 
ATOM   677  O  O   . PHE A 1 80  ? 8.792   -8.773  4.281   1.00 38.46  ? 79  PHE A O   1 
ATOM   678  C  CB  . PHE A 1 80  ? 6.152   -9.426  5.846   1.00 35.69  ? 79  PHE A CB  1 
ATOM   679  C  CG  . PHE A 1 80  ? 5.239   -8.339  5.364   1.00 33.57  ? 79  PHE A CG  1 
ATOM   680  C  CD1 . PHE A 1 80  ? 3.916   -8.605  5.050   1.00 34.24  ? 79  PHE A CD1 1 
ATOM   681  C  CD2 . PHE A 1 80  ? 5.708   -7.045  5.223   1.00 34.72  ? 79  PHE A CD2 1 
ATOM   682  C  CE1 . PHE A 1 80  ? 3.075   -7.598  4.606   1.00 35.13  ? 79  PHE A CE1 1 
ATOM   683  C  CE2 . PHE A 1 80  ? 4.875   -6.048  4.752   1.00 31.77  ? 79  PHE A CE2 1 
ATOM   684  C  CZ  . PHE A 1 80  ? 3.560   -6.321  4.454   1.00 33.10  ? 79  PHE A CZ  1 
ATOM   685  N  N   . PHE A 1 81  ? 7.319   -9.190  2.562   1.00 41.71  ? 80  PHE A N   1 
ATOM   686  C  CA  . PHE A 1 81  ? 7.944   -8.345  1.519   1.00 37.24  ? 80  PHE A CA  1 
ATOM   687  C  C   . PHE A 1 81  ? 6.842   -7.469  0.934   1.00 34.55  ? 80  PHE A C   1 
ATOM   688  O  O   . PHE A 1 81  ? 5.698   -7.914  0.697   1.00 34.26  ? 80  PHE A O   1 
ATOM   689  C  CB  . PHE A 1 81  ? 8.670   -9.191  0.464   1.00 41.77  ? 80  PHE A CB  1 
ATOM   690  C  CG  . PHE A 1 81  ? 9.751   -10.049 1.062   1.00 48.22  ? 80  PHE A CG  1 
ATOM   691  C  CD1 . PHE A 1 81  ? 9.477   -11.348 1.479   1.00 55.10  ? 80  PHE A CD1 1 
ATOM   692  C  CD2 . PHE A 1 81  ? 11.014  -9.522  1.313   1.00 49.82  ? 80  PHE A CD2 1 
ATOM   693  C  CE1 . PHE A 1 81  ? 10.462  -12.121 2.082   1.00 56.82  ? 80  PHE A CE1 1 
ATOM   694  C  CE2 . PHE A 1 81  ? 11.992  -10.292 1.928   1.00 55.05  ? 80  PHE A CE2 1 
ATOM   695  C  CZ  . PHE A 1 81  ? 11.719  -11.592 2.298   1.00 57.23  ? 80  PHE A CZ  1 
ATOM   696  N  N   . LEU A 1 82  ? 7.180   -6.211  0.717   1.00 35.63  ? 81  LEU A N   1 
ATOM   697  C  CA  . LEU A 1 82  ? 6.223   -5.200  0.220   1.00 35.39  ? 81  LEU A CA  1 
ATOM   698  C  C   . LEU A 1 82  ? 6.778   -4.573  -1.067  1.00 37.68  ? 81  LEU A C   1 
ATOM   699  O  O   . LEU A 1 82  ? 7.906   -4.072  -1.035  1.00 41.52  ? 81  LEU A O   1 
ATOM   700  C  CB  . LEU A 1 82  ? 6.071   -4.177  1.338   1.00 39.22  ? 81  LEU A CB  1 
ATOM   701  C  CG  . LEU A 1 82  ? 4.976   -3.138  1.152   1.00 37.23  ? 81  LEU A CG  1 
ATOM   702  C  CD1 . LEU A 1 82  ? 3.596   -3.764  1.203   1.00 33.25  ? 81  LEU A CD1 1 
ATOM   703  C  CD2 . LEU A 1 82  ? 5.141   -2.054  2.192   1.00 35.49  ? 81  LEU A CD2 1 
ATOM   704  N  N   . LEU A 1 83  ? 6.024   -4.641  -2.160  1.00 31.17  ? 82  LEU A N   1 
ATOM   705  C  CA  . LEU A 1 83  ? 6.336   -3.880  -3.403  1.00 33.43  ? 82  LEU A CA  1 
ATOM   706  C  C   . LEU A 1 83  ? 5.601   -2.537  -3.356  1.00 32.90  ? 82  LEU A C   1 
ATOM   707  O  O   . LEU A 1 83  ? 4.443   -2.491  -2.853  1.00 32.54  ? 82  LEU A O   1 
ATOM   708  C  CB  . LEU A 1 83  ? 5.875   -4.683  -4.613  1.00 39.80  ? 82  LEU A CB  1 
ATOM   709  C  CG  . LEU A 1 83  ? 6.581   -6.016  -4.832  1.00 44.07  ? 82  LEU A CG  1 
ATOM   710  C  CD1 . LEU A 1 83  ? 5.941   -6.740  -6.010  1.00 49.00  ? 82  LEU A CD1 1 
ATOM   711  C  CD2 . LEU A 1 83  ? 8.074   -5.820  -5.050  1.00 43.07  ? 82  LEU A CD2 1 
ATOM   712  N  N   . VAL A 1 84  ? 6.230   -1.493  -3.876  1.00 27.92  ? 83  VAL A N   1 
ATOM   713  C  CA  . VAL A 1 84  ? 5.594   -0.165  -4.058  1.00 28.79  ? 83  VAL A CA  1 
ATOM   714  C  C   . VAL A 1 84  ? 5.639   0.135   -5.559  1.00 30.50  ? 83  VAL A C   1 
ATOM   715  O  O   . VAL A 1 84  ? 6.740   -0.017  -6.142  1.00 29.57  ? 83  VAL A O   1 
ATOM   716  C  CB  . VAL A 1 84  ? 6.300   0.936   -3.245  1.00 28.68  ? 83  VAL A CB  1 
ATOM   717  C  CG1 . VAL A 1 84  ? 5.600   2.270   -3.482  1.00 31.21  ? 83  VAL A CG1 1 
ATOM   718  C  CG2 . VAL A 1 84  ? 6.341   0.603   -1.763  1.00 36.02  ? 83  VAL A CG2 1 
ATOM   719  N  N   . ASN A 1 85  ? 4.494   0.451   -6.156  1.00 28.35  ? 84  ASN A N   1 
ATOM   720  C  CA  . ASN A 1 85  ? 4.404   0.853   -7.590  1.00 30.37  ? 84  ASN A CA  1 
ATOM   721  C  C   . ASN A 1 85  ? 5.020   -0.297  -8.412  1.00 30.52  ? 84  ASN A C   1 
ATOM   722  O  O   . ASN A 1 85  ? 5.717   -0.033  -9.415  1.00 33.55  ? 84  ASN A O   1 
ATOM   723  C  CB  . ASN A 1 85  ? 5.043   2.224   -7.832  1.00 31.09  ? 84  ASN A CB  1 
ATOM   724  C  CG  . ASN A 1 85  ? 4.939   2.713   -9.265  1.00 31.54  ? 84  ASN A CG  1 
ATOM   725  O  OD1 . ASN A 1 85  ? 3.958   2.463   -9.946  1.00 34.11  ? 84  ASN A OD1 1 
ATOM   726  N  ND2 . ASN A 1 85  ? 5.947   3.432   -9.718  1.00 35.78  ? 84  ASN A ND2 1 
ATOM   727  N  N   . GLY A 1 86  ? 4.832   -1.540  -7.977  1.00 31.57  ? 85  GLY A N   1 
ATOM   728  C  CA  . GLY A 1 86  ? 5.247   -2.714  -8.777  1.00 31.67  ? 85  GLY A CA  1 
ATOM   729  C  C   . GLY A 1 86  ? 6.669   -3.209  -8.508  1.00 35.01  ? 85  GLY A C   1 
ATOM   730  O  O   . GLY A 1 86  ? 7.031   -4.235  -9.102  1.00 34.73  ? 85  GLY A O   1 
ATOM   731  N  N   . HIS A 1 87  ? 7.483   -2.555  -7.675  1.00 29.31  ? 86  HIS A N   1 
ATOM   732  C  CA  . HIS A 1 87  ? 8.923   -2.880  -7.507  1.00 30.59  ? 86  HIS A CA  1 
ATOM   733  C  C   . HIS A 1 87  ? 9.352   -2.825  -6.038  1.00 31.96  ? 86  HIS A C   1 
ATOM   734  O  O   . HIS A 1 87  ? 8.626   -2.242  -5.200  1.00 27.80  ? 86  HIS A O   1 
ATOM   735  C  CB  . HIS A 1 87  ? 9.802   -1.947  -8.355  1.00 30.73  ? 86  HIS A CB  1 
ATOM   736  C  CG  . HIS A 1 87  ? 9.612   -0.494  -8.074  1.00 33.19  ? 86  HIS A CG  1 
ATOM   737  N  ND1 . HIS A 1 87  ? 10.206  0.128   -6.996  1.00 39.39  ? 86  HIS A ND1 1 
ATOM   738  C  CD2 . HIS A 1 87  ? 8.838   0.441   -8.678  1.00 33.19  ? 86  HIS A CD2 1 
ATOM   739  C  CE1 . HIS A 1 87  ? 9.837   1.397   -6.974  1.00 41.86  ? 86  HIS A CE1 1 
ATOM   740  N  NE2 . HIS A 1 87  ? 9.032   1.619   -8.036  1.00 37.07  ? 86  HIS A NE2 1 
ATOM   741  N  N   A SER A 1 88  ? 10.500  -3.429  -5.722  0.06 30.27  ? 87  SER A N   1 
ATOM   742  N  N   B SER A 1 88  ? 10.524  -3.405  -5.748  0.44 30.83  ? 87  SER A N   1 
ATOM   743  C  CA  A SER A 1 88  ? 11.090  -3.438  -4.359  0.06 30.49  ? 87  SER A CA  1 
ATOM   744  C  CA  B SER A 1 88  ? 11.201  -3.389  -4.423  0.44 34.70  ? 87  SER A CA  1 
ATOM   745  C  C   A SER A 1 88  ? 11.502  -2.012  -3.979  0.06 31.40  ? 87  SER A C   1 
ATOM   746  C  C   B SER A 1 88  ? 11.451  -1.947  -3.993  0.44 32.57  ? 87  SER A C   1 
ATOM   747  O  O   A SER A 1 88  ? 11.873  -1.241  -4.884  0.06 31.88  ? 87  SER A O   1 
ATOM   748  O  O   B SER A 1 88  ? 11.688  -1.100  -4.876  0.44 37.08  ? 87  SER A O   1 
ATOM   749  C  CB  A SER A 1 88  ? 12.252  -4.391  -4.266  0.06 29.83  ? 87  SER A CB  1 
ATOM   750  C  CB  B SER A 1 88  ? 12.518  -4.125  -4.460  0.44 38.91  ? 87  SER A CB  1 
ATOM   751  O  OG  A SER A 1 88  ? 13.382  -3.877  -4.953  0.06 27.76  ? 87  SER A OG  1 
ATOM   752  O  OG  B SER A 1 88  ? 12.309  -5.521  -4.501  0.44 46.01  ? 87  SER A OG  1 
ATOM   753  N  N   . MET A 1 89  ? 11.413  -1.684  -2.689  1.00 32.25  ? 88  MET A N   1 
ATOM   754  C  CA  . MET A 1 89  ? 11.804  -0.363  -2.137  1.00 36.83  ? 88  MET A CA  1 
ATOM   755  C  C   . MET A 1 89  ? 13.344  -0.237  -2.110  1.00 38.37  ? 88  MET A C   1 
ATOM   756  O  O   . MET A 1 89  ? 14.031  -1.182  -1.626  1.00 36.37  ? 88  MET A O   1 
ATOM   757  C  CB  . MET A 1 89  ? 11.218  -0.237  -0.727  1.00 44.35  ? 88  MET A CB  1 
ATOM   758  C  CG  . MET A 1 89  ? 9.680   -0.200  -0.721  1.00 56.10  ? 88  MET A CG  1 
ATOM   759  S  SD  . MET A 1 89  ? 8.943   -0.376  0.939   1.00 68.04  ? 88  MET A SD  1 
ATOM   760  C  CE  . MET A 1 89  ? 10.351  -0.026  1.983   1.00 68.02  ? 88  MET A CE  1 
ATOM   761  N  N   . VAL A 1 90  ? 13.897  0.864   -2.631  1.00 40.37  ? 89  VAL A N   1 
ATOM   762  C  CA  . VAL A 1 90  ? 15.371  1.076   -2.604  1.00 42.16  ? 89  VAL A CA  1 
ATOM   763  C  C   . VAL A 1 90  ? 15.768  1.309   -1.151  1.00 36.04  ? 89  VAL A C   1 
ATOM   764  O  O   . VAL A 1 90  ? 16.855  0.853   -0.756  1.00 38.79  ? 89  VAL A O   1 
ATOM   765  C  CB  . VAL A 1 90  ? 15.839  2.235   -3.499  1.00 47.70  ? 89  VAL A CB  1 
ATOM   766  C  CG1 . VAL A 1 90  ? 17.299  2.552   -3.242  1.00 48.82  ? 89  VAL A CG1 1 
ATOM   767  C  CG2 . VAL A 1 90  ? 15.621  1.918   -4.968  1.00 53.54  ? 89  VAL A CG2 1 
ATOM   768  N  N   . SER A 1 91  ? 14.909  2.001   -0.396  1.00 38.58  ? 90  SER A N   1 
ATOM   769  C  CA  . SER A 1 91  ? 15.117  2.326   1.038   1.00 42.26  ? 90  SER A CA  1 
ATOM   770  C  C   . SER A 1 91  ? 13.794  2.356   1.811   1.00 40.03  ? 90  SER A C   1 
ATOM   771  O  O   . SER A 1 91  ? 12.801  2.852   1.289   1.00 45.25  ? 90  SER A O   1 
ATOM   772  C  CB  . SER A 1 91  ? 15.809  3.647   1.242   1.00 42.46  ? 90  SER A CB  1 
ATOM   773  O  OG  . SER A 1 91  ? 16.174  3.740   2.620   1.00 54.83  ? 90  SER A OG  1 
ATOM   774  N  N   . VAL A 1 92  ? 13.848  1.912   3.057   1.00 41.38  ? 91  VAL A N   1 
ATOM   775  C  CA  . VAL A 1 92  ? 12.688  1.868   3.991   1.00 43.61  ? 91  VAL A CA  1 
ATOM   776  C  C   . VAL A 1 92  ? 12.711  3.136   4.866   1.00 42.32  ? 91  VAL A C   1 
ATOM   777  O  O   . VAL A 1 92  ? 11.772  3.332   5.621   1.00 38.18  ? 91  VAL A O   1 
ATOM   778  C  CB  . VAL A 1 92  ? 12.693  0.573   4.834   1.00 43.85  ? 91  VAL A CB  1 
ATOM   779  C  CG1 . VAL A 1 92  ? 12.507  -0.684  4.006   1.00 50.11  ? 91  VAL A CG1 1 
ATOM   780  C  CG2 . VAL A 1 92  ? 13.941  0.442   5.697   1.00 50.00  ? 91  VAL A CG2 1 
ATOM   781  N  N   . SER A 1 93  ? 13.723  3.991   4.740   1.00 39.04  ? 92  SER A N   1 
ATOM   782  C  CA  . SER A 1 93  ? 13.923  5.169   5.615   1.00 39.40  ? 92  SER A CA  1 
ATOM   783  C  C   . SER A 1 93  ? 13.200  6.408   5.071   1.00 34.86  ? 92  SER A C   1 
ATOM   784  O  O   . SER A 1 93  ? 13.101  7.438   5.782   1.00 40.67  ? 92  SER A O   1 
ATOM   785  C  CB  . SER A 1 93  ? 15.396  5.418   5.778   1.00 47.23  ? 92  SER A CB  1 
ATOM   786  O  OG  . SER A 1 93  ? 15.950  5.928   4.568   1.00 48.55  ? 92  SER A OG  1 
ATOM   787  N  N   . THR A 1 94  ? 12.760  6.365   3.815   1.00 33.02  ? 93  THR A N   1 
ATOM   788  C  CA  . THR A 1 94  ? 12.126  7.513   3.142   1.00 35.05  ? 93  THR A CA  1 
ATOM   789  C  C   . THR A 1 94  ? 10.758  7.819   3.773   1.00 31.97  ? 93  THR A C   1 
ATOM   790  O  O   . THR A 1 94  ? 9.947   6.908   3.930   1.00 33.88  ? 93  THR A O   1 
ATOM   791  C  CB  . THR A 1 94  ? 11.960  7.183   1.658   1.00 39.19  ? 93  THR A CB  1 
ATOM   792  O  OG1 . THR A 1 94  ? 13.053  6.335   1.264   1.00 49.72  ? 93  THR A OG1 1 
ATOM   793  C  CG2 . THR A 1 94  ? 11.849  8.436   0.829   1.00 39.83  ? 93  THR A CG2 1 
ATOM   794  N  N   . PRO A 1 95  ? 10.476  9.083   4.138   1.00 33.37  ? 94  PRO A N   1 
ATOM   795  C  CA  . PRO A 1 95  ? 9.122   9.513   4.499   1.00 33.82  ? 94  PRO A CA  1 
ATOM   796  C  C   . PRO A 1 95  ? 8.124   9.190   3.384   1.00 31.12  ? 94  PRO A C   1 
ATOM   797  O  O   . PRO A 1 95  ? 8.479   9.346   2.219   1.00 29.93  ? 94  PRO A O   1 
ATOM   798  C  CB  . PRO A 1 95  ? 9.217   11.033  4.708   1.00 38.74  ? 94  PRO A CB  1 
ATOM   799  C  CG  . PRO A 1 95  ? 10.710  11.299  4.927   1.00 42.02  ? 94  PRO A CG  1 
ATOM   800  C  CD  . PRO A 1 95  ? 11.449  10.187  4.224   1.00 38.78  ? 94  PRO A CD  1 
ATOM   801  N  N   . ILE A 1 96  ? 6.959   8.633   3.745   1.00 28.15  ? 95  ILE A N   1 
ATOM   802  C  CA  . ILE A 1 96  ? 5.947   8.223   2.733   1.00 27.15  ? 95  ILE A CA  1 
ATOM   803  C  C   . ILE A 1 96  ? 5.499   9.444   1.894   1.00 25.01  ? 95  ILE A C   1 
ATOM   804  O  O   . ILE A 1 96  ? 5.107   9.243   0.732   1.00 26.57  ? 95  ILE A O   1 
ATOM   805  C  CB  . ILE A 1 96  ? 4.781   7.424   3.353   1.00 26.40  ? 95  ILE A CB  1 
ATOM   806  C  CG1 . ILE A 1 96  ? 3.981   6.723   2.252   1.00 26.51  ? 95  ILE A CG1 1 
ATOM   807  C  CG2 . ILE A 1 96  ? 3.914   8.311   4.243   1.00 25.72  ? 95  ILE A CG2 1 
ATOM   808  C  CD1 . ILE A 1 96  ? 2.955   5.729   2.749   1.00 28.31  ? 95  ILE A CD1 1 
ATOM   809  N  N   . SER A 1 97  ? 5.578   10.690  2.382   1.00 24.30  ? 96  SER A N   1 
ATOM   810  C  CA  . SER A 1 97  ? 5.209   11.884  1.573   1.00 25.49  ? 96  SER A CA  1 
ATOM   811  C  C   . SER A 1 97  ? 6.139   11.953  0.338   1.00 27.50  ? 96  SER A C   1 
ATOM   812  O  O   . SER A 1 97  ? 5.657   12.289  -0.764  1.00 24.95  ? 96  SER A O   1 
ATOM   813  C  CB  . SER A 1 97  ? 5.322   13.177  2.360   1.00 26.00  ? 96  SER A CB  1 
ATOM   814  O  OG  . SER A 1 97  ? 6.609   13.227  2.981   1.00 28.52  ? 96  SER A OG  1 
ATOM   815  N  N   . GLU A 1 98  ? 7.424   11.617  0.523   1.00 27.51  ? 97  GLU A N   1 
ATOM   816  C  CA  . GLU A 1 98  ? 8.455   11.633  -0.571  1.00 30.32  ? 97  GLU A CA  1 
ATOM   817  C  C   . GLU A 1 98  ? 8.252   10.429  -1.495  1.00 31.10  ? 97  GLU A C   1 
ATOM   818  O  O   . GLU A 1 98  ? 8.295   10.595  -2.740  1.00 31.66  ? 97  GLU A O   1 
ATOM   819  C  CB  . GLU A 1 98  ? 9.865   11.579  0.020   1.00 34.48  ? 97  GLU A CB  1 
ATOM   820  C  CG  . GLU A 1 98  ? 10.309  12.914  0.594   1.00 46.22  ? 97  GLU A CG  1 
ATOM   821  C  CD  . GLU A 1 98  ? 11.657  12.863  1.304   1.00 54.36  ? 97  GLU A CD  1 
ATOM   822  O  OE1 . GLU A 1 98  ? 11.873  13.695  2.226   1.00 55.20  ? 97  GLU A OE1 1 
ATOM   823  O  OE2 . GLU A 1 98  ? 12.473  11.973  0.957   1.00 53.90  ? 97  GLU A OE2 1 
ATOM   824  N  N   . VAL A 1 99  ? 8.014   9.257   -0.912  1.00 26.51  ? 98  VAL A N   1 
ATOM   825  C  CA  . VAL A 1 99  ? 7.703   8.020   -1.683  1.00 28.93  ? 98  VAL A CA  1 
ATOM   826  C  C   . VAL A 1 99  ? 6.486   8.299   -2.558  1.00 28.28  ? 98  VAL A C   1 
ATOM   827  O  O   . VAL A 1 99  ? 6.517   7.953   -3.772  1.00 28.51  ? 98  VAL A O   1 
ATOM   828  C  CB  . VAL A 1 99  ? 7.462   6.799   -0.769  1.00 29.97  ? 98  VAL A CB  1 
ATOM   829  C  CG1 . VAL A 1 99  ? 7.081   5.568   -1.585  1.00 32.37  ? 98  VAL A CG1 1 
ATOM   830  C  CG2 . VAL A 1 99  ? 8.696   6.508   0.060   1.00 32.38  ? 98  VAL A CG2 1 
ATOM   831  N  N   . TYR A 1 100 ? 5.436   8.900   -1.996  1.00 25.01  ? 99  TYR A N   1 
ATOM   832  C  CA  . TYR A 1 100 ? 4.192   9.219   -2.746  1.00 26.15  ? 99  TYR A CA  1 
ATOM   833  C  C   . TYR A 1 100 ? 4.518   10.069  -3.984  1.00 28.51  ? 99  TYR A C   1 
ATOM   834  O  O   . TYR A 1 100 ? 4.075   9.716   -5.097  1.00 28.35  ? 99  TYR A O   1 
ATOM   835  C  CB  . TYR A 1 100 ? 3.191   9.948   -1.858  1.00 25.97  ? 99  TYR A CB  1 
ATOM   836  C  CG  . TYR A 1 100 ? 1.917   10.287  -2.569  1.00 24.85  ? 99  TYR A CG  1 
ATOM   837  C  CD1 . TYR A 1 100 ? 0.985   9.308   -2.848  1.00 25.72  ? 99  TYR A CD1 1 
ATOM   838  C  CD2 . TYR A 1 100 ? 1.640   11.579  -2.980  1.00 24.56  ? 99  TYR A CD2 1 
ATOM   839  C  CE1 . TYR A 1 100 ? -0.186  9.604   -3.528  1.00 26.05  ? 99  TYR A CE1 1 
ATOM   840  C  CE2 . TYR A 1 100 ? 0.467   11.896  -3.648  1.00 25.75  ? 99  TYR A CE2 1 
ATOM   841  C  CZ  . TYR A 1 100 ? -0.457  10.897  -3.916  1.00 26.33  ? 99  TYR A CZ  1 
ATOM   842  O  OH  . TYR A 1 100 ? -1.613  11.208  -4.573  1.00 26.52  ? 99  TYR A OH  1 
ATOM   843  N  N   . GLU A 1 101 ? 5.241   11.179  -3.799  1.00 25.85  ? 100 GLU A N   1 
ATOM   844  C  CA  . GLU A 1 101 ? 5.534   12.109  -4.901  1.00 29.56  ? 100 GLU A CA  1 
ATOM   845  C  C   . GLU A 1 101 ? 6.254   11.388  -6.038  1.00 29.22  ? 100 GLU A C   1 
ATOM   846  O  O   . GLU A 1 101 ? 6.007   11.754  -7.187  1.00 32.50  ? 100 GLU A O   1 
ATOM   847  C  CB  . GLU A 1 101 ? 6.404   13.293  -4.480  1.00 32.91  ? 100 GLU A CB  1 
ATOM   848  C  CG  . GLU A 1 101 ? 5.653   14.378  -3.775  1.00 40.11  ? 100 GLU A CG  1 
ATOM   849  C  CD  . GLU A 1 101 ? 6.253   15.746  -4.113  1.00 45.68  ? 100 GLU A CD  1 
ATOM   850  O  OE1 . GLU A 1 101 ? 7.485   15.815  -4.367  1.00 46.39  ? 100 GLU A OE1 1 
ATOM   851  O  OE2 . GLU A 1 101 ? 5.494   16.708  -4.132  1.00 54.37  ? 100 GLU A OE2 1 
ATOM   852  N  N   . SER A 1 102 ? 7.107   10.424  -5.758  1.00 30.61  ? 101 SER A N   1 
ATOM   853  C  CA  . SER A 1 102 ? 7.856   9.773   -6.853  1.00 34.02  ? 101 SER A CA  1 
ATOM   854  C  C   . SER A 1 102 ? 7.184   8.488   -7.356  1.00 35.02  ? 101 SER A C   1 
ATOM   855  O  O   . SER A 1 102 ? 7.388   8.187   -8.534  1.00 33.15  ? 101 SER A O   1 
ATOM   856  C  CB  . SER A 1 102 ? 9.285   9.630   -6.508  1.00 37.84  ? 101 SER A CB  1 
ATOM   857  O  OG  . SER A 1 102 ? 9.519   8.407   -5.899  1.00 48.93  ? 101 SER A OG  1 
ATOM   858  N  N   . GLU A 1 103 ? 6.369   7.779   -6.565  1.00 27.35  ? 102 GLU A N   1 
ATOM   859  C  CA  . GLU A 1 103 ? 5.858   6.436   -6.935  1.00 27.17  ? 102 GLU A CA  1 
ATOM   860  C  C   . GLU A 1 103 ? 4.335   6.399   -7.109  1.00 28.44  ? 102 GLU A C   1 
ATOM   861  O  O   . GLU A 1 103 ? 3.811   5.346   -7.489  1.00 30.25  ? 102 GLU A O   1 
ATOM   862  C  CB  . GLU A 1 103 ? 6.291   5.400   -5.904  1.00 29.13  ? 102 GLU A CB  1 
ATOM   863  C  CG  . GLU A 1 103 ? 7.801   5.304   -5.731  1.00 30.60  ? 102 GLU A CG  1 
ATOM   864  C  CD  . GLU A 1 103 ? 8.536   4.743   -6.934  1.00 35.94  ? 102 GLU A CD  1 
ATOM   865  O  OE1 . GLU A 1 103 ? 7.889   4.101   -7.767  1.00 36.35  ? 102 GLU A OE1 1 
ATOM   866  O  OE2 . GLU A 1 103 ? 9.748   4.970   -7.040  1.00 40.38  ? 102 GLU A OE2 1 
ATOM   867  N  N   . LYS A 1 104 ? 3.627   7.494   -6.914  1.00 28.65  ? 103 LYS A N   1 
ATOM   868  C  CA  . LYS A 1 104 ? 2.156   7.506   -7.072  1.00 26.55  ? 103 LYS A CA  1 
ATOM   869  C  C   . LYS A 1 104 ? 1.774   7.030   -8.479  1.00 30.53  ? 103 LYS A C   1 
ATOM   870  O  O   . LYS A 1 104 ? 2.508   7.316   -9.451  1.00 34.25  ? 103 LYS A O   1 
ATOM   871  C  CB  . LYS A 1 104 ? 1.574   8.892   -6.841  1.00 29.12  ? 103 LYS A CB  1 
ATOM   872  C  CG  . LYS A 1 104 ? 2.025   9.983   -7.793  1.00 31.54  ? 103 LYS A CG  1 
ATOM   873  C  CD  . LYS A 1 104 ? 1.786   11.399  -7.290  1.00 34.91  ? 103 LYS A CD  1 
ATOM   874  C  CE  . LYS A 1 104 ? 2.175   12.426  -8.334  1.00 38.16  ? 103 LYS A CE  1 
ATOM   875  N  NZ  . LYS A 1 104 ? 3.641   12.537  -8.506  1.00 41.82  ? 103 LYS A NZ  1 
ATOM   876  N  N   . ASP A 1 105 ? 0.649   6.356   -8.566  1.00 30.79  ? 104 ASP A N   1 
ATOM   877  C  CA  . ASP A 1 105 ? -0.045  6.025   -9.835  1.00 33.31  ? 104 ASP A CA  1 
ATOM   878  C  C   . ASP A 1 105 ? -0.607  7.293   -10.497 1.00 30.67  ? 104 ASP A C   1 
ATOM   879  O  O   . ASP A 1 105 ? -0.897  8.344   -9.846  1.00 29.30  ? 104 ASP A O   1 
ATOM   880  C  CB  . ASP A 1 105 ? -1.153  5.012   -9.562  1.00 32.82  ? 104 ASP A CB  1 
ATOM   881  C  CG  . ASP A 1 105 ? -1.612  4.261   -10.799 1.00 32.33  ? 104 ASP A CG  1 
ATOM   882  O  OD1 . ASP A 1 105 ? -0.993  3.234   -11.095 1.00 35.89  ? 104 ASP A OD1 1 
ATOM   883  O  OD2 . ASP A 1 105 ? -2.585  4.701   -11.410 1.00 34.20  ? 104 ASP A OD2 1 
ATOM   884  N  N   . GLU A 1 106 ? -0.819  7.230   -11.801 1.00 31.12  ? 105 GLU A N   1 
ATOM   885  C  CA  . GLU A 1 106 ? -1.581  8.301   -12.484 1.00 33.36  ? 105 GLU A CA  1 
ATOM   886  C  C   . GLU A 1 106 ? -2.977  8.567   -11.918 1.00 32.14  ? 105 GLU A C   1 
ATOM   887  O  O   . GLU A 1 106 ? -3.421  9.709   -12.090 1.00 31.75  ? 105 GLU A O   1 
ATOM   888  C  CB  . GLU A 1 106 ? -1.780  7.952   -13.944 1.00 37.26  ? 105 GLU A CB  1 
ATOM   889  C  CG  . GLU A 1 106 ? -0.672  8.483   -14.784 1.00 43.15  ? 105 GLU A CG  1 
ATOM   890  C  CD  . GLU A 1 106 ? -0.895  7.991   -16.204 1.00 50.45  ? 105 GLU A CD  1 
ATOM   891  O  OE1 . GLU A 1 106 ? -1.832  8.525   -16.865 1.00 46.47  ? 105 GLU A OE1 1 
ATOM   892  O  OE2 . GLU A 1 106 ? -0.194  7.030   -16.580 1.00 63.50  ? 105 GLU A OE2 1 
ATOM   893  N  N   . ASP A 1 107 ? -3.634  7.613   -11.245 1.00 31.41  ? 106 ASP A N   1 
ATOM   894  C  CA  . ASP A 1 107 ? -4.976  7.850   -10.622 1.00 32.69  ? 106 ASP A CA  1 
ATOM   895  C  C   . ASP A 1 107 ? -4.852  8.630   -9.289  1.00 31.74  ? 106 ASP A C   1 
ATOM   896  O  O   . ASP A 1 107 ? -5.918  9.097   -8.780  1.00 30.06  ? 106 ASP A O   1 
ATOM   897  C  CB  . ASP A 1 107 ? -5.784  6.563   -10.426 1.00 32.29  ? 106 ASP A CB  1 
ATOM   898  C  CG  . ASP A 1 107 ? -5.258  5.517   -9.454  1.00 33.60  ? 106 ASP A CG  1 
ATOM   899  O  OD1 . ASP A 1 107 ? -4.261  5.792   -8.728  1.00 29.37  ? 106 ASP A OD1 1 
ATOM   900  O  OD2 . ASP A 1 107 ? -5.830  4.378   -9.478  1.00 33.45  ? 106 ASP A OD2 1 
ATOM   901  N  N   . GLY A 1 108 ? -3.625  8.718   -8.756  1.00 29.59  ? 107 GLY A N   1 
ATOM   902  C  CA  . GLY A 1 108 ? -3.258  9.405   -7.507  1.00 26.89  ? 107 GLY A CA  1 
ATOM   903  C  C   . GLY A 1 108 ? -3.167  8.499   -6.296  1.00 25.44  ? 107 GLY A C   1 
ATOM   904  O  O   . GLY A 1 108 ? -2.758  9.004   -5.218  1.00 27.20  ? 107 GLY A O   1 
ATOM   905  N  N   . PHE A 1 109 ? -3.492  7.212   -6.415  1.00 25.14  ? 108 PHE A N   1 
ATOM   906  C  CA  . PHE A 1 109 ? -3.241  6.220   -5.341  1.00 27.11  ? 108 PHE A CA  1 
ATOM   907  C  C   . PHE A 1 109 ? -1.763  5.833   -5.374  1.00 28.89  ? 108 PHE A C   1 
ATOM   908  O  O   . PHE A 1 109 ? -1.112  5.891   -6.465  1.00 28.99  ? 108 PHE A O   1 
ATOM   909  C  CB  . PHE A 1 109 ? -4.138  4.980   -5.466  1.00 28.26  ? 108 PHE A CB  1 
ATOM   910  C  CG  . PHE A 1 109 ? -5.529  5.175   -4.922  1.00 28.92  ? 108 PHE A CG  1 
ATOM   911  C  CD1 . PHE A 1 109 ? -5.736  5.312   -3.558  1.00 29.13  ? 108 PHE A CD1 1 
ATOM   912  C  CD2 . PHE A 1 109 ? -6.621  5.290   -5.764  1.00 26.40  ? 108 PHE A CD2 1 
ATOM   913  C  CE1 . PHE A 1 109 ? -7.008  5.552   -3.053  1.00 26.98  ? 108 PHE A CE1 1 
ATOM   914  C  CE2 . PHE A 1 109 ? -7.897  5.499   -5.261  1.00 28.04  ? 108 PHE A CE2 1 
ATOM   915  C  CZ  . PHE A 1 109 ? -8.094  5.630   -3.894  1.00 30.65  ? 108 PHE A CZ  1 
ATOM   916  N  N   . LEU A 1 110 ? -1.275  5.386   -4.227  1.00 26.17  ? 109 LEU A N   1 
ATOM   917  C  CA  . LEU A 1 110 ? 0.013   4.670   -4.076  1.00 28.11  ? 109 LEU A CA  1 
ATOM   918  C  C   . LEU A 1 110 ? -0.298  3.185   -3.893  1.00 26.59  ? 109 LEU A C   1 
ATOM   919  O  O   . LEU A 1 110 ? -0.923  2.832   -2.867  1.00 25.77  ? 109 LEU A O   1 
ATOM   920  C  CB  . LEU A 1 110 ? 0.777   5.244   -2.879  1.00 26.24  ? 109 LEU A CB  1 
ATOM   921  C  CG  . LEU A 1 110 ? 2.190   4.733   -2.656  1.00 30.20  ? 109 LEU A CG  1 
ATOM   922  C  CD1 . LEU A 1 110 ? 3.062   4.977   -3.922  1.00 31.33  ? 109 LEU A CD1 1 
ATOM   923  C  CD2 . LEU A 1 110 ? 2.800   5.431   -1.418  1.00 29.69  ? 109 LEU A CD2 1 
ATOM   924  N  N   . TYR A 1 111 ? 0.143   2.343   -4.838  1.00 27.15  ? 110 TYR A N   1 
ATOM   925  C  CA  . TYR A 1 111 ? -0.187  0.892   -4.920  1.00 27.03  ? 110 TYR A CA  1 
ATOM   926  C  C   . TYR A 1 111 ? 0.930   0.059   -4.281  1.00 27.90  ? 110 TYR A C   1 
ATOM   927  O  O   . TYR A 1 111 ? 2.124   0.224   -4.593  1.00 28.87  ? 110 TYR A O   1 
ATOM   928  C  CB  . TYR A 1 111 ? -0.484  0.491   -6.375  1.00 27.79  ? 110 TYR A CB  1 
ATOM   929  C  CG  . TYR A 1 111 ? -1.823  0.979   -6.897  1.00 25.53  ? 110 TYR A CG  1 
ATOM   930  C  CD1 . TYR A 1 111 ? -1.980  2.241   -7.434  1.00 26.13  ? 110 TYR A CD1 1 
ATOM   931  C  CD2 . TYR A 1 111 ? -2.958  0.201   -6.781  1.00 28.03  ? 110 TYR A CD2 1 
ATOM   932  C  CE1 . TYR A 1 111 ? -3.220  2.707   -7.863  1.00 26.59  ? 110 TYR A CE1 1 
ATOM   933  C  CE2 . TYR A 1 111 ? -4.197  0.641   -7.228  1.00 29.10  ? 110 TYR A CE2 1 
ATOM   934  C  CZ  . TYR A 1 111 ? -4.334  1.905   -7.763  1.00 27.89  ? 110 TYR A CZ  1 
ATOM   935  O  OH  . TYR A 1 111 ? -5.573  2.302   -8.174  1.00 30.26  ? 110 TYR A OH  1 
ATOM   936  N  N   . MET A 1 112 ? 0.550   -0.820  -3.355  1.00 27.71  ? 111 MET A N   1 
ATOM   937  C  CA  . MET A 1 112 ? 1.488   -1.733  -2.666  1.00 30.31  ? 111 MET A CA  1 
ATOM   938  C  C   . MET A 1 112 ? 0.941   -3.158  -2.748  1.00 30.02  ? 111 MET A C   1 
ATOM   939  O  O   . MET A 1 112 ? -0.317  -3.356  -2.732  1.00 29.84  ? 111 MET A O   1 
ATOM   940  C  CB  . MET A 1 112 ? 1.685   -1.325  -1.207  1.00 29.59  ? 111 MET A CB  1 
ATOM   941  C  CG  . MET A 1 112 ? 1.996   0.148   -1.114  1.00 32.46  ? 111 MET A CG  1 
ATOM   942  S  SD  . MET A 1 112 ? 2.629   0.518   0.512   1.00 33.10  ? 111 MET A SD  1 
ATOM   943  C  CE  . MET A 1 112 ? 3.056   2.246   0.267   1.00 33.86  ? 111 MET A CE  1 
ATOM   944  N  N   A VAL A 1 113 ? 1.858   -4.125  -2.853  0.41 30.16  ? 112 VAL A N   1 
ATOM   945  N  N   B VAL A 1 113 ? 1.827   -4.149  -2.872  0.10 30.10  ? 112 VAL A N   1 
ATOM   946  C  CA  A VAL A 1 113 ? 1.552   -5.586  -2.899  0.41 31.31  ? 112 VAL A CA  1 
ATOM   947  C  CA  B VAL A 1 113 ? 1.439   -5.590  -2.846  0.10 30.30  ? 112 VAL A CA  1 
ATOM   948  C  C   A VAL A 1 113 ? 2.478   -6.310  -1.923  0.41 30.80  ? 112 VAL A C   1 
ATOM   949  C  C   B VAL A 1 113 ? 2.453   -6.356  -1.991  0.10 30.18  ? 112 VAL A C   1 
ATOM   950  O  O   A VAL A 1 113 ? 3.665   -5.965  -1.895  0.41 31.78  ? 112 VAL A O   1 
ATOM   951  O  O   B VAL A 1 113 ? 3.660   -6.085  -2.119  0.10 30.40  ? 112 VAL A O   1 
ATOM   952  C  CB  A VAL A 1 113 ? 1.721   -6.157  -4.319  0.41 32.73  ? 112 VAL A CB  1 
ATOM   953  C  CB  B VAL A 1 113 ? 1.298   -6.190  -4.260  0.10 30.61  ? 112 VAL A CB  1 
ATOM   954  C  CG1 A VAL A 1 113 ? 1.477   -7.657  -4.329  0.41 34.03  ? 112 VAL A CG1 1 
ATOM   955  C  CG1 B VAL A 1 113 ? 0.087   -5.628  -4.991  0.10 30.47  ? 112 VAL A CG1 1 
ATOM   956  C  CG2 A VAL A 1 113 ? 0.834   -5.443  -5.328  0.41 32.66  ? 112 VAL A CG2 1 
ATOM   957  C  CG2 B VAL A 1 113 ? 2.556   -6.004  -5.088  0.10 31.12  ? 112 VAL A CG2 1 
ATOM   958  N  N   . TYR A 1 114 ? 1.953   -7.265  -1.150  1.00 29.71  ? 113 TYR A N   1 
ATOM   959  C  CA  . TYR A 1 114 ? 2.746   -7.999  -0.145  1.00 30.87  ? 113 TYR A CA  1 
ATOM   960  C  C   . TYR A 1 114 ? 2.728   -9.493  -0.458  1.00 34.47  ? 113 TYR A C   1 
ATOM   961  O  O   . TYR A 1 114 ? 1.681   -10.021 -0.921  1.00 37.41  ? 113 TYR A O   1 
ATOM   962  C  CB  . TYR A 1 114 ? 2.289   -7.719  1.287   1.00 30.31  ? 113 TYR A CB  1 
ATOM   963  C  CG  . TYR A 1 114 ? 0.897   -8.155  1.664   1.00 33.35  ? 113 TYR A CG  1 
ATOM   964  C  CD1 . TYR A 1 114 ? -0.182  -7.304  1.544   1.00 30.30  ? 113 TYR A CD1 1 
ATOM   965  C  CD2 . TYR A 1 114 ? 0.675   -9.411  2.222   1.00 31.60  ? 113 TYR A CD2 1 
ATOM   966  C  CE1 . TYR A 1 114 ? -1.462  -7.691  1.918   1.00 32.10  ? 113 TYR A CE1 1 
ATOM   967  C  CE2 . TYR A 1 114 ? -0.593  -9.809  2.616   1.00 31.71  ? 113 TYR A CE2 1 
ATOM   968  C  CZ  . TYR A 1 114 ? -1.664  -8.964  2.443   1.00 32.43  ? 113 TYR A CZ  1 
ATOM   969  O  OH  . TYR A 1 114 ? -2.877  -9.376  2.869   1.00 35.56  ? 113 TYR A OH  1 
ATOM   970  N  N   . ALA A 1 115 ? 3.844   -10.129 -0.116  1.00 35.21  ? 114 ALA A N   1 
ATOM   971  C  CA  . ALA A 1 115 ? 4.070   -11.592 -0.233  1.00 40.07  ? 114 ALA A CA  1 
ATOM   972  C  C   . ALA A 1 115 ? 5.030   -12.082 0.867   1.00 40.12  ? 114 ALA A C   1 
ATOM   973  O  O   . ALA A 1 115 ? 5.715   -11.244 1.497   1.00 39.90  ? 114 ALA A O   1 
ATOM   974  C  CB  . ALA A 1 115 ? 4.636   -11.873 -1.602  1.00 39.59  ? 114 ALA A CB  1 
ATOM   975  N  N   . SER A 1 116 ? 5.115   -13.407 1.065   1.00 44.49  ? 115 SER A N   1 
ATOM   976  C  CA  . SER A 1 116 ? 6.045   -14.057 2.035   1.00 50.40  ? 115 SER A CA  1 
ATOM   977  C  C   . SER A 1 116 ? 7.363   -14.422 1.346   1.00 55.63  ? 115 SER A C   1 
ATOM   978  O  O   . SER A 1 116 ? 8.345   -14.674 2.080   1.00 56.79  ? 115 SER A O   1 
ATOM   979  C  CB  . SER A 1 116 ? 5.420   -15.249 2.740   1.00 47.56  ? 115 SER A CB  1 
ATOM   980  O  OG  . SER A 1 116 ? 4.694   -16.061 1.847   1.00 51.33  ? 115 SER A OG  1 
ATOM   981  N  N   . GLN A 1 117 ? 7.384   -14.420 0.003   1.00 53.45  ? 116 GLN A N   1 
ATOM   982  C  CA  . GLN A 1 117 ? 8.613   -14.593 -0.817  1.00 57.80  ? 116 GLN A CA  1 
ATOM   983  C  C   . GLN A 1 117 ? 8.994   -13.235 -1.427  1.00 60.58  ? 116 GLN A C   1 
ATOM   984  O  O   . GLN A 1 117 ? 8.073   -12.477 -1.840  1.00 58.03  ? 116 GLN A O   1 
ATOM   985  C  CB  . GLN A 1 117 ? 8.397   -15.634 -1.918  1.00 48.33  ? 116 GLN A CB  1 
ATOM   986  N  N   . GLU A 1 118 ? 10.297  -12.952 -1.508  1.00 66.10  ? 117 GLU A N   1 
ATOM   987  C  CA  . GLU A 1 118 ? 10.878  -11.847 -2.323  1.00 74.76  ? 117 GLU A CA  1 
ATOM   988  C  C   . GLU A 1 118 ? 10.539  -12.055 -3.807  1.00 81.79  ? 117 GLU A C   1 
ATOM   989  O  O   . GLU A 1 118 ? 10.337  -11.047 -4.513  1.00 83.07  ? 117 GLU A O   1 
ATOM   990  C  CB  . GLU A 1 118 ? 12.396  -11.808 -2.150  1.00 80.73  ? 117 GLU A CB  1 
ATOM   991  C  CG  . GLU A 1 118 ? 12.960  -10.402 -2.051  1.00 87.65  ? 117 GLU A CG  1 
ATOM   992  C  CD  . GLU A 1 118 ? 14.127  -10.271 -1.087  1.00 97.14  ? 117 GLU A CD  1 
ATOM   993  O  OE1 . GLU A 1 118 ? 14.260  -11.134 -0.192  1.00 100.01 ? 117 GLU A OE1 1 
ATOM   994  O  OE2 . GLU A 1 118 ? 14.896  -9.302  -1.232  1.00 108.22 ? 117 GLU A OE2 1 
ATOM   995  N  N   . THR A 1 119 ? 10.521  -13.315 -4.258  1.00 88.62  ? 118 THR A N   1 
ATOM   996  C  CA  . THR A 1 119 ? 10.089  -13.751 -5.614  1.00 96.60  ? 118 THR A CA  1 
ATOM   997  C  C   . THR A 1 119 ? 8.557   -13.639 -5.723  1.00 100.62 ? 118 THR A C   1 
ATOM   998  O  O   . THR A 1 119 ? 7.861   -14.597 -5.313  1.00 109.53 ? 118 THR A O   1 
ATOM   999  C  CB  . THR A 1 119 ? 10.590  -15.173 -5.909  1.00 81.97  ? 118 THR A CB  1 
ATOM   1000 N  N   . PHE A 1 120 ? 8.058   -12.507 -6.239  1.00 99.40  ? 119 PHE A N   1 
ATOM   1001 C  CA  . PHE A 1 120 ? 6.627   -12.272 -6.573  1.00 95.89  ? 119 PHE A CA  1 
ATOM   1002 C  C   . PHE A 1 120 ? 6.348   -12.882 -7.951  1.00 95.88  ? 119 PHE A C   1 
ATOM   1003 O  O   . PHE A 1 120 ? 5.659   -12.294 -8.785  1.00 94.48  ? 119 PHE A O   1 
ATOM   1004 C  CB  . PHE A 1 120 ? 6.281   -10.779 -6.550  1.00 94.95  ? 119 PHE A CB  1 
ATOM   1005 C  CG  . PHE A 1 120 ? 6.281   -10.137 -5.183  1.00 100.20 ? 119 PHE A CG  1 
ATOM   1006 C  CD1 . PHE A 1 120 ? 7.475   -9.888  -4.515  1.00 97.56  ? 119 PHE A CD1 1 
ATOM   1007 C  CD2 . PHE A 1 120 ? 5.092   -9.749  -4.571  1.00 95.64  ? 119 PHE A CD2 1 
ATOM   1008 C  CE1 . PHE A 1 120 ? 7.483   -9.283  -3.264  1.00 88.60  ? 119 PHE A CE1 1 
ATOM   1009 C  CE2 . PHE A 1 120 ? 5.100   -9.142  -3.319  1.00 86.59  ? 119 PHE A CE2 1 
ATOM   1010 C  CZ  . PHE A 1 120 ? 6.294   -8.914  -2.667  1.00 89.29  ? 119 PHE A CZ  1 
HETATM 1011 N  N1  . LJA B 2 .   ? -9.348  18.892  -11.364 0.98 50.57  ? 201 LJA A N1  1 
HETATM 1012 N  N3  . LJA B 2 .   ? -9.758  17.763  -4.339  0.98 35.27  ? 201 LJA A N3  1 
HETATM 1013 C  C4  . LJA B 2 .   ? -7.314  18.478  -10.215 0.98 46.27  ? 201 LJA A C4  1 
HETATM 1014 C  C5  . LJA B 2 .   ? -6.570  18.266  -9.067  0.98 44.93  ? 201 LJA A C5  1 
HETATM 1015 C  C6  . LJA B 2 .   ? -7.181  18.248  -7.827  0.98 42.77  ? 201 LJA A C6  1 
HETATM 1016 C  C7  . LJA B 2 .   ? -8.562  18.432  -7.732  0.98 41.67  ? 201 LJA A C7  1 
HETATM 1017 C  C8  . LJA B 2 .   ? -9.321  18.645  -8.883  0.98 41.69  ? 201 LJA A C8  1 
HETATM 1018 C  C1  . LJA B 2 .   ? -11.043 19.100  -13.075 0.98 51.04  ? 201 LJA A C1  1 
HETATM 1019 C  C2  . LJA B 2 .   ? -10.667 19.069  -11.619 0.98 53.06  ? 201 LJA A C2  1 
HETATM 1020 C  C3  . LJA B 2 .   ? -8.692  18.672  -10.128 0.98 45.95  ? 201 LJA A C3  1 
HETATM 1021 C  C9  . LJA B 2 .   ? -8.860  17.728  -5.349  0.98 36.91  ? 201 LJA A C9  1 
HETATM 1022 N  N2  . LJA B 2 .   ? -9.192  18.428  -6.474  0.98 39.01  ? 201 LJA A N2  1 
HETATM 1023 O  O1  . LJA B 2 .   ? -11.513 19.194  -10.745 0.98 56.94  ? 201 LJA A O1  1 
HETATM 1024 O  O2  . LJA B 2 .   ? -7.801  17.096  -5.238  0.98 35.55  ? 201 LJA A O2  1 
HETATM 1025 C  C1  . EDO C 3 .   ? 14.619  -0.845  -6.396  1.00 79.79  ? 202 EDO A C1  1 
HETATM 1026 O  O1  . EDO C 3 .   ? 13.672  -1.421  -7.305  1.00 80.78  ? 202 EDO A O1  1 
HETATM 1027 C  C2  . EDO C 3 .   ? 15.701  -1.752  -5.881  1.00 72.93  ? 202 EDO A C2  1 
HETATM 1028 O  O2  . EDO C 3 .   ? 16.991  -1.520  -6.455  1.00 52.80  ? 202 EDO A O2  1 
HETATM 1029 C  C1  . EDO D 3 .   ? -3.609  3.072   8.490   1.00 57.91  ? 203 EDO A C1  1 
HETATM 1030 O  O1  . EDO D 3 .   ? -2.645  4.055   8.732   1.00 54.91  ? 203 EDO A O1  1 
HETATM 1031 C  C2  . EDO D 3 .   ? -4.858  3.337   9.235   1.00 55.34  ? 203 EDO A C2  1 
HETATM 1032 O  O2  . EDO D 3 .   ? -5.981  3.275   8.379   1.00 55.23  ? 203 EDO A O2  1 
HETATM 1033 C  C1  . EDO E 3 .   ? -2.471  3.085   -14.780 1.00 60.88  ? 204 EDO A C1  1 
HETATM 1034 O  O1  . EDO E 3 .   ? -2.795  1.699   -14.741 1.00 61.84  ? 204 EDO A O1  1 
HETATM 1035 C  C2  . EDO E 3 .   ? -3.584  4.000   -14.386 1.00 59.46  ? 204 EDO A C2  1 
HETATM 1036 O  O2  . EDO E 3 .   ? -4.226  3.618   -13.182 1.00 55.36  ? 204 EDO A O2  1 
HETATM 1037 C  C1  . EDO F 3 .   ? 9.328   -5.789  14.628  1.00 50.98  ? 205 EDO A C1  1 
HETATM 1038 O  O1  . EDO F 3 .   ? 9.878   -4.545  15.093  1.00 45.97  ? 205 EDO A O1  1 
HETATM 1039 C  C2  . EDO F 3 .   ? 7.954   -5.656  14.109  1.00 49.53  ? 205 EDO A C2  1 
HETATM 1040 O  O2  . EDO F 3 .   ? 7.828   -5.694  12.715  1.00 46.43  ? 205 EDO A O2  1 
HETATM 1041 C  C1  . EDO G 3 .   ? 11.630  -2.763  8.897   1.00 60.38  ? 206 EDO A C1  1 
HETATM 1042 O  O1  . EDO G 3 .   ? 11.735  -2.614  7.488   1.00 59.49  ? 206 EDO A O1  1 
HETATM 1043 C  C2  . EDO G 3 .   ? 10.228  -2.676  9.435   1.00 43.99  ? 206 EDO A C2  1 
HETATM 1044 O  O2  . EDO G 3 .   ? 9.822   -3.882  10.087  1.00 68.99  ? 206 EDO A O2  1 
HETATM 1045 C  C1  . EDO H 3 .   ? -2.702  -8.401  -7.330  1.00 85.76  ? 207 EDO A C1  1 
HETATM 1046 O  O1  . EDO H 3 .   ? -2.587  -7.003  -7.145  1.00 88.63  ? 207 EDO A O1  1 
HETATM 1047 C  C2  . EDO H 3 .   ? -1.543  -9.146  -6.772  1.00 87.55  ? 207 EDO A C2  1 
HETATM 1048 O  O2  . EDO H 3 .   ? -0.714  -9.800  -7.737  1.00 78.52  ? 207 EDO A O2  1 
HETATM 1049 C  C1  . EDO I 3 .   ? -12.236 4.594   -4.847  1.00 70.68  ? 208 EDO A C1  1 
HETATM 1050 O  O1  . EDO I 3 .   ? -12.882 5.547   -5.662  1.00 63.03  ? 208 EDO A O1  1 
HETATM 1051 C  C2  . EDO I 3 .   ? -13.190 3.860   -3.963  1.00 74.43  ? 208 EDO A C2  1 
HETATM 1052 O  O2  . EDO I 3 .   ? -12.601 3.155   -2.892  1.00 75.69  ? 208 EDO A O2  1 
HETATM 1053 C  C1  . EDO J 3 .   ? 1.045   -2.788  -13.227 1.00 72.76  ? 209 EDO A C1  1 
HETATM 1054 O  O1  . EDO J 3 .   ? -0.269  -3.271  -13.037 1.00 69.58  ? 209 EDO A O1  1 
HETATM 1055 C  C2  . EDO J 3 .   ? 2.027   -3.304  -12.235 1.00 71.99  ? 209 EDO A C2  1 
HETATM 1056 O  O2  . EDO J 3 .   ? 3.343   -2.770  -12.382 1.00 63.29  ? 209 EDO A O2  1 
HETATM 1057 C  C1  . EDO K 3 .   ? 10.425  3.593   -2.841  1.00 71.12  ? 210 EDO A C1  1 
HETATM 1058 O  O1  . EDO K 3 .   ? 9.874   2.618   -3.722  1.00 65.14  ? 210 EDO A O1  1 
HETATM 1059 C  C2  . EDO K 3 .   ? 10.326  3.206   -1.396  1.00 74.87  ? 210 EDO A C2  1 
HETATM 1060 O  O2  . EDO K 3 .   ? 11.359  3.697   -0.535  1.00 62.44  ? 210 EDO A O2  1 
HETATM 1061 CL CL  . CL  L 4 .   ? -5.904  15.051  7.631   1.00 33.68  ? 211 CL  A CL  1 
HETATM 1062 O  O   . HOH M 5 .   ? -6.062  -4.847  -11.261 1.00 72.49  ? 301 HOH A O   1 
HETATM 1063 O  O   . HOH M 5 .   ? 6.416   10.917  4.768   1.00 136.61 ? 302 HOH A O   1 
HETATM 1064 O  O   . HOH M 5 .   ? -7.229  3.976   6.880   1.00 38.33  ? 303 HOH A O   1 
HETATM 1065 O  O   . HOH M 5 .   ? -8.093  -5.885  -3.481  1.00 47.68  ? 304 HOH A O   1 
HETATM 1066 O  O   . HOH M 5 .   ? 13.212  10.852  -0.898  1.00 58.45  ? 305 HOH A O   1 
HETATM 1067 O  O   . HOH M 5 .   ? 13.971  -7.254  -0.637  1.00 64.25  ? 306 HOH A O   1 
HETATM 1068 O  O   . HOH M 5 .   ? 3.544   -0.534  -11.397 1.00 38.49  ? 307 HOH A O   1 
HETATM 1069 O  O   . HOH M 5 .   ? 10.357  -3.846  -1.033  1.00 46.65  ? 308 HOH A O   1 
HETATM 1070 O  O   . HOH M 5 .   ? -3.735  -13.115 -3.053  1.00 59.08  ? 309 HOH A O   1 
HETATM 1071 O  O   . HOH M 5 .   ? -12.202 -1.413  -1.924  1.00 63.06  ? 310 HOH A O   1 
HETATM 1072 O  O   . HOH M 5 .   ? -2.779  -11.125 18.607  1.00 44.41  ? 311 HOH A O   1 
HETATM 1073 O  O   . HOH M 5 .   ? 18.654  0.530   1.023   1.00 43.99  ? 312 HOH A O   1 
HETATM 1074 O  O   . HOH M 5 .   ? -6.284  -5.576  0.770   1.00 35.49  ? 313 HOH A O   1 
HETATM 1075 O  O   . HOH M 5 .   ? 9.969   12.117  -3.959  1.00 49.07  ? 314 HOH A O   1 
HETATM 1076 O  O   . HOH M 5 .   ? -3.055  -15.525 -3.283  1.00 69.05  ? 315 HOH A O   1 
HETATM 1077 O  O   . HOH M 5 .   ? -13.562 -0.642  -3.877  1.00 59.21  ? 316 HOH A O   1 
HETATM 1078 O  O   . HOH M 5 .   ? -10.579 2.896   3.943   1.00 56.67  ? 317 HOH A O   1 
HETATM 1079 O  O   . HOH M 5 .   ? 12.133  -5.414  13.928  1.00 63.55  ? 318 HOH A O   1 
HETATM 1080 O  O   . HOH M 5 .   ? 1.704   15.158  8.845   1.00 44.59  ? 319 HOH A O   1 
HETATM 1081 O  O   . HOH M 5 .   ? 1.304   2.228   -9.483  1.00 33.50  ? 320 HOH A O   1 
HETATM 1082 O  O   . HOH M 5 .   ? -3.201  15.650  0.433   1.00 25.71  ? 321 HOH A O   1 
HETATM 1083 O  O   . HOH M 5 .   ? -4.894  13.390  1.135   1.00 28.00  ? 322 HOH A O   1 
HETATM 1084 O  O   . HOH M 5 .   ? 14.831  -1.917  0.863   1.00 62.37  ? 323 HOH A O   1 
HETATM 1085 O  O   . HOH M 5 .   ? -11.328 -4.605  0.838   1.00 47.20  ? 324 HOH A O   1 
HETATM 1086 O  O   . HOH M 5 .   ? 3.871   2.063   -12.643 1.00 39.10  ? 325 HOH A O   1 
HETATM 1087 O  O   . HOH M 5 .   ? 5.144   -5.726  -10.406 1.00 46.64  ? 326 HOH A O   1 
HETATM 1088 O  O   . HOH M 5 .   ? 4.736   10.946  -10.452 1.00 54.46  ? 327 HOH A O   1 
HETATM 1089 O  O   . HOH M 5 .   ? 14.115  -6.743  -2.837  1.00 72.42  ? 328 HOH A O   1 
HETATM 1090 O  O   . HOH M 5 .   ? 4.990   8.338   -10.070 1.00 39.97  ? 329 HOH A O   1 
HETATM 1091 O  O   . HOH M 5 .   ? 4.759   15.485  7.055   1.00 34.70  ? 330 HOH A O   1 
HETATM 1092 O  O   . HOH M 5 .   ? -1.744  -1.710  12.211  1.00 26.77  ? 331 HOH A O   1 
HETATM 1093 O  O   . HOH M 5 .   ? -1.027  -1.078  -10.978 1.00 43.27  ? 332 HOH A O   1 
HETATM 1094 O  O   . HOH M 5 .   ? -6.833  -9.684  8.204   1.00 43.72  ? 333 HOH A O   1 
HETATM 1095 O  O   . HOH M 5 .   ? -15.655 6.775   -17.152 1.00 73.45  ? 334 HOH A O   1 
HETATM 1096 O  O   . HOH M 5 .   ? -7.594  12.749  8.670   1.00 34.52  ? 335 HOH A O   1 
HETATM 1097 O  O   . HOH M 5 .   ? 6.383   4.797   -12.125 1.00 37.30  ? 336 HOH A O   1 
HETATM 1098 O  O   . HOH M 5 .   ? -6.194  11.873  -8.496  1.00 40.56  ? 337 HOH A O   1 
HETATM 1099 O  O   . HOH M 5 .   ? 5.204   -5.037  13.460  1.00 37.79  ? 338 HOH A O   1 
HETATM 1100 O  O   . HOH M 5 .   ? -1.976  -2.831  -5.112  1.00 32.58  ? 339 HOH A O   1 
HETATM 1101 O  O   . HOH M 5 .   ? 9.580   -6.061  4.153   1.00 60.94  ? 340 HOH A O   1 
HETATM 1102 O  O   . HOH M 5 .   ? -6.123  -7.392  8.497   1.00 35.38  ? 341 HOH A O   1 
HETATM 1103 O  O   . HOH M 5 .   ? 0.560   -13.817 15.612  1.00 53.69  ? 342 HOH A O   1 
HETATM 1104 O  O   . HOH M 5 .   ? 3.373   13.988  -0.665  1.00 26.99  ? 343 HOH A O   1 
HETATM 1105 O  O   . HOH M 5 .   ? -3.055  13.055  -2.944  1.00 31.05  ? 344 HOH A O   1 
HETATM 1106 O  O   . HOH M 5 .   ? -6.064  19.305  -0.250  1.00 28.80  ? 345 HOH A O   1 
HETATM 1107 O  O   . HOH M 5 .   ? -6.781  -14.555 4.953   1.00 46.58  ? 346 HOH A O   1 
HETATM 1108 O  O   . HOH M 5 .   ? 12.381  -14.286 -0.052  1.00 71.42  ? 347 HOH A O   1 
HETATM 1109 O  O   . HOH M 5 .   ? 3.111   -2.569  -5.908  1.00 32.13  ? 348 HOH A O   1 
HETATM 1110 O  O   . HOH M 5 .   ? -6.602  14.557  -9.170  1.00 40.54  ? 349 HOH A O   1 
HETATM 1111 O  O   . HOH M 5 .   ? 1.730   3.377   -7.045  1.00 30.19  ? 350 HOH A O   1 
HETATM 1112 O  O   . HOH M 5 .   ? 6.479   -16.587 -1.696  1.00 60.87  ? 351 HOH A O   1 
HETATM 1113 O  O   . HOH M 5 .   ? -5.297  -2.695  -8.057  1.00 35.90  ? 352 HOH A O   1 
HETATM 1114 O  O   . HOH M 5 .   ? 3.348   5.769   -11.764 1.00 50.64  ? 353 HOH A O   1 
HETATM 1115 O  O   . HOH M 5 .   ? -5.682  -8.499  -1.621  1.00 48.54  ? 354 HOH A O   1 
HETATM 1116 O  O   . HOH M 5 .   ? -1.118  12.676  9.164   1.00 35.97  ? 355 HOH A O   1 
HETATM 1117 O  O   . HOH M 5 .   ? 9.155   -6.197  -9.404  1.00 46.11  ? 356 HOH A O   1 
HETATM 1118 O  O   . HOH M 5 .   ? 2.013   -8.552  15.224  1.00 37.79  ? 357 HOH A O   1 
HETATM 1119 O  O   . HOH M 5 .   ? 8.786   -7.832  7.361   1.00 41.91  ? 358 HOH A O   1 
HETATM 1120 O  O   . HOH M 5 .   ? 5.063   -15.572 5.945   1.00 55.51  ? 359 HOH A O   1 
HETATM 1121 O  O   . HOH M 5 .   ? 10.591  -10.500 6.020   1.00 53.13  ? 360 HOH A O   1 
HETATM 1122 O  O   . HOH M 5 .   ? 0.428   0.425   -12.188 1.00 108.11 ? 361 HOH A O   1 
HETATM 1123 O  O   . HOH M 5 .   ? 8.164   6.655   10.823  1.00 33.18  ? 362 HOH A O   1 
HETATM 1124 O  O   . HOH M 5 .   ? -5.457  -8.172  1.161   1.00 39.67  ? 363 HOH A O   1 
HETATM 1125 O  O   . HOH M 5 .   ? 16.479  -11.580 -2.465  1.00 67.37  ? 364 HOH A O   1 
HETATM 1126 O  O   . HOH M 5 .   ? 1.171   13.368  9.139   1.00 44.99  ? 365 HOH A O   1 
HETATM 1127 O  O   . HOH M 5 .   ? 0.921   5.224   -13.316 1.00 42.51  ? 366 HOH A O   1 
HETATM 1128 O  O   . HOH M 5 .   ? 9.780   -5.335  2.084   1.00 46.08  ? 367 HOH A O   1 
HETATM 1129 O  O   . HOH M 5 .   ? -11.156 -0.673  1.312   1.00 32.11  ? 368 HOH A O   1 
HETATM 1130 O  O   . HOH M 5 .   ? 18.456  1.764   3.290   1.00 59.72  ? 369 HOH A O   1 
HETATM 1131 O  O   . HOH M 5 .   ? -19.533 3.873   -4.883  1.00 86.03  ? 370 HOH A O   1 
HETATM 1132 O  O   . HOH M 5 .   ? 9.794   14.204  -3.009  1.00 60.23  ? 371 HOH A O   1 
HETATM 1133 O  O   . HOH M 5 .   ? 10.170  1.767   12.054  1.00 37.91  ? 372 HOH A O   1 
HETATM 1134 O  O   . HOH M 5 .   ? 7.063   -17.158 6.292   1.00 60.98  ? 373 HOH A O   1 
HETATM 1135 O  O   . HOH M 5 .   ? -5.280  12.021  -1.500  1.00 29.23  ? 374 HOH A O   1 
HETATM 1136 O  O   . HOH M 5 .   ? -18.064 6.817   -4.795  1.00 70.39  ? 375 HOH A O   1 
HETATM 1137 O  O   . HOH M 5 .   ? 3.333   -18.237 -1.018  1.00 52.20  ? 376 HOH A O   1 
HETATM 1138 O  O   . HOH M 5 .   ? -9.708  17.811  7.764   1.00 48.01  ? 377 HOH A O   1 
HETATM 1139 O  O   . HOH M 5 .   ? -2.812  16.091  11.029  1.00 64.26  ? 378 HOH A O   1 
HETATM 1140 O  O   . HOH M 5 .   ? -10.385 -7.165  1.748   1.00 62.19  ? 379 HOH A O   1 
HETATM 1141 O  O   . HOH M 5 .   ? -18.486 12.366  1.923   1.00 52.40  ? 380 HOH A O   1 
HETATM 1142 O  O   . HOH M 5 .   ? 2.390   -4.826  -9.723  1.00 57.05  ? 381 HOH A O   1 
HETATM 1143 O  O   . HOH M 5 .   ? 14.886  3.371   8.101   1.00 75.06  ? 382 HOH A O   1 
HETATM 1144 O  O   . HOH M 5 .   ? -12.382 -2.558  0.518   1.00 90.15  ? 383 HOH A O   1 
HETATM 1145 O  O   . HOH M 5 .   ? 1.313   -2.761  -7.912  1.00 37.46  ? 384 HOH A O   1 
HETATM 1146 O  O   . HOH M 5 .   ? -0.028  8.672   13.121  1.00 53.24  ? 385 HOH A O   1 
HETATM 1147 O  O   . HOH M 5 .   ? -1.045  -3.388  -7.476  1.00 38.20  ? 386 HOH A O   1 
HETATM 1148 O  O   . HOH M 5 .   ? -12.135 1.286   3.158   1.00 54.16  ? 387 HOH A O   1 
HETATM 1149 O  O   . HOH M 5 .   ? -6.268  13.069  -13.134 1.00 49.76  ? 388 HOH A O   1 
HETATM 1150 O  O   . HOH M 5 .   ? -17.802 4.750   -2.654  1.00 68.32  ? 389 HOH A O   1 
HETATM 1151 O  O   . HOH M 5 .   ? 1.118   -0.496  -9.645  1.00 41.45  ? 390 HOH A O   1 
HETATM 1152 O  O   . HOH M 5 .   ? -10.446 5.428   3.936   1.00 69.73  ? 391 HOH A O   1 
HETATM 1153 O  O   . HOH M 5 .   ? -3.006  -2.494  -9.482  1.00 44.11  ? 392 HOH A O   1 
# 
